data_7TNJ
#
_entry.id   7TNJ
#
_cell.length_a   1.00
_cell.length_b   1.00
_cell.length_c   1.00
_cell.angle_alpha   90.00
_cell.angle_beta   90.00
_cell.angle_gamma   90.00
#
_symmetry.space_group_name_H-M   'P 1'
#
loop_
_entity.id
_entity.type
_entity.pdbx_description
1 polymer 'Isoform Flip of Glutamate receptor 2,Voltage-dependent calcium channel gamma-3 subunit chimera'
2 non-polymer CYCLOTHIAZIDE
#
_entity_poly.entity_id   1
_entity_poly.type   'polypeptide(L)'
_entity_poly.pdbx_seq_one_letter_code
;NSIQIGGLFPRGADQEYSAFRVGMVQFSTSEFRLTPHIDNLEVANSFAVTNAFCSQFSRGVYAIFGFYDKKSVNTITSFC
GTLHVSFITPSFPTDGTHPFVIQMRPDLKGALLSLIEYYQWDKFAYLYDSDRGLSTLQAVLDSAAEKKWQVTAINVGNIN
NDKKDETYRSLFQDLELKKERRVILDCERDKVNDIVDQVITIGKHVKGYHYIIANLGFTDGDLLKIQFGGAEVSGFQIVD
YDDSLVSKFIERWSTLEEKEYPGAHTATIKYTSALTYDAVQVMTEAFRNLRKQRIEISRRGNAGDCLANPAVPWGQGVEI
ERALKQVQVEGLSGNIKFDQNGKRINYTINIMELKTNGPRKIGYWSEVDKMVLTEDDTSGLEQKTVVVTTILESPYVMMK
KNHEMLEGNERYEGYCVDLAAEIAKHCGFKYKLTIVGDGKYGARDADTKIWNGMVGELVYGKADIAIAPLTITLVREEVI
DFSKPFMSLGISIMIKKPQKSKPGVFSFLDPLAYEIWMCIVFAYIGVSVVLFLVSRFSPYEWHTEEFEDGRETQSSESTN
EFGIFNSLWFSLGAFMQQGCDISPRSLSGRIVGGVWWFFTLIIISSYTANLAAFLTVERMVSPIESAEDLSKQTEIAYGT
LDSGSTKEFFRRSKIAVFDKMWTYMRSAEPSVFVRTTAEGVARVRKSKGKYAYLLESTMNEYIEQRKPCDTMKVGGNLDS
KGYGIATPKGSSLGTPVNLAVLKLSEQGVLDKLKNKWWYDKGECGAKDSGSKEKTSALSLSNVAGVFYILVGGLGLAMLV
ALIEFCYKSRAEAKRMKGTGLFDRGVQMLLTTVGAFAAFSLMTIAVGTDYWLYSRGVCKTKSVSEDETSKKNEEVMTHSG
LWRTCCLEGNFKGLCKQIDHFPEDADYEADTAEYFLRAVRASSIFPILSVILLFMGGLCIAASEFYKTRHNIILSAGIFF
VSAGLSNIIGIIVYISANAGDPSKSDSKKNSYSYGWSFYFGALSFIIAEMVGVLAVHMFIDRHKQLTGGLVPR
;
_entity_poly.pdbx_strand_id   A,B,C,D
#
# COMPACT_ATOMS: atom_id res chain seq x y z
N THR A 385 -46.36 52.85 3.66
CA THR A 385 -45.30 52.11 2.99
C THR A 385 -44.98 50.81 3.71
N VAL A 386 -43.80 50.25 3.44
CA VAL A 386 -43.39 48.95 3.96
C VAL A 386 -42.02 49.10 4.61
N VAL A 387 -41.89 48.56 5.83
CA VAL A 387 -40.64 48.57 6.58
C VAL A 387 -39.98 47.20 6.41
N VAL A 388 -38.71 47.20 6.04
CA VAL A 388 -37.95 45.96 5.84
C VAL A 388 -36.95 45.81 6.98
N THR A 389 -36.94 44.64 7.61
CA THR A 389 -36.10 44.39 8.77
C THR A 389 -35.05 43.33 8.46
N THR A 390 -33.79 43.63 8.77
CA THR A 390 -32.70 42.71 8.45
C THR A 390 -31.56 42.88 9.44
N ILE A 391 -30.60 41.96 9.35
CA ILE A 391 -29.40 41.97 10.17
C ILE A 391 -28.24 42.48 9.32
N LEU A 392 -27.21 43.02 9.97
CA LEU A 392 -26.08 43.64 9.28
C LEU A 392 -24.95 42.65 9.05
N GLU A 393 -25.29 41.49 8.52
CA GLU A 393 -24.30 40.44 8.36
C GLU A 393 -23.93 40.28 6.90
N SER A 394 -22.64 40.08 6.65
CA SER A 394 -22.15 39.84 5.30
C SER A 394 -22.53 38.43 4.85
N PRO A 395 -22.76 38.24 3.54
CA PRO A 395 -22.89 39.22 2.47
C PRO A 395 -24.33 39.56 2.18
N TYR A 396 -25.21 39.25 3.13
CA TYR A 396 -26.65 39.36 2.90
C TYR A 396 -27.09 40.81 2.91
N VAL A 397 -26.71 41.55 3.95
CA VAL A 397 -26.91 43.00 4.02
C VAL A 397 -25.64 43.60 4.57
N MET A 398 -25.02 44.51 3.81
CA MET A 398 -23.83 45.21 4.25
C MET A 398 -24.04 46.70 4.00
N MET A 399 -23.04 47.49 4.37
CA MET A 399 -23.03 48.91 4.06
C MET A 399 -21.69 49.25 3.43
N LYS A 400 -21.72 50.18 2.49
CA LYS A 400 -20.50 50.64 1.85
C LYS A 400 -19.71 51.54 2.81
N LYS A 401 -18.46 51.80 2.44
CA LYS A 401 -17.57 52.56 3.32
C LYS A 401 -17.96 54.04 3.38
N ASN A 402 -18.67 54.52 2.35
CA ASN A 402 -19.17 55.89 2.33
C ASN A 402 -20.62 55.92 2.80
N HIS A 403 -20.90 55.26 3.93
CA HIS A 403 -22.28 55.11 4.36
C HIS A 403 -22.81 56.38 5.01
N GLU A 404 -21.91 57.18 5.57
CA GLU A 404 -22.33 58.48 6.11
C GLU A 404 -22.59 59.48 5.00
N MET A 405 -21.94 59.27 3.84
CA MET A 405 -22.17 60.16 2.71
C MET A 405 -23.55 59.94 2.09
N LEU A 406 -24.05 58.70 2.17
CA LEU A 406 -25.33 58.36 1.57
C LEU A 406 -26.45 58.44 2.60
N GLU A 407 -27.68 58.26 2.12
CA GLU A 407 -28.87 58.54 2.91
C GLU A 407 -29.95 57.51 2.62
N GLY A 408 -30.26 56.68 3.60
CA GLY A 408 -31.43 55.82 3.48
C GLY A 408 -31.13 54.47 2.86
N ASN A 409 -31.98 54.06 1.92
CA ASN A 409 -31.88 52.72 1.34
C ASN A 409 -30.67 52.59 0.42
N GLU A 410 -30.15 53.72 -0.07
CA GLU A 410 -29.01 53.67 -0.98
C GLU A 410 -27.72 53.34 -0.24
N ARG A 411 -27.73 53.47 1.09
CA ARG A 411 -26.55 53.16 1.89
C ARG A 411 -26.22 51.67 1.84
N TYR A 412 -27.25 50.83 1.79
CA TYR A 412 -27.08 49.40 1.99
C TYR A 412 -26.87 48.68 0.68
N GLU A 413 -25.94 47.72 0.68
CA GLU A 413 -25.79 46.78 -0.41
C GLU A 413 -25.75 45.37 0.17
N GLY A 414 -26.21 44.40 -0.61
CA GLY A 414 -26.14 43.03 -0.15
C GLY A 414 -27.08 42.15 -0.93
N TYR A 415 -27.08 40.87 -0.54
CA TYR A 415 -27.91 39.88 -1.21
C TYR A 415 -29.39 40.11 -0.91
N CYS A 416 -29.71 40.38 0.35
CA CYS A 416 -31.10 40.63 0.71
C CYS A 416 -31.54 42.01 0.25
N VAL A 417 -30.59 42.92 0.03
CA VAL A 417 -30.92 44.25 -0.45
C VAL A 417 -31.46 44.20 -1.87
N ASP A 418 -30.79 43.46 -2.74
CA ASP A 418 -31.30 43.28 -4.10
C ASP A 418 -32.52 42.36 -4.11
N LEU A 419 -32.58 41.43 -3.16
CA LEU A 419 -33.76 40.56 -3.07
C LEU A 419 -34.98 41.35 -2.68
N ALA A 420 -34.81 42.36 -1.80
CA ALA A 420 -35.90 43.28 -1.51
C ALA A 420 -36.23 44.14 -2.72
N ALA A 421 -35.23 44.42 -3.55
CA ALA A 421 -35.47 45.24 -4.73
C ALA A 421 -36.24 44.46 -5.79
N GLU A 422 -35.98 43.15 -5.91
CA GLU A 422 -36.64 42.36 -6.94
C GLU A 422 -38.10 42.07 -6.57
N ILE A 423 -38.42 42.03 -5.28
CA ILE A 423 -39.79 41.76 -4.87
C ILE A 423 -40.67 42.99 -5.10
N ALA A 424 -40.15 44.17 -4.80
CA ALA A 424 -40.93 45.40 -4.97
C ALA A 424 -41.20 45.69 -6.44
N LYS A 425 -40.33 45.20 -7.33
CA LYS A 425 -40.60 45.30 -8.75
C LYS A 425 -41.74 44.37 -9.16
N HIS A 426 -41.88 43.23 -8.48
CA HIS A 426 -42.91 42.27 -8.81
C HIS A 426 -44.14 42.38 -7.92
N CYS A 427 -44.10 43.18 -6.86
CA CYS A 427 -45.26 43.39 -6.01
C CYS A 427 -45.75 44.83 -6.05
N GLY A 428 -44.86 45.81 -6.05
CA GLY A 428 -45.30 47.18 -6.10
C GLY A 428 -45.50 47.80 -4.73
N PHE A 429 -44.46 47.79 -3.90
CA PHE A 429 -44.51 48.44 -2.62
C PHE A 429 -43.25 49.26 -2.42
N LYS A 430 -43.32 50.23 -1.50
CA LYS A 430 -42.20 51.10 -1.18
C LYS A 430 -41.47 50.53 0.03
N TYR A 431 -40.28 49.99 -0.21
CA TYR A 431 -39.53 49.29 0.83
C TYR A 431 -38.57 50.27 1.49
N LYS A 432 -38.49 50.22 2.82
CA LYS A 432 -37.52 50.98 3.59
C LYS A 432 -36.71 50.00 4.42
N LEU A 433 -35.42 49.93 4.16
CA LEU A 433 -34.55 49.00 4.89
C LEU A 433 -34.32 49.53 6.30
N THR A 434 -34.33 48.62 7.27
CA THR A 434 -34.13 48.99 8.67
C THR A 434 -33.40 47.86 9.38
N ILE A 435 -32.22 48.15 9.92
CA ILE A 435 -31.54 47.20 10.78
C ILE A 435 -32.29 47.12 12.11
N VAL A 436 -32.43 45.89 12.62
CA VAL A 436 -33.04 45.68 13.93
C VAL A 436 -32.18 46.34 15.01
N GLY A 437 -32.83 47.06 15.91
CA GLY A 437 -32.11 47.77 16.96
C GLY A 437 -31.52 46.84 18.00
N ASP A 438 -32.12 45.66 18.16
CA ASP A 438 -31.55 44.66 19.06
C ASP A 438 -30.31 44.02 18.44
N GLY A 439 -30.37 43.72 17.15
CA GLY A 439 -29.23 43.12 16.49
C GLY A 439 -29.11 41.63 16.72
N LYS A 440 -30.24 40.93 16.78
CA LYS A 440 -30.25 39.49 17.00
C LYS A 440 -31.27 38.83 16.10
N TYR A 441 -31.05 37.54 15.86
CA TYR A 441 -32.05 36.73 15.19
C TYR A 441 -33.22 36.47 16.14
N GLY A 442 -34.40 36.28 15.56
CA GLY A 442 -35.59 36.08 16.36
C GLY A 442 -35.65 34.76 17.09
N ALA A 443 -35.94 34.82 18.39
CA ALA A 443 -36.11 33.65 19.23
C ALA A 443 -37.01 34.03 20.39
N ARG A 444 -37.29 33.04 21.24
CA ARG A 444 -38.12 33.26 22.42
C ARG A 444 -37.46 32.63 23.63
N ASP A 445 -37.29 33.42 24.68
CA ASP A 445 -36.82 32.94 25.97
C ASP A 445 -37.96 32.99 26.97
N ALA A 446 -38.25 31.86 27.61
CA ALA A 446 -39.41 31.73 28.47
C ALA A 446 -39.18 32.24 29.89
N ASP A 447 -38.09 32.98 30.14
CA ASP A 447 -37.91 33.62 31.42
C ASP A 447 -38.92 34.74 31.62
N THR A 448 -39.19 35.52 30.57
CA THR A 448 -40.27 36.49 30.56
C THR A 448 -41.26 36.23 29.42
N LYS A 449 -41.04 35.18 28.64
CA LYS A 449 -41.91 34.78 27.50
C LYS A 449 -42.01 35.88 26.46
N ILE A 450 -40.87 36.48 26.11
CA ILE A 450 -40.80 37.63 25.23
C ILE A 450 -39.96 37.26 24.00
N TRP A 451 -40.47 37.62 22.82
CA TRP A 451 -39.70 37.45 21.60
C TRP A 451 -38.65 38.55 21.48
N ASN A 452 -37.51 38.20 20.89
CA ASN A 452 -36.44 39.16 20.67
C ASN A 452 -36.11 39.27 19.19
N GLY A 453 -35.33 40.30 18.85
CA GLY A 453 -34.75 40.40 17.53
C GLY A 453 -35.75 40.78 16.44
N MET A 454 -35.51 40.23 15.25
CA MET A 454 -36.25 40.63 14.06
C MET A 454 -37.67 40.06 14.08
N VAL A 455 -37.82 38.82 14.54
CA VAL A 455 -39.14 38.20 14.66
C VAL A 455 -39.95 38.93 15.72
N GLY A 456 -39.28 39.42 16.77
CA GLY A 456 -39.96 40.22 17.78
C GLY A 456 -40.50 41.53 17.20
N GLU A 457 -39.79 42.10 16.23
CA GLU A 457 -40.32 43.27 15.55
C GLU A 457 -41.44 42.88 14.59
N LEU A 458 -41.43 41.64 14.11
CA LEU A 458 -42.49 41.17 13.23
C LEU A 458 -43.77 40.92 14.01
N VAL A 459 -43.65 40.29 15.18
CA VAL A 459 -44.83 39.91 15.96
C VAL A 459 -45.49 41.15 16.54
N TYR A 460 -44.69 42.08 17.07
CA TYR A 460 -45.24 43.17 17.85
C TYR A 460 -45.81 44.25 16.94
N GLY A 461 -45.12 44.57 15.85
CA GLY A 461 -45.66 45.49 14.88
C GLY A 461 -44.65 46.45 14.29
N LYS A 462 -43.38 46.32 14.70
CA LYS A 462 -42.35 47.22 14.19
C LYS A 462 -41.99 46.90 12.74
N ALA A 463 -42.20 45.66 12.31
CA ALA A 463 -41.71 45.17 11.04
C ALA A 463 -42.86 44.79 10.13
N ASP A 464 -42.76 45.18 8.86
CA ASP A 464 -43.74 44.74 7.87
C ASP A 464 -43.28 43.49 7.15
N ILE A 465 -41.97 43.29 7.05
CA ILE A 465 -41.37 42.14 6.39
C ILE A 465 -39.96 41.99 6.95
N ALA A 466 -39.44 40.77 6.92
CA ALA A 466 -38.09 40.48 7.40
C ALA A 466 -37.34 39.67 6.34
N ILE A 467 -36.75 40.36 5.38
CA ILE A 467 -35.91 39.71 4.40
C ILE A 467 -34.52 39.59 4.99
N ALA A 468 -34.13 38.38 5.37
CA ALA A 468 -33.01 38.22 6.29
C ALA A 468 -32.43 36.82 6.19
N PRO A 469 -31.30 36.53 6.85
CA PRO A 469 -30.92 35.12 7.07
C PRO A 469 -31.73 34.49 8.19
N LEU A 470 -33.03 34.36 7.97
CA LEU A 470 -33.95 33.97 9.03
C LEU A 470 -34.44 32.57 8.71
N THR A 471 -33.90 31.59 9.43
CA THR A 471 -34.16 30.19 9.12
C THR A 471 -35.58 29.82 9.48
N ILE A 472 -36.27 29.16 8.54
CA ILE A 472 -37.64 28.72 8.75
C ILE A 472 -37.65 27.61 9.78
N THR A 473 -38.24 27.88 10.95
CA THR A 473 -38.36 26.86 11.98
C THR A 473 -39.82 26.65 12.35
N LEU A 474 -40.06 25.95 13.46
CA LEU A 474 -41.41 25.65 13.91
C LEU A 474 -41.97 26.73 14.82
N VAL A 475 -41.19 27.16 15.81
CA VAL A 475 -41.67 28.16 16.76
C VAL A 475 -41.76 29.53 16.11
N ARG A 476 -41.01 29.75 15.03
CA ARG A 476 -41.18 30.99 14.28
C ARG A 476 -42.39 30.91 13.37
N GLU A 477 -42.67 29.74 12.81
CA GLU A 477 -43.79 29.59 11.88
C GLU A 477 -45.14 29.78 12.59
N GLU A 478 -45.19 29.40 13.87
CA GLU A 478 -46.44 29.48 14.61
C GLU A 478 -46.86 30.92 14.87
N VAL A 479 -45.88 31.82 15.00
CA VAL A 479 -46.20 33.20 15.32
C VAL A 479 -46.08 34.16 14.15
N ILE A 480 -45.25 33.86 13.15
CA ILE A 480 -45.15 34.69 11.95
C ILE A 480 -45.04 33.79 10.73
N ASP A 481 -45.47 34.33 9.59
CA ASP A 481 -45.51 33.57 8.35
C ASP A 481 -44.14 33.52 7.70
N PHE A 482 -43.89 32.43 6.98
CA PHE A 482 -42.78 32.31 6.04
C PHE A 482 -43.33 31.95 4.67
N SER A 483 -42.65 32.41 3.63
CA SER A 483 -42.94 31.87 2.32
C SER A 483 -42.16 30.59 2.11
N LYS A 484 -42.12 30.14 0.86
CA LYS A 484 -41.19 29.08 0.50
C LYS A 484 -39.77 29.64 0.60
N PRO A 485 -38.80 28.81 1.01
CA PRO A 485 -37.44 29.33 1.21
C PRO A 485 -36.80 29.72 -0.11
N PHE A 486 -36.12 30.86 -0.10
CA PHE A 486 -35.47 31.37 -1.30
C PHE A 486 -34.05 30.85 -1.48
N MET A 487 -33.42 30.34 -0.43
CA MET A 487 -32.07 29.82 -0.54
C MET A 487 -31.91 28.60 0.36
N SER A 488 -31.21 27.60 -0.14
CA SER A 488 -31.03 26.33 0.56
C SER A 488 -29.61 26.22 1.08
N LEU A 489 -29.49 25.53 2.22
CA LEU A 489 -28.23 25.41 2.94
C LEU A 489 -28.35 24.27 3.94
N GLY A 490 -27.25 24.03 4.66
CA GLY A 490 -27.24 23.03 5.71
C GLY A 490 -25.99 23.22 6.54
N ILE A 491 -25.85 22.35 7.54
CA ILE A 491 -24.64 22.37 8.36
C ILE A 491 -23.51 21.69 7.59
N SER A 492 -22.37 22.36 7.48
CA SER A 492 -21.23 21.84 6.76
C SER A 492 -19.97 22.11 7.55
N ILE A 493 -18.84 21.66 7.01
CA ILE A 493 -17.56 21.66 7.69
C ILE A 493 -16.64 22.68 7.04
N MET A 494 -16.04 23.54 7.85
CA MET A 494 -14.99 24.45 7.39
C MET A 494 -13.67 24.01 8.01
N ILE A 495 -12.71 23.69 7.17
CA ILE A 495 -11.39 23.28 7.61
C ILE A 495 -10.38 24.14 6.86
N LYS A 496 -9.20 24.34 7.46
CA LYS A 496 -8.11 25.01 6.78
C LYS A 496 -7.69 24.18 5.58
N LYS A 497 -7.60 24.84 4.43
CA LYS A 497 -7.20 24.18 3.20
C LYS A 497 -5.77 23.66 3.34
N PRO A 498 -5.50 22.43 2.89
CA PRO A 498 -4.13 21.92 2.93
C PRO A 498 -3.22 22.75 2.05
N GLN A 499 -2.02 23.02 2.54
CA GLN A 499 -1.09 23.92 1.86
C GLN A 499 -0.65 23.31 0.53
N LYS A 500 -0.23 24.20 -0.37
CA LYS A 500 0.10 23.80 -1.74
C LYS A 500 1.36 22.94 -1.73
N SER A 501 1.26 21.77 -2.36
CA SER A 501 2.34 20.79 -2.38
C SER A 501 3.48 21.31 -3.23
N LYS A 502 4.56 21.74 -2.58
CA LYS A 502 5.75 22.21 -3.26
C LYS A 502 6.92 21.32 -2.89
N PRO A 503 7.35 20.40 -3.75
CA PRO A 503 8.51 19.58 -3.43
C PRO A 503 9.79 20.38 -3.54
N GLY A 504 10.76 20.10 -2.67
CA GLY A 504 12.06 20.71 -2.83
C GLY A 504 12.78 20.15 -4.04
N VAL A 505 13.84 20.85 -4.47
CA VAL A 505 14.63 20.36 -5.59
C VAL A 505 15.41 19.11 -5.21
N PHE A 506 15.69 18.94 -3.92
CA PHE A 506 16.42 17.77 -3.44
C PHE A 506 15.50 16.78 -2.77
N SER A 507 14.28 16.64 -3.30
CA SER A 507 13.30 15.73 -2.72
C SER A 507 13.58 14.29 -3.10
N PHE A 508 14.48 14.07 -4.05
CA PHE A 508 14.86 12.71 -4.40
C PHE A 508 15.79 12.09 -3.37
N LEU A 509 16.49 12.94 -2.61
CA LEU A 509 17.37 12.49 -1.55
C LEU A 509 16.63 12.17 -0.27
N ASP A 510 15.34 12.46 -0.24
CA ASP A 510 14.47 12.33 0.94
C ASP A 510 14.11 10.91 1.40
N PRO A 511 14.02 9.87 0.55
CA PRO A 511 13.81 8.51 1.13
C PRO A 511 14.92 8.00 2.02
N LEU A 512 16.11 8.56 1.96
CA LEU A 512 17.12 8.30 2.97
C LEU A 512 17.39 9.56 3.76
N ALA A 513 17.92 9.39 4.97
CA ALA A 513 18.21 10.55 5.80
C ALA A 513 19.48 11.24 5.30
N TYR A 514 19.68 12.48 5.79
CA TYR A 514 20.91 13.19 5.43
C TYR A 514 22.10 12.60 6.14
N GLU A 515 21.86 11.90 7.26
CA GLU A 515 22.94 11.22 7.95
C GLU A 515 23.39 9.97 7.20
N ILE A 516 22.55 9.46 6.28
CA ILE A 516 22.92 8.27 5.53
C ILE A 516 23.75 8.63 4.30
N TRP A 517 23.31 9.64 3.53
CA TRP A 517 24.06 10.08 2.36
C TRP A 517 25.41 10.66 2.74
N MET A 518 25.52 11.20 3.96
CA MET A 518 26.80 11.66 4.47
C MET A 518 27.70 10.48 4.84
N CYS A 519 27.10 9.37 5.27
CA CYS A 519 27.90 8.21 5.64
C CYS A 519 28.18 7.30 4.45
N ILE A 520 27.43 7.47 3.35
CA ILE A 520 27.77 6.76 2.12
C ILE A 520 29.01 7.36 1.49
N VAL A 521 29.05 8.69 1.40
CA VAL A 521 30.19 9.37 0.79
C VAL A 521 31.42 9.22 1.68
N PHE A 522 31.24 9.13 3.00
CA PHE A 522 32.37 8.84 3.88
C PHE A 522 32.86 7.42 3.70
N ALA A 523 31.95 6.46 3.52
CA ALA A 523 32.37 5.08 3.30
C ALA A 523 32.89 4.88 1.89
N TYR A 524 32.49 5.75 0.97
CA TYR A 524 33.06 5.74 -0.38
C TYR A 524 34.54 6.04 -0.36
N ILE A 525 34.94 7.04 0.43
CA ILE A 525 36.36 7.41 0.51
C ILE A 525 37.14 6.33 1.23
N GLY A 526 36.55 5.77 2.29
CA GLY A 526 37.27 4.81 3.11
C GLY A 526 37.52 3.50 2.40
N VAL A 527 36.63 3.10 1.50
CA VAL A 527 36.83 1.86 0.76
C VAL A 527 37.88 2.07 -0.32
N SER A 528 37.82 3.19 -1.04
CA SER A 528 38.70 3.41 -2.17
C SER A 528 40.16 3.58 -1.73
N VAL A 529 40.38 4.20 -0.58
CA VAL A 529 41.73 4.34 -0.05
C VAL A 529 42.27 2.99 0.43
N VAL A 530 41.41 2.20 1.07
CA VAL A 530 41.80 0.83 1.46
C VAL A 530 42.05 -0.02 0.22
N LEU A 531 41.26 0.19 -0.84
CA LEU A 531 41.48 -0.56 -2.06
C LEU A 531 42.76 -0.11 -2.77
N PHE A 532 43.18 1.14 -2.55
CA PHE A 532 44.47 1.56 -3.09
C PHE A 532 45.62 1.02 -2.25
N LEU A 533 45.45 1.01 -0.92
CA LEU A 533 46.54 0.58 -0.05
C LEU A 533 46.79 -0.92 -0.18
N VAL A 534 45.75 -1.68 -0.46
CA VAL A 534 45.90 -3.14 -0.52
C VAL A 534 46.60 -3.56 -1.81
N SER A 535 46.14 -3.04 -2.96
CA SER A 535 46.64 -3.51 -4.25
C SER A 535 48.07 -3.08 -4.51
N ARG A 536 48.48 -1.93 -3.98
CA ARG A 536 49.86 -1.47 -4.11
C ARG A 536 50.62 -1.55 -2.78
N PHE A 537 50.30 -2.54 -1.96
CA PHE A 537 50.98 -2.67 -0.67
C PHE A 537 52.40 -3.17 -0.85
N SER A 538 52.59 -4.15 -1.74
CA SER A 538 53.80 -4.92 -1.90
C SER A 538 54.66 -4.40 -3.04
N PRO A 539 55.98 -4.44 -2.87
CA PRO A 539 56.86 -4.29 -4.04
C PRO A 539 56.75 -5.48 -4.99
N TYR A 540 56.44 -6.66 -4.46
CA TYR A 540 56.30 -7.86 -5.28
C TYR A 540 54.84 -8.28 -5.38
N SER A 556 52.42 -7.95 -9.30
CA SER A 556 53.37 -7.08 -8.61
C SER A 556 52.86 -5.65 -8.59
N GLU A 557 53.78 -4.69 -8.49
CA GLU A 557 53.39 -3.29 -8.44
C GLU A 557 53.02 -2.77 -9.82
N SER A 558 53.73 -3.22 -10.86
CA SER A 558 53.42 -2.76 -12.20
C SER A 558 52.25 -3.53 -12.81
N THR A 559 51.92 -4.69 -12.23
CA THR A 559 50.83 -5.50 -12.78
C THR A 559 49.47 -4.94 -12.37
N ASN A 560 49.37 -4.39 -11.16
CA ASN A 560 48.12 -3.81 -10.70
C ASN A 560 47.84 -2.49 -11.41
N GLU A 561 46.63 -2.35 -11.93
CA GLU A 561 46.20 -1.13 -12.59
C GLU A 561 45.56 -0.16 -11.60
N PHE A 562 45.45 -0.56 -10.33
CA PHE A 562 44.75 0.20 -9.32
C PHE A 562 45.69 1.24 -8.71
N GLY A 563 45.63 2.47 -9.22
CA GLY A 563 46.05 3.63 -8.49
C GLY A 563 44.91 4.17 -7.65
N ILE A 564 45.16 5.31 -7.01
CA ILE A 564 44.09 6.03 -6.32
C ILE A 564 43.03 6.49 -7.30
N PHE A 565 43.47 6.96 -8.47
CA PHE A 565 42.52 7.51 -9.43
C PHE A 565 41.72 6.41 -10.12
N ASN A 566 42.21 5.16 -10.07
CA ASN A 566 41.37 4.05 -10.50
C ASN A 566 40.50 3.54 -9.36
N SER A 567 41.01 3.58 -8.13
CA SER A 567 40.30 3.00 -6.99
C SER A 567 39.07 3.81 -6.61
N LEU A 568 39.12 5.14 -6.77
CA LEU A 568 37.92 5.93 -6.60
C LEU A 568 36.93 5.67 -7.72
N TRP A 569 37.41 5.22 -8.88
CA TRP A 569 36.49 4.97 -9.98
C TRP A 569 35.85 3.59 -9.88
N PHE A 570 36.56 2.63 -9.28
CA PHE A 570 35.97 1.31 -9.12
C PHE A 570 34.86 1.33 -8.08
N SER A 571 35.06 2.09 -7.00
CA SER A 571 34.03 2.18 -5.97
C SER A 571 32.89 3.08 -6.43
N LEU A 572 33.11 3.90 -7.46
CA LEU A 572 32.03 4.71 -7.98
C LEU A 572 31.13 3.88 -8.90
N GLY A 573 31.73 3.06 -9.76
CA GLY A 573 30.91 2.23 -10.64
C GLY A 573 30.24 1.09 -9.90
N ALA A 574 30.82 0.67 -8.77
CA ALA A 574 30.20 -0.36 -7.96
C ALA A 574 28.97 0.16 -7.26
N PHE A 575 29.01 1.41 -6.80
CA PHE A 575 27.88 1.95 -6.06
C PHE A 575 26.70 2.25 -6.96
N MET A 576 26.95 2.85 -8.12
CA MET A 576 25.89 3.10 -9.09
C MET A 576 25.53 1.87 -9.91
N GLN A 577 26.12 0.72 -9.62
CA GLN A 577 25.83 -0.61 -10.15
C GLN A 577 26.05 -0.71 -11.65
N GLN A 578 26.81 0.20 -12.26
CA GLN A 578 27.05 0.10 -13.70
C GLN A 578 28.15 -0.90 -13.99
N GLY A 579 29.03 -1.13 -13.04
CA GLY A 579 30.12 -2.04 -13.27
C GLY A 579 31.29 -1.35 -13.92
N CYS A 580 32.48 -1.66 -13.44
CA CYS A 580 33.69 -1.02 -13.92
C CYS A 580 34.47 -2.03 -14.75
N ASP A 581 35.34 -1.52 -15.63
CA ASP A 581 36.08 -2.38 -16.53
C ASP A 581 37.19 -3.11 -15.80
N ILE A 582 37.83 -2.47 -14.84
CA ILE A 582 38.88 -3.14 -14.07
C ILE A 582 38.24 -3.90 -12.92
N SER A 583 38.90 -4.96 -12.49
CA SER A 583 38.43 -5.78 -11.39
C SER A 583 39.63 -6.23 -10.59
N PRO A 584 39.49 -6.40 -9.27
CA PRO A 584 40.64 -6.81 -8.46
C PRO A 584 41.07 -8.23 -8.77
N ARG A 585 42.34 -8.51 -8.53
CA ARG A 585 42.89 -9.83 -8.81
C ARG A 585 43.54 -10.50 -7.62
N SER A 586 44.03 -9.75 -6.65
CA SER A 586 44.56 -10.35 -5.44
C SER A 586 43.40 -10.84 -4.57
N LEU A 587 43.74 -11.69 -3.59
CA LEU A 587 42.74 -12.15 -2.64
C LEU A 587 42.17 -11.01 -1.83
N SER A 588 43.04 -10.19 -1.24
CA SER A 588 42.57 -9.11 -0.38
C SER A 588 41.96 -7.98 -1.18
N GLY A 589 42.31 -7.87 -2.46
CA GLY A 589 41.63 -6.91 -3.31
C GLY A 589 40.20 -7.28 -3.59
N ARG A 590 39.89 -8.58 -3.59
CA ARG A 590 38.52 -8.99 -3.85
C ARG A 590 37.69 -8.93 -2.57
N ILE A 591 38.35 -8.89 -1.42
CA ILE A 591 37.63 -8.72 -0.15
C ILE A 591 37.04 -7.33 -0.05
N VAL A 592 37.86 -6.31 -0.27
CA VAL A 592 37.39 -4.92 -0.23
C VAL A 592 36.43 -4.65 -1.38
N GLY A 593 36.62 -5.33 -2.51
CA GLY A 593 35.68 -5.19 -3.60
C GLY A 593 34.38 -5.92 -3.36
N GLY A 594 34.44 -7.07 -2.66
CA GLY A 594 33.25 -7.89 -2.50
C GLY A 594 32.30 -7.37 -1.45
N VAL A 595 32.84 -6.82 -0.36
CA VAL A 595 32.01 -6.34 0.73
C VAL A 595 31.27 -5.08 0.32
N TRP A 596 31.94 -4.21 -0.44
CA TRP A 596 31.30 -3.01 -0.96
C TRP A 596 30.21 -3.35 -1.96
N TRP A 597 30.32 -4.50 -2.62
CA TRP A 597 29.24 -4.96 -3.50
C TRP A 597 28.03 -5.40 -2.71
N PHE A 598 28.24 -5.95 -1.51
CA PHE A 598 27.09 -6.25 -0.66
C PHE A 598 26.55 -4.99 -0.02
N PHE A 599 27.40 -3.99 0.17
CA PHE A 599 26.95 -2.71 0.69
C PHE A 599 26.05 -2.00 -0.31
N THR A 600 26.43 -2.01 -1.58
CA THR A 600 25.64 -1.30 -2.57
C THR A 600 24.41 -2.08 -2.97
N LEU A 601 24.30 -3.34 -2.56
CA LEU A 601 23.08 -4.09 -2.86
C LEU A 601 21.97 -3.69 -1.90
N ILE A 602 22.32 -3.46 -0.64
CA ILE A 602 21.30 -3.18 0.37
C ILE A 602 20.84 -1.74 0.28
N ILE A 603 21.78 -0.82 0.07
CA ILE A 603 21.48 0.62 0.11
C ILE A 603 20.63 1.02 -1.08
N ILE A 604 20.97 0.54 -2.28
CA ILE A 604 20.21 0.89 -3.46
C ILE A 604 18.83 0.23 -3.43
N SER A 605 18.75 -0.98 -2.88
CA SER A 605 17.46 -1.65 -2.82
C SER A 605 16.60 -1.09 -1.70
N SER A 606 17.21 -0.52 -0.67
CA SER A 606 16.43 0.15 0.37
C SER A 606 15.93 1.49 -0.13
N TYR A 607 16.75 2.20 -0.91
CA TYR A 607 16.36 3.49 -1.45
C TYR A 607 15.17 3.37 -2.39
N THR A 608 15.14 2.32 -3.20
CA THR A 608 14.04 2.15 -4.14
C THR A 608 12.77 1.75 -3.41
N ALA A 609 12.87 0.84 -2.44
CA ALA A 609 11.68 0.35 -1.75
C ALA A 609 11.14 1.39 -0.77
N ASN A 610 12.00 2.27 -0.26
CA ASN A 610 11.48 3.35 0.56
C ASN A 610 10.81 4.40 -0.30
N LEU A 611 11.31 4.61 -1.51
CA LEU A 611 10.67 5.55 -2.43
C LEU A 611 9.34 4.99 -2.92
N ALA A 612 9.25 3.67 -3.06
CA ALA A 612 7.95 3.07 -3.38
C ALA A 612 7.00 3.18 -2.21
N ALA A 613 7.53 3.24 -0.99
CA ALA A 613 6.67 3.38 0.18
C ALA A 613 6.18 4.80 0.36
N PHE A 614 6.95 5.80 -0.10
CA PHE A 614 6.46 7.16 -0.08
C PHE A 614 5.34 7.36 -1.08
N LEU A 615 5.54 6.87 -2.31
CA LEU A 615 4.60 7.14 -3.38
C LEU A 615 3.32 6.32 -3.20
N THR A 616 3.39 5.25 -2.42
CA THR A 616 2.18 4.48 -2.16
C THR A 616 1.29 5.20 -1.16
N VAL A 617 1.89 5.74 -0.09
CA VAL A 617 1.09 6.35 0.96
C VAL A 617 0.55 7.70 0.52
N GLU A 618 1.35 8.47 -0.24
CA GLU A 618 0.89 9.72 -0.84
C GLU A 618 -0.27 9.52 -1.80
N ARG A 619 -0.36 8.34 -2.40
CA ARG A 619 -1.48 7.97 -3.24
C ARG A 619 -2.65 7.43 -2.41
N MET A 620 -2.41 7.12 -1.13
CA MET A 620 -3.49 6.58 -0.29
C MET A 620 -4.10 7.62 0.64
N VAL A 621 -3.38 8.70 0.94
CA VAL A 621 -3.89 9.67 1.92
C VAL A 621 -5.09 10.43 1.34
N SER A 622 -6.23 10.27 2.00
CA SER A 622 -7.51 10.77 1.55
C SER A 622 -7.89 12.02 2.35
N PRO A 623 -8.64 12.93 1.75
CA PRO A 623 -9.20 14.05 2.51
C PRO A 623 -10.37 13.59 3.37
N ILE A 624 -10.87 14.51 4.19
CA ILE A 624 -12.03 14.26 5.01
C ILE A 624 -13.25 14.82 4.29
N GLU A 625 -14.16 13.94 3.87
CA GLU A 625 -15.27 14.34 3.03
C GLU A 625 -16.64 13.90 3.56
N SER A 626 -16.74 13.57 4.84
CA SER A 626 -18.05 13.34 5.45
C SER A 626 -17.95 13.60 6.94
N ALA A 627 -19.12 13.74 7.57
CA ALA A 627 -19.16 14.01 9.01
C ALA A 627 -18.79 12.77 9.80
N GLU A 628 -19.10 11.58 9.27
CA GLU A 628 -18.66 10.34 9.90
C GLU A 628 -17.16 10.18 9.76
N ASP A 629 -16.60 10.60 8.62
CA ASP A 629 -15.16 10.59 8.44
C ASP A 629 -14.48 11.58 9.39
N LEU A 630 -15.18 12.65 9.74
CA LEU A 630 -14.72 13.53 10.79
C LEU A 630 -14.79 12.86 12.16
N SER A 631 -15.75 11.94 12.32
CA SER A 631 -15.95 11.31 13.63
C SER A 631 -14.97 10.18 13.87
N LYS A 632 -14.57 9.47 12.81
CA LYS A 632 -13.75 8.28 12.97
C LYS A 632 -12.30 8.61 13.33
N GLN A 633 -11.84 9.81 13.04
CA GLN A 633 -10.45 10.19 13.30
C GLN A 633 -10.40 11.25 14.40
N THR A 634 -9.51 11.02 15.37
CA THR A 634 -9.30 11.95 16.47
C THR A 634 -8.08 12.83 16.26
N GLU A 635 -7.52 12.85 15.04
CA GLU A 635 -6.45 13.79 14.73
C GLU A 635 -6.98 15.22 14.66
N ILE A 636 -8.02 15.46 13.88
CA ILE A 636 -8.58 16.79 13.68
C ILE A 636 -9.78 16.97 14.59
N ALA A 637 -9.80 18.09 15.31
CA ALA A 637 -10.85 18.41 16.28
C ALA A 637 -11.87 19.35 15.65
N TYR A 638 -13.09 19.35 16.20
CA TYR A 638 -14.19 20.09 15.62
C TYR A 638 -15.06 20.73 16.70
N GLY A 639 -15.50 21.96 16.44
CA GLY A 639 -16.36 22.67 17.37
C GLY A 639 -17.35 23.56 16.65
N THR A 640 -18.43 23.88 17.35
CA THR A 640 -19.53 24.67 16.81
C THR A 640 -19.60 26.01 17.53
N LEU A 641 -20.70 26.72 17.31
CA LEU A 641 -21.07 27.83 18.17
C LEU A 641 -21.45 27.30 19.54
N ASP A 642 -21.13 28.05 20.59
CA ASP A 642 -21.57 27.66 21.93
C ASP A 642 -23.05 27.94 22.13
N SER A 643 -23.62 28.83 21.31
CA SER A 643 -25.04 29.18 21.38
C SER A 643 -25.57 29.32 19.95
N GLY A 644 -26.33 28.33 19.50
CA GLY A 644 -26.83 28.35 18.15
C GLY A 644 -27.64 27.11 17.84
N SER A 645 -28.32 27.16 16.69
CA SER A 645 -29.17 26.05 16.25
C SER A 645 -28.34 24.85 15.83
N THR A 646 -27.07 25.08 15.50
CA THR A 646 -26.16 23.98 15.21
C THR A 646 -25.91 23.13 16.47
N LYS A 647 -25.77 23.79 17.62
CA LYS A 647 -25.55 23.06 18.87
C LYS A 647 -26.79 22.28 19.26
N GLU A 648 -27.98 22.85 19.01
CA GLU A 648 -29.24 22.18 19.30
C GLU A 648 -29.41 20.93 18.47
N PHE A 649 -28.84 20.93 17.25
CA PHE A 649 -29.08 19.87 16.27
C PHE A 649 -28.46 18.55 16.69
N PHE A 650 -27.29 18.59 17.31
CA PHE A 650 -26.65 17.34 17.72
C PHE A 650 -27.37 16.73 18.91
N ARG A 651 -28.00 17.56 19.74
CA ARG A 651 -28.79 17.04 20.85
C ARG A 651 -30.12 16.47 20.36
N ARG A 652 -30.82 17.19 19.48
CA ARG A 652 -32.17 16.79 19.10
C ARG A 652 -32.22 15.70 18.03
N SER A 653 -31.07 15.13 17.65
CA SER A 653 -31.01 14.10 16.63
C SER A 653 -30.83 12.74 17.29
N LYS A 654 -31.45 11.72 16.70
CA LYS A 654 -31.35 10.37 17.26
C LYS A 654 -30.09 9.66 16.79
N ILE A 655 -29.46 10.12 15.71
CA ILE A 655 -28.48 9.32 14.99
C ILE A 655 -27.18 9.25 15.79
N ALA A 656 -26.61 8.05 15.87
CA ALA A 656 -25.53 7.79 16.83
C ALA A 656 -24.22 8.41 16.37
N VAL A 657 -24.10 8.70 15.07
CA VAL A 657 -22.90 9.37 14.58
C VAL A 657 -22.82 10.79 15.14
N PHE A 658 -23.95 11.49 15.16
CA PHE A 658 -23.94 12.85 15.68
C PHE A 658 -24.00 12.86 17.20
N ASP A 659 -24.53 11.78 17.79
CA ASP A 659 -24.59 11.70 19.25
C ASP A 659 -23.20 11.50 19.83
N LYS A 660 -22.36 10.72 19.15
CA LYS A 660 -20.98 10.61 19.62
C LYS A 660 -20.17 11.83 19.22
N MET A 661 -20.60 12.53 18.16
CA MET A 661 -20.04 13.85 17.90
C MET A 661 -20.48 14.87 18.93
N TRP A 662 -21.65 14.66 19.53
CA TRP A 662 -22.05 15.53 20.63
C TRP A 662 -21.27 15.25 21.90
N THR A 663 -21.12 13.97 22.26
CA THR A 663 -20.44 13.62 23.51
C THR A 663 -18.94 13.88 23.39
N TYR A 664 -18.41 13.85 22.16
CA TYR A 664 -17.04 14.30 21.92
C TYR A 664 -16.90 15.78 22.24
N MET A 665 -17.87 16.60 21.81
CA MET A 665 -17.81 18.02 22.10
C MET A 665 -18.03 18.30 23.57
N ARG A 666 -18.75 17.41 24.26
CA ARG A 666 -18.93 17.53 25.70
C ARG A 666 -17.62 17.28 26.44
N SER A 667 -16.94 16.18 26.10
CA SER A 667 -15.90 15.63 26.96
C SER A 667 -14.49 15.77 26.42
N ALA A 668 -14.29 16.48 25.31
CA ALA A 668 -12.93 16.80 24.88
C ALA A 668 -12.30 17.79 25.85
N GLU A 669 -11.09 17.48 26.32
CA GLU A 669 -10.47 18.26 27.38
C GLU A 669 -10.10 19.68 26.93
N PRO A 670 -9.59 19.91 25.72
CA PRO A 670 -9.74 21.27 25.18
C PRO A 670 -11.19 21.48 24.78
N SER A 671 -11.80 22.55 25.29
CA SER A 671 -13.19 22.84 24.97
C SER A 671 -13.28 23.31 23.52
N VAL A 672 -14.18 22.67 22.76
CA VAL A 672 -14.27 22.95 21.34
C VAL A 672 -15.23 24.06 21.01
N PHE A 673 -16.08 24.47 21.96
CA PHE A 673 -17.09 25.48 21.68
C PHE A 673 -16.48 26.87 21.70
N VAL A 674 -16.90 27.71 20.76
CA VAL A 674 -16.44 29.08 20.67
C VAL A 674 -17.66 30.00 20.76
N ARG A 675 -17.41 31.27 21.07
CA ARG A 675 -18.49 32.17 21.44
C ARG A 675 -19.30 32.63 20.23
N THR A 676 -18.63 33.00 19.14
CA THR A 676 -19.32 33.45 17.93
C THR A 676 -18.70 32.74 16.73
N THR A 677 -19.04 33.23 15.54
CA THR A 677 -18.52 32.62 14.32
C THR A 677 -17.09 33.07 14.05
N ALA A 678 -16.82 34.38 14.18
CA ALA A 678 -15.51 34.91 13.81
C ALA A 678 -14.43 34.49 14.79
N GLU A 679 -14.82 34.10 16.01
CA GLU A 679 -13.85 33.44 16.88
C GLU A 679 -13.53 32.04 16.37
N GLY A 680 -14.54 31.34 15.83
CA GLY A 680 -14.29 30.02 15.28
C GLY A 680 -13.48 30.08 13.99
N VAL A 681 -13.62 31.17 13.23
CA VAL A 681 -12.81 31.36 12.03
C VAL A 681 -11.35 31.53 12.40
N ALA A 682 -11.08 32.29 13.47
CA ALA A 682 -9.70 32.51 13.89
C ALA A 682 -9.08 31.24 14.46
N ARG A 683 -9.91 30.33 14.99
CA ARG A 683 -9.38 29.09 15.52
C ARG A 683 -8.99 28.14 14.39
N VAL A 684 -9.63 28.27 13.23
CA VAL A 684 -9.23 27.50 12.05
C VAL A 684 -7.86 27.96 11.58
N ARG A 685 -7.57 29.25 11.71
CA ARG A 685 -6.33 29.80 11.18
C ARG A 685 -5.14 29.45 12.08
N LYS A 686 -5.39 29.31 13.39
CA LYS A 686 -4.31 29.10 14.35
C LYS A 686 -3.80 27.66 14.37
N SER A 687 -4.68 26.68 14.20
CA SER A 687 -4.33 25.29 14.46
C SER A 687 -3.61 24.61 13.30
N LYS A 688 -3.37 25.32 12.19
CA LYS A 688 -2.58 24.85 11.04
C LYS A 688 -3.13 23.57 10.42
N GLY A 689 -4.44 23.54 10.21
CA GLY A 689 -5.06 22.38 9.60
C GLY A 689 -5.36 21.25 10.56
N LYS A 690 -5.38 21.52 11.86
CA LYS A 690 -5.77 20.52 12.86
C LYS A 690 -7.17 20.74 13.40
N TYR A 691 -7.87 21.79 12.98
CA TYR A 691 -9.17 22.13 13.53
C TYR A 691 -10.21 22.23 12.42
N ALA A 692 -11.33 21.55 12.63
CA ALA A 692 -12.49 21.62 11.76
C ALA A 692 -13.53 22.49 12.43
N TYR A 693 -14.43 23.08 11.64
CA TYR A 693 -15.42 24.00 12.16
C TYR A 693 -16.77 23.69 11.53
N LEU A 694 -17.79 23.55 12.37
CA LEU A 694 -19.14 23.20 11.93
C LEU A 694 -19.98 24.47 11.87
N LEU A 695 -20.54 24.75 10.70
CA LEU A 695 -21.34 25.95 10.51
C LEU A 695 -22.24 25.76 9.30
N GLU A 696 -23.05 26.77 9.04
CA GLU A 696 -23.99 26.72 7.92
C GLU A 696 -23.23 26.78 6.61
N SER A 697 -23.85 26.26 5.54
CA SER A 697 -23.14 26.08 4.29
C SER A 697 -22.88 27.39 3.58
N THR A 698 -23.89 28.27 3.53
CA THR A 698 -23.73 29.51 2.79
C THR A 698 -22.83 30.49 3.53
N MET A 699 -22.73 30.35 4.86
CA MET A 699 -21.66 31.04 5.56
C MET A 699 -20.32 30.41 5.25
N ASN A 700 -20.29 29.10 5.02
CA ASN A 700 -19.03 28.43 4.72
C ASN A 700 -18.58 28.73 3.30
N GLU A 701 -19.52 28.99 2.39
CA GLU A 701 -19.14 29.30 1.01
C GLU A 701 -18.55 30.69 0.91
N TYR A 702 -19.08 31.65 1.67
CA TYR A 702 -18.62 33.02 1.55
C TYR A 702 -17.27 33.23 2.24
N ILE A 703 -17.04 32.55 3.36
CA ILE A 703 -15.81 32.79 4.13
C ILE A 703 -14.59 32.23 3.40
N GLU A 704 -14.75 31.10 2.69
CA GLU A 704 -13.63 30.58 1.92
C GLU A 704 -13.38 31.41 0.67
N GLN A 705 -14.30 32.29 0.30
CA GLN A 705 -14.10 33.21 -0.81
C GLN A 705 -13.55 34.56 -0.37
N ARG A 706 -13.11 34.71 0.87
CA ARG A 706 -12.50 35.95 1.32
C ARG A 706 -11.01 35.72 1.57
N LYS A 707 -10.23 36.78 1.44
CA LYS A 707 -8.81 36.70 1.75
C LYS A 707 -8.62 36.44 3.25
N PRO A 708 -7.56 35.72 3.64
CA PRO A 708 -6.44 35.06 2.93
C PRO A 708 -6.72 33.76 2.20
N CYS A 709 -7.98 33.38 1.97
CA CYS A 709 -8.41 32.30 1.08
C CYS A 709 -7.96 30.91 1.52
N ASP A 710 -7.50 30.72 2.76
CA ASP A 710 -6.89 29.46 3.17
C ASP A 710 -7.86 28.51 3.87
N THR A 711 -9.16 28.68 3.66
CA THR A 711 -10.16 27.73 4.13
C THR A 711 -10.93 27.21 2.93
N MET A 712 -11.71 26.15 3.16
CA MET A 712 -12.37 25.47 2.06
C MET A 712 -13.59 24.72 2.55
N LYS A 713 -14.51 24.46 1.64
CA LYS A 713 -15.64 23.58 1.92
C LYS A 713 -15.27 22.14 1.60
N VAL A 714 -15.59 21.23 2.52
CA VAL A 714 -15.41 19.81 2.31
C VAL A 714 -16.76 19.12 2.48
N GLY A 715 -16.90 17.95 1.85
CA GLY A 715 -18.05 17.11 2.10
C GLY A 715 -19.34 17.69 1.57
N GLY A 716 -20.42 17.49 2.33
CA GLY A 716 -21.73 17.96 1.93
C GLY A 716 -22.55 18.34 3.15
N ASN A 717 -23.79 18.70 2.88
CA ASN A 717 -24.69 19.14 3.94
C ASN A 717 -25.17 17.93 4.75
N LEU A 718 -24.83 17.90 6.03
CA LEU A 718 -25.21 16.76 6.87
C LEU A 718 -26.69 16.83 7.24
N ASP A 719 -27.27 18.02 7.25
CA ASP A 719 -28.70 18.22 7.34
C ASP A 719 -29.15 19.13 6.21
N SER A 720 -30.36 19.67 6.33
CA SER A 720 -30.80 20.74 5.45
C SER A 720 -31.63 21.75 6.21
N LYS A 721 -31.44 23.03 5.87
CA LYS A 721 -32.26 24.10 6.37
C LYS A 721 -32.60 25.01 5.19
N GLY A 722 -33.19 26.15 5.49
CA GLY A 722 -33.49 27.12 4.46
C GLY A 722 -33.74 28.48 5.07
N TYR A 723 -33.33 29.51 4.35
CA TYR A 723 -33.61 30.88 4.72
C TYR A 723 -34.89 31.32 4.04
N GLY A 724 -35.74 32.01 4.77
CA GLY A 724 -37.05 32.37 4.27
C GLY A 724 -37.39 33.82 4.52
N ILE A 725 -38.22 34.37 3.63
CA ILE A 725 -38.72 35.71 3.80
C ILE A 725 -39.95 35.69 4.69
N ALA A 726 -39.93 36.48 5.75
CA ALA A 726 -40.92 36.40 6.81
C ALA A 726 -41.83 37.61 6.80
N THR A 727 -43.11 37.36 7.01
CA THR A 727 -44.14 38.38 7.19
C THR A 727 -44.85 38.11 8.50
N PRO A 728 -45.46 39.14 9.11
CA PRO A 728 -46.29 38.89 10.30
C PRO A 728 -47.52 38.06 9.97
N LYS A 729 -48.02 37.37 11.00
CA LYS A 729 -49.08 36.39 10.83
C LYS A 729 -50.39 37.06 10.43
N GLY A 730 -50.99 36.56 9.36
CA GLY A 730 -52.24 37.10 8.87
C GLY A 730 -52.12 38.39 8.09
N SER A 731 -50.90 38.87 7.86
CA SER A 731 -50.71 40.11 7.12
C SER A 731 -51.03 39.90 5.65
N SER A 732 -51.38 40.99 4.96
CA SER A 732 -51.82 40.88 3.57
C SER A 732 -50.64 40.67 2.63
N LEU A 733 -49.42 40.94 3.10
CA LEU A 733 -48.27 40.88 2.22
C LEU A 733 -47.84 39.46 1.90
N GLY A 734 -48.30 38.48 2.67
CA GLY A 734 -47.71 37.14 2.64
C GLY A 734 -47.90 36.41 1.32
N THR A 735 -49.10 36.51 0.75
CA THR A 735 -49.37 35.83 -0.52
C THR A 735 -48.71 36.49 -1.73
N PRO A 736 -48.73 37.83 -1.93
CA PRO A 736 -48.00 38.36 -3.11
C PRO A 736 -46.49 38.26 -3.00
N VAL A 737 -45.96 38.22 -1.77
CA VAL A 737 -44.56 37.88 -1.58
C VAL A 737 -44.31 36.43 -1.98
N ASN A 738 -45.24 35.53 -1.64
CA ASN A 738 -45.07 34.12 -1.93
C ASN A 738 -45.11 33.86 -3.43
N LEU A 739 -45.93 34.63 -4.16
CA LEU A 739 -45.89 34.55 -5.62
C LEU A 739 -44.61 35.16 -6.16
N ALA A 740 -44.04 36.14 -5.46
CA ALA A 740 -42.83 36.79 -5.94
C ALA A 740 -41.61 35.90 -5.77
N VAL A 741 -41.57 35.09 -4.70
CA VAL A 741 -40.44 34.20 -4.48
C VAL A 741 -40.43 33.09 -5.51
N LEU A 742 -41.61 32.56 -5.85
CA LEU A 742 -41.69 31.54 -6.88
C LEU A 742 -41.40 32.11 -8.26
N LYS A 743 -41.68 33.40 -8.46
CA LYS A 743 -41.40 34.01 -9.74
C LYS A 743 -39.91 34.27 -9.92
N LEU A 744 -39.22 34.64 -8.84
CA LEU A 744 -37.80 34.94 -8.94
C LEU A 744 -36.97 33.68 -9.13
N SER A 745 -37.45 32.54 -8.65
CA SER A 745 -36.64 31.33 -8.71
C SER A 745 -36.64 30.73 -10.11
N GLU A 746 -37.80 30.69 -10.76
CA GLU A 746 -37.89 30.06 -12.08
C GLU A 746 -37.31 30.93 -13.19
N GLN A 747 -37.12 32.23 -12.97
CA GLN A 747 -36.45 33.09 -13.93
C GLN A 747 -34.95 33.13 -13.72
N GLY A 748 -34.44 32.33 -12.79
CA GLY A 748 -33.02 32.26 -12.51
C GLY A 748 -32.46 33.52 -11.86
N VAL A 749 -33.34 34.33 -11.26
CA VAL A 749 -32.88 35.52 -10.57
C VAL A 749 -32.18 35.14 -9.27
N LEU A 750 -32.75 34.18 -8.54
CA LEU A 750 -32.08 33.65 -7.36
C LEU A 750 -30.83 32.88 -7.73
N ASP A 751 -30.80 32.31 -8.95
CA ASP A 751 -29.57 31.77 -9.48
C ASP A 751 -28.56 32.87 -9.76
N LYS A 752 -29.02 33.98 -10.36
CA LYS A 752 -28.11 35.05 -10.76
C LYS A 752 -27.61 35.84 -9.55
N LEU A 753 -28.48 36.08 -8.57
CA LEU A 753 -28.06 36.83 -7.38
C LEU A 753 -27.16 35.99 -6.49
N LYS A 754 -27.24 34.67 -6.61
CA LYS A 754 -26.32 33.81 -5.88
C LYS A 754 -24.94 33.82 -6.50
N ASN A 755 -24.87 33.63 -7.82
CA ASN A 755 -23.60 33.54 -8.52
C ASN A 755 -22.83 34.86 -8.48
N LYS A 756 -23.55 35.97 -8.31
CA LYS A 756 -22.88 37.27 -8.30
C LYS A 756 -22.27 37.56 -6.93
N TRP A 757 -23.07 37.45 -5.87
CA TRP A 757 -22.62 37.92 -4.57
C TRP A 757 -21.58 36.99 -3.95
N TRP A 758 -21.69 35.69 -4.18
CA TRP A 758 -20.75 34.78 -3.54
C TRP A 758 -19.47 34.63 -4.35
N TYR A 759 -19.49 35.01 -5.63
CA TYR A 759 -18.31 34.72 -6.45
C TYR A 759 -17.61 35.99 -6.92
N ASP A 760 -18.36 37.04 -7.28
CA ASP A 760 -17.70 38.24 -7.79
C ASP A 760 -17.09 39.04 -6.65
N LYS A 761 -17.64 38.91 -5.45
CA LYS A 761 -16.98 39.39 -4.25
C LYS A 761 -16.12 38.30 -3.63
N GLY A 762 -15.65 37.36 -4.44
CA GLY A 762 -14.86 36.22 -4.05
C GLY A 762 -13.40 36.38 -4.40
N GLU A 763 -13.05 35.88 -5.59
CA GLU A 763 -11.78 35.84 -6.33
C GLU A 763 -10.72 34.97 -5.66
N CYS A 764 -11.07 34.26 -4.60
CA CYS A 764 -10.26 33.13 -4.18
C CYS A 764 -10.48 31.96 -5.14
N GLY A 765 -9.48 31.10 -5.27
CA GLY A 765 -9.58 30.00 -6.19
C GLY A 765 -10.42 28.85 -5.66
N ALA A 766 -11.15 28.21 -6.58
CA ALA A 766 -12.04 27.08 -6.25
C ALA A 766 -11.60 25.84 -7.00
N LYS A 767 -11.41 24.74 -6.25
CA LYS A 767 -10.97 23.44 -6.75
C LYS A 767 -9.66 23.53 -7.51
N ASP A 768 -8.68 24.23 -6.92
CA ASP A 768 -7.39 24.41 -7.58
C ASP A 768 -6.58 23.13 -7.57
N SER A 769 -6.84 22.26 -6.59
CA SER A 769 -6.18 20.96 -6.57
C SER A 769 -6.71 20.07 -7.67
N GLY A 770 -8.03 19.94 -7.78
CA GLY A 770 -8.63 19.15 -8.84
C GLY A 770 -8.48 17.67 -8.57
N SER A 771 -7.88 16.97 -9.52
CA SER A 771 -7.74 15.52 -9.42
C SER A 771 -6.69 15.15 -8.40
N LYS A 772 -6.89 13.99 -7.76
CA LYS A 772 -5.86 13.47 -6.86
C LYS A 772 -4.77 12.72 -7.63
N GLU A 773 -5.06 12.32 -8.87
CA GLU A 773 -4.11 11.68 -9.74
C GLU A 773 -3.30 12.66 -10.59
N LYS A 774 -3.27 13.93 -10.21
CA LYS A 774 -2.38 14.88 -10.87
C LYS A 774 -0.92 14.57 -10.56
N THR A 775 -0.66 13.99 -9.39
CA THR A 775 0.68 13.61 -8.97
C THR A 775 0.98 12.14 -9.25
N SER A 776 0.13 11.46 -10.02
CA SER A 776 0.39 10.10 -10.46
C SER A 776 1.64 10.03 -11.33
N ALA A 777 1.67 10.80 -12.40
CA ALA A 777 2.90 10.92 -13.18
C ALA A 777 3.92 11.73 -12.40
N LEU A 778 5.09 11.12 -12.18
CA LEU A 778 6.12 11.73 -11.35
C LEU A 778 6.73 12.85 -12.15
N SER A 779 6.20 14.06 -11.95
CA SER A 779 6.46 15.18 -12.84
C SER A 779 7.88 15.71 -12.65
N LEU A 780 8.22 16.71 -13.46
CA LEU A 780 9.60 17.18 -13.55
C LEU A 780 10.03 17.92 -12.28
N SER A 781 9.08 18.53 -11.58
CA SER A 781 9.43 19.31 -10.40
C SER A 781 9.84 18.40 -9.23
N ASN A 782 9.52 17.11 -9.32
CA ASN A 782 9.96 16.16 -8.30
C ASN A 782 11.44 15.83 -8.43
N VAL A 783 11.96 15.72 -9.66
CA VAL A 783 13.32 15.25 -9.87
C VAL A 783 14.12 16.26 -10.67
N ALA A 784 13.78 17.55 -10.56
CA ALA A 784 14.51 18.57 -11.29
C ALA A 784 15.90 18.79 -10.71
N GLY A 785 16.12 18.41 -9.45
CA GLY A 785 17.43 18.61 -8.85
C GLY A 785 18.49 17.71 -9.43
N VAL A 786 18.09 16.51 -9.89
CA VAL A 786 19.04 15.59 -10.51
C VAL A 786 19.55 16.17 -11.82
N PHE A 787 18.68 16.86 -12.54
CA PHE A 787 19.09 17.57 -13.75
C PHE A 787 19.98 18.75 -13.40
N TYR A 788 19.76 19.37 -12.23
CA TYR A 788 20.63 20.45 -11.80
C TYR A 788 22.00 19.92 -11.42
N ILE A 789 22.05 18.69 -10.91
CA ILE A 789 23.33 18.03 -10.68
C ILE A 789 23.96 17.63 -12.01
N LEU A 790 23.12 17.27 -13.00
CA LEU A 790 23.63 16.77 -14.27
C LEU A 790 24.26 17.87 -15.11
N VAL A 791 23.55 19.01 -15.24
CA VAL A 791 24.11 20.12 -15.99
C VAL A 791 25.26 20.75 -15.21
N GLY A 792 25.14 20.80 -13.89
CA GLY A 792 26.26 21.19 -13.06
C GLY A 792 27.39 20.19 -13.10
N GLY A 793 27.09 18.93 -13.42
CA GLY A 793 28.13 17.94 -13.58
C GLY A 793 28.87 18.08 -14.89
N LEU A 794 28.15 18.36 -15.97
CA LEU A 794 28.80 18.54 -17.26
C LEU A 794 29.62 19.83 -17.30
N GLY A 795 29.05 20.92 -16.79
CA GLY A 795 29.74 22.19 -16.84
C GLY A 795 30.96 22.23 -15.93
N LEU A 796 30.94 21.45 -14.86
CA LEU A 796 32.15 21.26 -14.06
C LEU A 796 33.20 20.50 -14.85
N ALA A 797 32.77 19.53 -15.67
CA ALA A 797 33.72 18.74 -16.43
C ALA A 797 34.34 19.54 -17.57
N MET A 798 33.57 20.46 -18.17
CA MET A 798 34.10 21.27 -19.25
C MET A 798 35.13 22.27 -18.73
N LEU A 799 34.91 22.80 -17.53
CA LEU A 799 35.84 23.77 -16.96
C LEU A 799 37.12 23.10 -16.46
N VAL A 800 37.07 21.79 -16.22
CA VAL A 800 38.29 21.09 -15.81
C VAL A 800 39.01 20.54 -17.03
N ALA A 801 38.25 20.16 -18.07
CA ALA A 801 38.88 19.67 -19.30
C ALA A 801 39.64 20.78 -20.02
N LEU A 802 39.11 22.01 -19.98
CA LEU A 802 39.79 23.13 -20.63
C LEU A 802 41.08 23.51 -19.90
N ILE A 803 41.09 23.43 -18.57
CA ILE A 803 42.29 23.85 -17.85
C ILE A 803 43.31 22.74 -17.80
N GLU A 804 42.90 21.49 -18.07
CA GLU A 804 43.89 20.45 -18.34
C GLU A 804 44.54 20.69 -19.70
N PHE A 805 43.77 21.24 -20.65
CA PHE A 805 44.26 21.47 -22.01
C PHE A 805 45.34 22.54 -22.03
N CYS A 806 45.17 23.63 -21.28
CA CYS A 806 46.23 24.63 -21.20
C CYS A 806 47.39 24.11 -20.36
N TYR A 807 47.11 23.22 -19.41
CA TYR A 807 48.17 22.63 -18.61
C TYR A 807 49.03 21.66 -19.42
N LYS A 808 48.43 20.99 -20.40
CA LYS A 808 49.22 20.25 -21.37
C LYS A 808 49.97 21.20 -22.28
N SER A 809 49.35 22.32 -22.65
CA SER A 809 50.01 23.29 -23.52
C SER A 809 51.09 24.06 -22.78
N ARG A 810 51.03 24.08 -21.44
CA ARG A 810 52.13 24.66 -20.69
C ARG A 810 53.36 23.75 -20.69
N ALA A 811 53.13 22.44 -20.57
CA ALA A 811 54.22 21.48 -20.55
C ALA A 811 54.75 21.21 -21.96
N LEU A 821 53.69 16.05 -10.29
CA LEU A 821 54.35 15.86 -9.00
C LEU A 821 55.51 16.85 -8.90
N PHE A 822 55.71 17.43 -7.71
CA PHE A 822 56.65 18.54 -7.58
C PHE A 822 57.98 18.09 -6.97
N ASP A 823 57.95 17.36 -5.85
CA ASP A 823 59.20 17.08 -5.16
C ASP A 823 59.08 15.80 -4.35
N ARG A 824 60.17 15.37 -3.69
CA ARG A 824 60.17 14.18 -2.85
C ARG A 824 60.34 14.51 -1.38
N GLY A 825 61.15 15.53 -1.06
CA GLY A 825 61.27 15.95 0.32
C GLY A 825 60.13 16.86 0.75
N VAL A 826 59.51 17.54 -0.23
CA VAL A 826 58.46 18.50 0.10
C VAL A 826 57.09 17.85 -0.04
N GLN A 827 57.01 16.73 -0.77
CA GLN A 827 55.79 15.93 -0.68
C GLN A 827 55.68 15.25 0.68
N MET A 828 56.83 15.05 1.34
CA MET A 828 56.82 14.70 2.75
C MET A 828 56.29 15.86 3.58
N LEU A 829 56.61 17.09 3.19
CA LEU A 829 56.15 18.26 3.93
C LEU A 829 54.63 18.41 3.82
N LEU A 830 54.04 17.95 2.71
CA LEU A 830 52.59 17.92 2.60
C LEU A 830 51.99 16.87 3.53
N THR A 831 52.77 15.82 3.83
CA THR A 831 52.31 14.81 4.78
C THR A 831 52.48 15.29 6.22
N THR A 832 53.59 15.97 6.52
CA THR A 832 53.85 16.42 7.89
C THR A 832 52.86 17.49 8.34
N VAL A 833 52.52 18.41 7.43
CA VAL A 833 51.55 19.46 7.74
C VAL A 833 50.17 18.85 7.95
N GLY A 834 49.76 17.95 7.06
CA GLY A 834 48.44 17.34 7.17
C GLY A 834 48.32 16.40 8.36
N ALA A 835 49.44 15.80 8.78
CA ALA A 835 49.41 14.95 9.96
C ALA A 835 49.23 15.78 11.22
N PHE A 836 49.91 16.93 11.29
CA PHE A 836 49.75 17.82 12.42
C PHE A 836 48.38 18.50 12.41
N ALA A 837 47.82 18.70 11.22
CA ALA A 837 46.50 19.29 11.11
C ALA A 837 45.42 18.30 11.56
N ALA A 838 45.49 17.06 11.06
CA ALA A 838 44.47 16.08 11.37
C ALA A 838 44.55 15.62 12.81
N PHE A 839 45.74 15.68 13.42
CA PHE A 839 45.88 15.33 14.82
C PHE A 839 45.25 16.39 15.71
N SER A 840 45.43 17.67 15.38
CA SER A 840 44.82 18.73 16.17
C SER A 840 43.32 18.78 15.94
N LEU A 841 42.86 18.38 14.76
CA LEU A 841 41.42 18.39 14.49
C LEU A 841 40.72 17.23 15.21
N MET A 842 41.49 16.27 15.72
CA MET A 842 40.88 15.22 16.53
C MET A 842 40.96 15.54 18.01
N THR A 843 42.09 16.10 18.46
CA THR A 843 42.26 16.40 19.88
C THR A 843 41.36 17.54 20.32
N ILE A 844 41.14 18.52 19.44
CA ILE A 844 40.14 19.55 19.71
C ILE A 844 38.75 18.93 19.71
N ALA A 845 38.50 17.97 18.82
CA ALA A 845 37.17 17.38 18.68
C ALA A 845 36.80 16.55 19.91
N VAL A 846 37.78 15.87 20.51
CA VAL A 846 37.50 15.13 21.73
C VAL A 846 37.36 16.08 22.91
N GLY A 847 38.19 17.12 22.96
CA GLY A 847 38.09 18.10 24.03
C GLY A 847 37.16 19.26 23.73
N THR A 848 36.02 18.98 23.08
CA THR A 848 35.01 20.00 22.88
C THR A 848 33.64 19.34 23.00
N ASP A 849 32.60 20.17 23.00
CA ASP A 849 31.28 19.68 23.38
C ASP A 849 30.15 20.25 22.52
N TYR A 850 30.41 20.69 21.29
CA TYR A 850 29.33 21.21 20.47
C TYR A 850 29.05 20.30 19.27
N TRP A 851 29.00 18.99 19.51
CA TRP A 851 28.72 18.01 18.48
C TRP A 851 27.25 18.00 18.08
N LEU A 852 26.36 18.36 18.99
CA LEU A 852 24.92 18.27 18.74
C LEU A 852 24.22 19.48 19.34
N TYR A 853 23.27 20.04 18.61
CA TYR A 853 22.45 21.15 19.06
C TYR A 853 21.00 20.67 19.13
N SER A 854 20.50 20.44 20.34
CA SER A 854 19.15 19.93 20.48
C SER A 854 18.58 20.31 21.84
N ARG A 855 17.27 20.08 21.99
CA ARG A 855 16.58 20.33 23.25
C ARG A 855 17.11 19.42 24.35
N GLY A 856 17.23 19.96 25.55
CA GLY A 856 17.70 19.17 26.68
C GLY A 856 17.66 19.97 27.96
N VAL A 857 17.95 19.27 29.06
CA VAL A 857 18.01 19.88 30.38
C VAL A 857 19.47 20.17 30.73
N CYS A 858 19.66 21.17 31.57
CA CYS A 858 21.01 21.58 31.95
C CYS A 858 21.41 20.93 33.28
N LYS A 859 20.76 21.37 34.36
CA LYS A 859 20.89 20.77 35.69
C LYS A 859 19.53 20.82 36.39
N THR A 860 18.48 20.40 35.71
CA THR A 860 17.14 20.50 36.28
C THR A 860 16.88 19.34 37.23
N LYS A 861 15.81 19.47 38.00
CA LYS A 861 15.40 18.48 38.99
C LYS A 861 14.92 17.18 38.34
N VAL A 875 15.70 23.77 26.30
CA VAL A 875 16.87 24.61 26.12
C VAL A 875 17.82 23.90 25.17
N MET A 876 18.32 24.61 24.17
CA MET A 876 19.35 24.05 23.29
C MET A 876 20.63 23.85 24.08
N THR A 877 21.26 22.71 23.89
CA THR A 877 22.46 22.34 24.63
C THR A 877 23.59 22.08 23.65
N HIS A 878 24.77 22.59 23.96
CA HIS A 878 25.97 22.04 23.35
C HIS A 878 26.14 20.64 23.90
N SER A 879 26.08 19.63 23.04
CA SER A 879 26.22 18.24 23.44
C SER A 879 27.45 17.65 22.80
N GLY A 880 28.13 16.76 23.54
CA GLY A 880 29.39 16.20 23.07
C GLY A 880 29.49 14.73 23.43
N LEU A 881 30.74 14.25 23.44
CA LEU A 881 30.99 12.86 23.80
C LEU A 881 30.77 12.61 25.28
N TRP A 882 31.42 13.41 26.13
CA TRP A 882 31.43 13.17 27.57
C TRP A 882 30.50 14.10 28.34
N ARG A 883 30.58 15.39 28.10
CA ARG A 883 29.80 16.37 28.85
C ARG A 883 28.93 17.17 27.89
N THR A 884 27.81 17.67 28.42
CA THR A 884 26.90 18.51 27.66
C THR A 884 26.58 19.77 28.47
N CYS A 885 26.56 20.91 27.79
CA CYS A 885 26.44 22.20 28.43
C CYS A 885 25.45 23.06 27.66
N CYS A 886 24.41 23.54 28.34
CA CYS A 886 23.46 24.39 27.65
C CYS A 886 23.91 25.84 27.67
N LEU A 887 23.22 26.66 26.88
CA LEU A 887 23.50 28.08 26.77
C LEU A 887 22.20 28.88 26.85
N GLU A 888 22.23 29.95 27.64
CA GLU A 888 21.14 30.93 27.80
C GLU A 888 19.84 30.27 28.25
N GLY A 889 19.95 29.29 29.13
CA GLY A 889 18.80 28.63 29.71
C GLY A 889 18.42 29.27 31.04
N ASN A 890 17.82 28.45 31.90
CA ASN A 890 17.61 28.87 33.28
C ASN A 890 18.94 28.95 34.04
N PHE A 891 19.90 28.11 33.65
CA PHE A 891 21.25 28.17 34.19
C PHE A 891 22.23 27.90 33.05
N LYS A 892 22.93 28.93 32.61
CA LYS A 892 23.89 28.82 31.52
C LYS A 892 25.25 28.44 32.10
N GLY A 893 25.85 27.39 31.55
CA GLY A 893 27.16 26.94 31.97
C GLY A 893 27.17 25.74 32.90
N LEU A 894 26.04 25.39 33.50
CA LEU A 894 25.97 24.17 34.29
C LEU A 894 26.00 22.96 33.36
N CYS A 895 26.97 22.08 33.57
CA CYS A 895 27.23 20.97 32.67
C CYS A 895 27.00 19.67 33.43
N LYS A 896 26.31 18.72 32.80
CA LYS A 896 26.18 17.37 33.32
C LYS A 896 26.88 16.41 32.38
N GLN A 897 27.52 15.40 32.95
CA GLN A 897 28.09 14.35 32.12
C GLN A 897 26.97 13.51 31.51
N ILE A 898 26.97 13.43 30.18
CA ILE A 898 25.92 12.69 29.49
C ILE A 898 26.13 11.19 29.73
N ASP A 899 25.04 10.49 30.03
CA ASP A 899 25.08 9.10 30.45
C ASP A 899 24.15 8.27 29.59
N HIS A 900 24.45 6.97 29.51
CA HIS A 900 23.62 6.05 28.75
C HIS A 900 22.47 5.47 29.58
N PHE A 901 22.41 5.75 30.87
CA PHE A 901 21.30 5.27 31.70
C PHE A 901 20.64 6.40 32.50
N PRO A 902 19.86 7.26 31.84
CA PRO A 902 19.01 8.18 32.62
C PRO A 902 17.79 7.47 33.19
N GLU A 903 17.16 6.62 32.38
CA GLU A 903 15.94 5.91 32.74
C GLU A 903 16.23 4.42 32.88
N ASP A 904 15.47 3.76 33.75
CA ASP A 904 15.69 2.34 33.99
C ASP A 904 15.12 1.53 32.83
N ALA A 905 15.97 0.73 32.20
CA ALA A 905 15.58 -0.08 31.05
C ALA A 905 16.10 -1.49 31.24
N ASP A 906 15.91 -2.31 30.20
CA ASP A 906 16.53 -3.62 30.17
C ASP A 906 18.04 -3.50 30.04
N TYR A 907 18.77 -4.45 30.62
CA TYR A 907 20.23 -4.40 30.59
C TYR A 907 20.76 -4.62 29.17
N GLU A 908 20.52 -5.80 28.61
CA GLU A 908 20.85 -6.09 27.23
C GLU A 908 19.54 -6.27 26.47
N ALA A 909 19.26 -5.34 25.56
CA ALA A 909 18.02 -5.42 24.79
C ALA A 909 18.11 -6.53 23.74
N ASP A 910 19.22 -6.59 23.01
CA ASP A 910 19.46 -7.70 22.08
C ASP A 910 20.93 -8.14 22.13
N THR A 911 21.62 -7.80 23.23
CA THR A 911 23.03 -7.96 23.58
C THR A 911 23.91 -6.98 22.78
N ALA A 912 23.33 -6.31 21.79
CA ALA A 912 24.08 -5.34 20.99
C ALA A 912 23.73 -3.92 21.39
N GLU A 913 22.53 -3.72 21.94
CA GLU A 913 22.13 -2.39 22.39
C GLU A 913 22.93 -1.99 23.63
N TYR A 914 23.22 -2.95 24.51
CA TYR A 914 24.09 -2.68 25.64
C TYR A 914 25.52 -2.41 25.17
N PHE A 915 25.93 -3.05 24.07
CA PHE A 915 27.22 -2.73 23.46
C PHE A 915 27.23 -1.31 22.91
N LEU A 916 26.13 -0.92 22.26
CA LEU A 916 26.08 0.37 21.57
C LEU A 916 26.10 1.52 22.57
N ARG A 917 25.44 1.36 23.70
CA ARG A 917 25.48 2.40 24.72
C ARG A 917 26.80 2.36 25.49
N ALA A 918 27.48 1.20 25.50
CA ALA A 918 28.80 1.12 26.13
C ALA A 918 29.86 1.72 25.23
N VAL A 919 29.69 1.56 23.91
CA VAL A 919 30.60 2.20 22.97
C VAL A 919 30.37 3.70 22.95
N ARG A 920 29.10 4.13 23.06
CA ARG A 920 28.77 5.55 22.97
C ARG A 920 29.28 6.33 24.18
N ALA A 921 28.91 5.91 25.39
CA ALA A 921 29.29 6.66 26.59
C ALA A 921 30.79 6.54 26.84
N SER A 922 31.29 5.32 27.02
CA SER A 922 32.72 5.06 27.06
C SER A 922 33.24 5.06 25.63
N SER A 923 33.48 6.25 25.11
CA SER A 923 33.80 6.43 23.70
C SER A 923 35.24 6.02 23.44
N ILE A 924 35.43 4.95 22.67
CA ILE A 924 36.76 4.41 22.45
C ILE A 924 37.18 4.58 20.99
N PHE A 925 36.21 4.61 20.07
CA PHE A 925 36.56 4.79 18.66
C PHE A 925 37.04 6.22 18.33
N PRO A 926 36.51 7.30 18.91
CA PRO A 926 37.24 8.57 18.78
C PRO A 926 38.58 8.58 19.48
N ILE A 927 38.71 7.86 20.60
CA ILE A 927 39.99 7.82 21.31
C ILE A 927 41.00 6.96 20.54
N LEU A 928 40.54 5.86 19.93
CA LEU A 928 41.44 5.06 19.11
C LEU A 928 41.86 5.81 17.85
N SER A 929 41.04 6.75 17.39
CA SER A 929 41.41 7.59 16.27
C SER A 929 42.55 8.52 16.64
N VAL A 930 42.56 9.01 17.88
CA VAL A 930 43.59 9.96 18.30
C VAL A 930 44.92 9.23 18.53
N ILE A 931 44.86 8.04 19.12
CA ILE A 931 46.07 7.31 19.50
C ILE A 931 46.80 6.80 18.26
N LEU A 932 46.07 6.21 17.31
CA LEU A 932 46.68 5.71 16.08
C LEU A 932 47.25 6.86 15.24
N LEU A 933 46.61 8.03 15.29
CA LEU A 933 47.13 9.19 14.59
C LEU A 933 48.33 9.77 15.33
N PHE A 934 48.39 9.56 16.65
CA PHE A 934 49.55 9.99 17.42
C PHE A 934 50.73 9.04 17.19
N MET A 935 50.45 7.76 16.94
CA MET A 935 51.53 6.84 16.61
C MET A 935 52.00 7.06 15.18
N GLY A 936 51.08 7.41 14.28
CA GLY A 936 51.46 7.71 12.92
C GLY A 936 52.17 9.05 12.80
N GLY A 937 51.84 9.99 13.69
CA GLY A 937 52.51 11.27 13.68
C GLY A 937 53.95 11.19 14.16
N LEU A 938 54.21 10.35 15.16
CA LEU A 938 55.59 10.12 15.59
C LEU A 938 56.35 9.28 14.56
N CYS A 939 55.64 8.42 13.83
CA CYS A 939 56.28 7.60 12.83
C CYS A 939 56.79 8.43 11.66
N ILE A 940 56.03 9.48 11.29
CA ILE A 940 56.49 10.40 10.26
C ILE A 940 57.71 11.19 10.72
N ALA A 941 57.70 11.67 11.97
CA ALA A 941 58.81 12.48 12.48
C ALA A 941 60.05 11.64 12.71
N ALA A 942 59.90 10.33 12.85
CA ALA A 942 61.02 9.42 12.99
C ALA A 942 61.54 8.90 11.66
N SER A 943 61.41 9.67 10.58
CA SER A 943 61.94 9.22 9.30
C SER A 943 63.46 9.33 9.25
N GLU A 944 64.02 10.42 9.80
CA GLU A 944 65.47 10.56 9.82
C GLU A 944 66.09 9.66 10.87
N PHE A 945 65.34 9.31 11.92
CA PHE A 945 65.80 8.32 12.88
C PHE A 945 65.63 6.93 12.28
N TYR A 946 66.69 6.12 12.41
CA TYR A 946 66.82 4.84 11.71
C TYR A 946 66.62 5.00 10.21
N LYS A 947 67.53 5.77 9.60
CA LYS A 947 67.43 6.05 8.17
C LYS A 947 67.72 4.79 7.37
N THR A 948 67.01 4.65 6.25
CA THR A 948 67.09 3.64 5.18
C THR A 948 66.52 2.31 5.69
N ARG A 949 65.57 2.34 6.63
CA ARG A 949 64.73 1.16 6.81
C ARG A 949 63.84 0.93 5.60
N HIS A 950 63.42 2.05 4.96
CA HIS A 950 62.40 2.13 3.89
C HIS A 950 61.19 1.23 4.16
N ASN A 951 60.76 1.20 5.42
CA ASN A 951 59.48 0.66 5.83
C ASN A 951 58.76 1.57 6.81
N ILE A 952 59.40 2.67 7.22
CA ILE A 952 58.80 3.62 8.15
C ILE A 952 57.58 4.29 7.51
N ILE A 953 57.70 4.70 6.26
CA ILE A 953 56.62 5.44 5.61
C ILE A 953 55.49 4.50 5.22
N LEU A 954 55.81 3.22 4.99
CA LEU A 954 54.75 2.22 4.87
C LEU A 954 54.06 1.99 6.20
N SER A 955 54.85 1.95 7.29
CA SER A 955 54.27 1.70 8.60
C SER A 955 53.48 2.89 9.11
N ALA A 956 53.77 4.08 8.57
CA ALA A 956 53.02 5.27 8.97
C ALA A 956 51.62 5.26 8.36
N GLY A 957 51.50 4.84 7.10
CA GLY A 957 50.22 4.86 6.43
C GLY A 957 49.24 3.84 6.99
N ILE A 958 49.76 2.77 7.59
CA ILE A 958 48.87 1.75 8.14
C ILE A 958 48.27 2.23 9.45
N PHE A 959 48.85 3.27 10.06
CA PHE A 959 48.18 3.95 11.16
C PHE A 959 47.17 4.96 10.65
N PHE A 960 47.54 5.71 9.59
CA PHE A 960 46.73 6.83 9.13
C PHE A 960 45.39 6.38 8.56
N VAL A 961 45.37 5.22 7.89
CA VAL A 961 44.10 4.72 7.36
C VAL A 961 43.27 4.11 8.47
N SER A 962 43.91 3.40 9.40
CA SER A 962 43.21 2.81 10.53
C SER A 962 42.69 3.87 11.48
N ALA A 963 43.39 5.01 11.56
CA ALA A 963 42.87 6.13 12.35
C ALA A 963 41.66 6.76 11.66
N GLY A 964 41.58 6.62 10.34
CA GLY A 964 40.35 7.00 9.65
C GLY A 964 39.25 5.98 9.84
N LEU A 965 39.59 4.69 9.84
CA LEU A 965 38.59 3.64 9.95
C LEU A 965 37.98 3.61 11.35
N SER A 966 38.77 3.93 12.37
CA SER A 966 38.21 4.07 13.71
C SER A 966 37.33 5.30 13.79
N ASN A 967 37.64 6.31 12.98
CA ASN A 967 36.88 7.57 13.05
C ASN A 967 35.52 7.42 12.38
N ILE A 968 35.45 6.67 11.28
CA ILE A 968 34.20 6.59 10.52
C ILE A 968 33.18 5.72 11.25
N ILE A 969 33.63 4.69 11.95
CA ILE A 969 32.71 3.90 12.76
C ILE A 969 32.36 4.66 14.03
N GLY A 970 33.23 5.60 14.44
CA GLY A 970 32.90 6.47 15.54
C GLY A 970 31.82 7.47 15.18
N ILE A 971 31.75 7.83 13.90
CA ILE A 971 30.66 8.67 13.41
C ILE A 971 29.35 7.89 13.47
N ILE A 972 29.40 6.59 13.18
CA ILE A 972 28.18 5.79 13.12
C ILE A 972 27.61 5.54 14.50
N VAL A 973 28.47 5.15 15.45
CA VAL A 973 27.99 4.82 16.79
C VAL A 973 27.54 6.07 17.53
N TYR A 974 28.01 7.24 17.10
CA TYR A 974 27.47 8.47 17.65
C TYR A 974 26.06 8.73 17.13
N ILE A 975 25.88 8.65 15.80
CA ILE A 975 24.61 9.02 15.18
C ILE A 975 23.53 7.98 15.48
N SER A 976 23.92 6.70 15.55
CA SER A 976 22.96 5.64 15.88
C SER A 976 22.48 5.72 17.32
N ALA A 977 23.29 6.31 18.20
CA ALA A 977 22.92 6.42 19.60
C ALA A 977 21.87 7.51 19.81
N ASN A 978 21.96 8.59 19.06
CA ASN A 978 21.07 9.75 19.25
C ASN A 978 19.73 9.59 18.55
N ALA A 979 19.29 8.36 18.33
CA ALA A 979 17.95 8.14 17.76
C ALA A 979 16.86 8.53 18.75
N GLY A 980 16.98 8.09 20.00
CA GLY A 980 16.04 8.43 21.04
C GLY A 980 14.68 7.76 20.89
N LYS A 988 8.45 13.31 18.47
CA LYS A 988 9.88 13.63 18.41
C LYS A 988 10.12 15.09 18.77
N LYS A 989 10.09 15.95 17.75
CA LYS A 989 10.22 17.41 17.79
C LYS A 989 11.56 17.85 18.38
N ASN A 990 12.59 17.00 18.34
CA ASN A 990 13.88 17.38 18.92
C ASN A 990 14.63 18.30 17.98
N SER A 991 14.62 17.99 16.67
CA SER A 991 15.29 18.72 15.60
C SER A 991 16.79 18.89 15.89
N TYR A 992 17.45 17.74 16.01
CA TYR A 992 18.86 17.75 16.37
C TYR A 992 19.73 18.16 15.19
N SER A 993 20.67 19.07 15.45
CA SER A 993 21.57 19.60 14.44
C SER A 993 23.00 19.43 14.92
N TYR A 994 23.92 19.21 13.98
CA TYR A 994 25.26 18.78 14.36
C TYR A 994 26.19 19.97 14.60
N GLY A 995 25.80 21.16 14.19
CA GLY A 995 26.60 22.34 14.45
C GLY A 995 27.86 22.41 13.61
N TRP A 996 29.03 22.53 14.25
CA TRP A 996 30.26 22.71 13.48
C TRP A 996 31.37 21.74 13.87
N SER A 997 31.42 21.31 15.13
CA SER A 997 32.54 20.47 15.57
C SER A 997 32.44 19.06 15.03
N PHE A 998 31.22 18.58 14.78
CA PHE A 998 31.04 17.30 14.12
C PHE A 998 31.60 17.33 12.72
N TYR A 999 31.39 18.44 12.00
CA TYR A 999 31.95 18.57 10.67
C TYR A 999 33.45 18.87 10.74
N PHE A 1000 33.91 19.45 11.84
CA PHE A 1000 35.35 19.64 12.00
C PHE A 1000 36.05 18.32 12.25
N GLY A 1001 35.42 17.43 13.01
CA GLY A 1001 35.95 16.08 13.16
C GLY A 1001 35.78 15.25 11.89
N ALA A 1002 34.70 15.51 11.15
CA ALA A 1002 34.50 14.81 9.89
C ALA A 1002 35.46 15.31 8.82
N LEU A 1003 35.90 16.57 8.94
CA LEU A 1003 36.96 17.08 8.07
C LEU A 1003 38.26 16.36 8.33
N SER A 1004 38.51 15.97 9.59
CA SER A 1004 39.74 15.27 9.92
C SER A 1004 39.76 13.86 9.36
N PHE A 1005 38.58 13.29 9.13
CA PHE A 1005 38.51 11.99 8.49
C PHE A 1005 38.96 12.06 7.03
N ILE A 1006 38.58 13.11 6.32
CA ILE A 1006 38.96 13.24 4.91
C ILE A 1006 40.45 13.56 4.80
N ILE A 1007 40.98 14.33 5.76
CA ILE A 1007 42.41 14.63 5.78
C ILE A 1007 43.20 13.36 6.08
N ALA A 1008 42.71 12.53 7.00
CA ALA A 1008 43.44 11.33 7.39
C ALA A 1008 43.50 10.30 6.27
N GLU A 1009 42.50 10.31 5.39
CA GLU A 1009 42.56 9.45 4.21
C GLU A 1009 43.54 10.00 3.19
N MET A 1010 43.51 11.33 2.98
CA MET A 1010 44.33 11.93 1.94
C MET A 1010 45.80 11.97 2.33
N VAL A 1011 46.10 12.24 3.60
CA VAL A 1011 47.47 12.14 4.09
C VAL A 1011 47.92 10.68 4.07
N GLY A 1012 46.97 9.76 4.28
CA GLY A 1012 47.30 8.34 4.25
C GLY A 1012 47.73 7.84 2.88
N VAL A 1013 47.12 8.39 1.82
CA VAL A 1013 47.51 7.99 0.46
C VAL A 1013 48.87 8.58 0.10
N LEU A 1014 49.10 9.85 0.46
CA LEU A 1014 50.35 10.52 0.13
C LEU A 1014 51.52 9.91 0.90
N ALA A 1015 51.24 9.29 2.05
CA ALA A 1015 52.25 8.48 2.70
C ALA A 1015 52.51 7.19 1.92
N VAL A 1016 51.45 6.59 1.35
CA VAL A 1016 51.64 5.37 0.57
C VAL A 1016 52.34 5.68 -0.74
N HIS A 1017 51.93 6.76 -1.42
CA HIS A 1017 52.58 7.14 -2.67
C HIS A 1017 54.01 7.63 -2.44
N MET A 1018 54.30 8.10 -1.22
CA MET A 1018 55.69 8.32 -0.84
C MET A 1018 56.45 7.00 -0.74
N PHE A 1019 55.77 5.94 -0.29
CA PHE A 1019 56.43 4.63 -0.19
C PHE A 1019 56.57 3.98 -1.56
N ILE A 1020 55.62 4.22 -2.46
CA ILE A 1020 55.70 3.67 -3.81
C ILE A 1020 56.86 4.27 -4.57
N ASP A 1021 57.06 5.58 -4.42
CA ASP A 1021 58.21 6.23 -5.04
C ASP A 1021 59.51 5.83 -4.32
N ARG A 1022 59.41 5.40 -3.06
CA ARG A 1022 60.61 5.13 -2.28
C ARG A 1022 61.34 3.89 -2.78
N HIS A 1023 60.63 2.76 -2.88
CA HIS A 1023 61.29 1.54 -3.32
C HIS A 1023 61.44 1.52 -4.84
N LYS A 1024 60.76 2.42 -5.54
CA LYS A 1024 61.02 2.59 -6.97
C LYS A 1024 62.36 3.29 -7.19
N GLN A 1025 62.74 4.20 -6.30
CA GLN A 1025 64.06 4.81 -6.38
C GLN A 1025 65.15 3.85 -5.90
N LEU A 1026 64.76 2.75 -5.25
CA LEU A 1026 65.74 1.72 -4.88
C LEU A 1026 66.15 0.89 -6.09
N THR A 1027 65.20 0.55 -6.96
CA THR A 1027 65.36 -0.37 -8.11
C THR A 1027 66.03 -1.70 -7.75
N THR B 385 -37.84 6.30 51.81
CA THR B 385 -36.70 6.52 50.93
C THR B 385 -35.80 5.29 50.91
N VAL B 386 -35.53 4.77 49.72
CA VAL B 386 -34.68 3.59 49.60
C VAL B 386 -33.22 3.99 49.64
N VAL B 387 -32.45 3.34 50.51
CA VAL B 387 -31.06 3.69 50.76
C VAL B 387 -30.18 2.88 49.81
N VAL B 388 -29.40 3.58 49.00
CA VAL B 388 -28.39 2.97 48.13
C VAL B 388 -27.04 3.15 48.80
N THR B 389 -26.37 2.05 49.11
CA THR B 389 -25.01 2.13 49.61
C THR B 389 -24.04 1.74 48.48
N THR B 390 -23.05 2.58 48.26
CA THR B 390 -22.06 2.40 47.21
C THR B 390 -20.67 2.65 47.78
N ILE B 391 -19.67 2.23 47.01
CA ILE B 391 -18.28 2.49 47.34
C ILE B 391 -17.71 3.37 46.23
N LEU B 392 -16.74 4.21 46.56
CA LEU B 392 -16.24 5.22 45.62
C LEU B 392 -15.09 4.60 44.85
N GLU B 393 -15.35 4.26 43.59
CA GLU B 393 -14.34 3.72 42.71
C GLU B 393 -14.68 4.08 41.28
N SER B 394 -13.70 4.59 40.54
CA SER B 394 -13.91 4.93 39.14
C SER B 394 -13.99 3.66 38.31
N PRO B 395 -14.79 3.66 37.24
CA PRO B 395 -15.75 4.69 36.81
C PRO B 395 -17.16 4.41 37.31
N TYR B 396 -17.29 3.65 38.39
CA TYR B 396 -18.61 3.24 38.84
C TYR B 396 -19.23 4.29 39.74
N VAL B 397 -18.45 4.84 40.66
CA VAL B 397 -18.84 6.01 41.43
C VAL B 397 -17.70 6.99 41.38
N MET B 398 -17.93 8.15 40.76
CA MET B 398 -16.92 9.19 40.66
C MET B 398 -17.47 10.48 41.20
N MET B 399 -16.75 11.07 42.15
CA MET B 399 -17.07 12.40 42.65
C MET B 399 -16.87 13.42 41.54
N LYS B 400 -17.97 14.04 41.10
CA LYS B 400 -17.91 15.03 40.02
C LYS B 400 -17.12 16.26 40.45
N LYS B 401 -16.49 16.92 39.48
CA LYS B 401 -15.54 17.99 39.78
C LYS B 401 -16.23 19.23 40.36
N ASN B 402 -17.55 19.33 40.18
CA ASN B 402 -18.34 20.40 40.77
C ASN B 402 -19.02 19.97 42.08
N HIS B 403 -18.38 19.11 42.88
CA HIS B 403 -19.03 18.60 44.08
C HIS B 403 -19.01 19.63 45.20
N GLU B 404 -18.21 20.69 45.06
CA GLU B 404 -18.10 21.70 46.10
C GLU B 404 -19.38 22.52 46.20
N MET B 405 -19.99 22.83 45.05
CA MET B 405 -21.26 23.53 45.07
C MET B 405 -22.44 22.56 45.17
N LEU B 406 -22.43 21.52 44.34
CA LEU B 406 -23.57 20.63 44.22
C LEU B 406 -23.71 19.74 45.46
N GLU B 407 -24.94 19.26 45.67
CA GLU B 407 -25.29 18.44 46.83
C GLU B 407 -26.48 17.57 46.49
N GLY B 408 -26.40 16.29 46.83
CA GLY B 408 -27.46 15.34 46.58
C GLY B 408 -27.01 14.18 45.72
N ASN B 409 -27.99 13.49 45.15
CA ASN B 409 -27.69 12.33 44.30
C ASN B 409 -27.08 12.74 42.98
N GLU B 410 -27.36 13.97 42.52
CA GLU B 410 -26.81 14.45 41.27
C GLU B 410 -25.34 14.85 41.39
N ARG B 411 -24.84 14.94 42.62
CA ARG B 411 -23.43 15.26 42.84
C ARG B 411 -22.53 14.13 42.37
N TYR B 412 -22.94 12.88 42.57
CA TYR B 412 -22.16 11.73 42.14
C TYR B 412 -22.53 11.35 40.72
N GLU B 413 -21.55 10.94 39.93
CA GLU B 413 -21.80 10.40 38.60
C GLU B 413 -20.85 9.25 38.32
N GLY B 414 -21.40 8.14 37.84
CA GLY B 414 -20.60 6.99 37.45
C GLY B 414 -21.46 6.02 36.69
N TYR B 415 -20.93 4.81 36.51
CA TYR B 415 -21.72 3.79 35.83
C TYR B 415 -22.80 3.23 36.72
N CYS B 416 -22.48 2.95 37.99
CA CYS B 416 -23.49 2.45 38.92
C CYS B 416 -24.49 3.54 39.26
N VAL B 417 -24.06 4.80 39.25
CA VAL B 417 -24.96 5.93 39.48
C VAL B 417 -25.95 6.05 38.34
N ASP B 418 -25.48 5.86 37.10
CA ASP B 418 -26.40 5.81 35.98
C ASP B 418 -27.26 4.55 36.04
N LEU B 419 -26.70 3.46 36.58
CA LEU B 419 -27.47 2.23 36.69
C LEU B 419 -28.54 2.34 37.77
N ALA B 420 -28.21 2.97 38.89
CA ALA B 420 -29.17 3.09 40.00
C ALA B 420 -30.33 4.01 39.63
N ALA B 421 -30.10 4.94 38.70
CA ALA B 421 -31.19 5.78 38.22
C ALA B 421 -32.15 4.99 37.36
N GLU B 422 -31.64 4.02 36.60
CA GLU B 422 -32.49 3.28 35.66
C GLU B 422 -33.30 2.21 36.38
N ILE B 423 -32.78 1.69 37.50
CA ILE B 423 -33.56 0.77 38.31
C ILE B 423 -34.73 1.52 38.97
N ALA B 424 -34.51 2.79 39.30
CA ALA B 424 -35.56 3.59 39.92
C ALA B 424 -36.67 3.91 38.94
N LYS B 425 -36.35 3.95 37.65
CA LYS B 425 -37.37 4.27 36.65
C LYS B 425 -38.30 3.09 36.41
N HIS B 426 -37.75 1.87 36.33
CA HIS B 426 -38.57 0.71 35.99
C HIS B 426 -39.29 0.17 37.22
N CYS B 427 -38.83 0.53 38.41
CA CYS B 427 -39.51 0.10 39.63
C CYS B 427 -40.45 1.19 40.14
N GLY B 428 -39.97 2.43 40.17
CA GLY B 428 -40.81 3.56 40.54
C GLY B 428 -40.58 4.10 41.93
N PHE B 429 -39.31 4.24 42.34
CA PHE B 429 -39.00 4.71 43.69
C PHE B 429 -38.00 5.85 43.60
N LYS B 430 -37.73 6.44 44.76
CA LYS B 430 -36.69 7.44 44.93
C LYS B 430 -35.58 6.87 45.81
N TYR B 431 -34.41 7.48 45.71
CA TYR B 431 -33.23 6.93 46.38
C TYR B 431 -32.29 8.05 46.83
N LYS B 432 -31.50 7.73 47.84
CA LYS B 432 -30.48 8.63 48.37
C LYS B 432 -29.14 7.92 48.36
N LEU B 433 -28.18 8.44 47.61
CA LEU B 433 -26.90 7.77 47.41
C LEU B 433 -26.03 7.95 48.63
N THR B 434 -25.56 6.85 49.20
CA THR B 434 -24.71 6.87 50.37
C THR B 434 -23.39 6.17 50.04
N ILE B 435 -22.31 6.92 50.10
CA ILE B 435 -20.98 6.31 50.12
C ILE B 435 -20.80 5.68 51.49
N VAL B 436 -20.29 4.45 51.52
CA VAL B 436 -20.04 3.79 52.80
C VAL B 436 -18.88 4.50 53.49
N GLY B 437 -19.03 4.71 54.80
CA GLY B 437 -17.97 5.37 55.55
C GLY B 437 -16.76 4.49 55.75
N ASP B 438 -16.95 3.17 55.70
CA ASP B 438 -15.83 2.25 55.87
C ASP B 438 -14.95 2.22 54.63
N GLY B 439 -15.56 2.29 53.45
CA GLY B 439 -14.79 2.19 52.22
C GLY B 439 -14.27 0.80 51.93
N LYS B 440 -14.92 -0.24 52.45
CA LYS B 440 -14.50 -1.61 52.26
C LYS B 440 -15.62 -2.40 51.61
N TYR B 441 -15.25 -3.42 50.83
CA TYR B 441 -16.25 -4.35 50.33
C TYR B 441 -16.71 -5.27 51.44
N GLY B 442 -17.85 -5.92 51.20
CA GLY B 442 -18.42 -6.81 52.20
C GLY B 442 -17.64 -8.08 52.43
N ALA B 443 -16.93 -8.15 53.54
CA ALA B 443 -16.23 -9.36 53.95
C ALA B 443 -16.56 -9.62 55.41
N ARG B 444 -16.39 -10.85 55.84
CA ARG B 444 -16.66 -11.23 57.22
C ARG B 444 -15.34 -11.35 57.96
N ASP B 445 -15.19 -10.54 59.00
CA ASP B 445 -14.07 -10.69 59.92
C ASP B 445 -14.20 -12.02 60.64
N ALA B 446 -13.16 -12.86 60.52
CA ALA B 446 -13.32 -14.31 60.67
C ALA B 446 -13.66 -14.71 62.11
N ASP B 447 -12.89 -14.23 63.08
CA ASP B 447 -13.14 -14.61 64.47
C ASP B 447 -14.36 -13.89 65.03
N THR B 448 -14.58 -12.65 64.62
CA THR B 448 -15.66 -11.86 65.18
C THR B 448 -17.00 -12.22 64.52
N LYS B 449 -16.95 -12.80 63.31
CA LYS B 449 -18.12 -13.17 62.50
C LYS B 449 -19.04 -11.99 62.25
N ILE B 450 -18.45 -10.82 62.03
CA ILE B 450 -19.18 -9.60 61.70
C ILE B 450 -18.88 -9.25 60.25
N TRP B 451 -19.88 -8.75 59.54
CA TRP B 451 -19.69 -8.28 58.18
C TRP B 451 -19.44 -6.78 58.22
N ASN B 452 -18.36 -6.32 57.58
CA ASN B 452 -18.07 -4.90 57.47
C ASN B 452 -18.15 -4.46 56.02
N GLY B 453 -18.58 -3.23 55.80
CA GLY B 453 -18.61 -2.66 54.47
C GLY B 453 -20.03 -2.50 53.98
N MET B 454 -20.19 -2.66 52.67
CA MET B 454 -21.51 -2.45 52.06
C MET B 454 -22.45 -3.61 52.35
N VAL B 455 -21.91 -4.83 52.43
CA VAL B 455 -22.75 -5.97 52.79
C VAL B 455 -23.13 -5.90 54.26
N GLY B 456 -22.16 -5.54 55.12
CA GLY B 456 -22.45 -5.39 56.53
C GLY B 456 -23.41 -4.26 56.84
N GLU B 457 -23.51 -3.29 55.92
CA GLU B 457 -24.56 -2.31 56.00
C GLU B 457 -25.90 -2.90 55.56
N LEU B 458 -25.87 -3.82 54.59
CA LEU B 458 -27.10 -4.47 54.16
C LEU B 458 -27.55 -5.54 55.15
N VAL B 459 -26.59 -6.18 55.83
CA VAL B 459 -26.95 -7.20 56.81
C VAL B 459 -27.64 -6.56 58.01
N TYR B 460 -27.06 -5.49 58.56
CA TYR B 460 -27.52 -4.95 59.82
C TYR B 460 -28.71 -4.02 59.67
N GLY B 461 -29.27 -3.89 58.46
CA GLY B 461 -30.51 -3.17 58.25
C GLY B 461 -30.37 -1.69 58.01
N LYS B 462 -29.14 -1.19 57.83
CA LYS B 462 -28.95 0.24 57.68
C LYS B 462 -29.30 0.69 56.26
N ALA B 463 -29.06 -0.15 55.27
CA ALA B 463 -29.30 0.19 53.88
C ALA B 463 -30.35 -0.72 53.28
N ASP B 464 -30.94 -0.31 52.16
CA ASP B 464 -32.04 -1.05 51.58
C ASP B 464 -31.62 -1.78 50.31
N ILE B 465 -30.58 -1.28 49.63
CA ILE B 465 -30.14 -1.82 48.36
C ILE B 465 -28.68 -1.38 48.17
N ALA B 466 -27.94 -2.10 47.34
CA ALA B 466 -26.60 -1.68 46.95
C ALA B 466 -26.42 -1.92 45.47
N ILE B 467 -26.11 -0.87 44.73
CA ILE B 467 -25.72 -0.95 43.33
C ILE B 467 -24.24 -0.61 43.29
N ALA B 468 -23.40 -1.63 43.28
CA ALA B 468 -21.99 -1.45 43.59
C ALA B 468 -21.18 -2.42 42.75
N PRO B 469 -19.88 -2.18 42.60
CA PRO B 469 -18.99 -3.25 42.08
C PRO B 469 -18.79 -4.38 43.08
N LEU B 470 -19.85 -5.14 43.30
CA LEU B 470 -19.90 -6.12 44.37
C LEU B 470 -20.01 -7.50 43.75
N THR B 471 -18.89 -8.21 43.70
CA THR B 471 -18.84 -9.51 43.03
C THR B 471 -19.62 -10.55 43.84
N ILE B 472 -20.29 -11.45 43.13
CA ILE B 472 -21.17 -12.40 43.79
C ILE B 472 -20.35 -13.56 44.32
N THR B 473 -20.45 -13.81 45.62
CA THR B 473 -19.58 -14.78 46.28
C THR B 473 -20.44 -15.69 47.14
N LEU B 474 -19.97 -16.93 47.33
CA LEU B 474 -20.72 -17.94 48.07
C LEU B 474 -20.88 -17.56 49.53
N VAL B 475 -19.85 -16.93 50.11
CA VAL B 475 -19.94 -16.49 51.51
C VAL B 475 -20.92 -15.33 51.64
N ARG B 476 -21.09 -14.55 50.57
CA ARG B 476 -22.05 -13.46 50.59
C ARG B 476 -23.45 -13.94 50.27
N GLU B 477 -23.56 -15.01 49.48
CA GLU B 477 -24.86 -15.50 49.05
C GLU B 477 -25.59 -16.17 50.20
N GLU B 478 -24.85 -16.71 51.17
CA GLU B 478 -25.47 -17.33 52.33
C GLU B 478 -26.15 -16.30 53.22
N VAL B 479 -25.58 -15.10 53.32
CA VAL B 479 -26.09 -14.14 54.30
C VAL B 479 -27.08 -13.14 53.70
N ILE B 480 -26.92 -12.76 52.43
CA ILE B 480 -27.86 -11.83 51.81
C ILE B 480 -28.30 -12.39 50.46
N ASP B 481 -29.12 -11.61 49.75
CA ASP B 481 -29.59 -11.99 48.44
C ASP B 481 -28.82 -11.19 47.40
N PHE B 482 -28.80 -11.71 46.18
CA PHE B 482 -28.24 -11.01 45.03
C PHE B 482 -29.19 -11.10 43.87
N SER B 483 -29.13 -10.12 42.98
CA SER B 483 -29.83 -10.21 41.72
C SER B 483 -29.05 -11.09 40.76
N LYS B 484 -29.58 -11.25 39.56
CA LYS B 484 -28.79 -11.78 38.48
C LYS B 484 -27.69 -10.76 38.17
N PRO B 485 -26.48 -11.22 37.83
CA PRO B 485 -25.38 -10.27 37.61
C PRO B 485 -25.64 -9.41 36.38
N PHE B 486 -25.13 -8.18 36.41
CA PHE B 486 -25.40 -7.25 35.33
C PHE B 486 -24.21 -7.01 34.42
N MET B 487 -23.03 -7.49 34.79
CA MET B 487 -21.83 -7.22 34.03
C MET B 487 -20.81 -8.29 34.37
N SER B 488 -20.09 -8.73 33.34
CA SER B 488 -19.19 -9.86 33.47
C SER B 488 -17.75 -9.36 33.56
N LEU B 489 -16.95 -10.07 34.34
CA LEU B 489 -15.55 -9.73 34.53
C LEU B 489 -14.78 -10.97 34.92
N GLY B 490 -13.50 -11.01 34.54
CA GLY B 490 -12.65 -12.11 34.90
C GLY B 490 -11.21 -11.64 35.03
N ILE B 491 -10.35 -12.55 35.46
CA ILE B 491 -8.93 -12.26 35.53
C ILE B 491 -8.39 -12.12 34.11
N SER B 492 -7.69 -11.01 33.86
CA SER B 492 -7.23 -10.66 32.53
C SER B 492 -5.78 -10.23 32.56
N ILE B 493 -5.14 -10.32 31.40
CA ILE B 493 -3.73 -9.98 31.26
C ILE B 493 -3.64 -8.54 30.75
N MET B 494 -2.87 -7.70 31.44
CA MET B 494 -2.56 -6.36 30.98
C MET B 494 -1.07 -6.28 30.71
N ILE B 495 -0.70 -6.01 29.47
CA ILE B 495 0.68 -5.79 29.09
C ILE B 495 0.82 -4.36 28.61
N LYS B 496 2.06 -3.88 28.55
CA LYS B 496 2.37 -2.59 27.96
C LYS B 496 1.99 -2.61 26.49
N LYS B 497 1.48 -1.48 26.00
CA LYS B 497 1.04 -1.40 24.62
C LYS B 497 2.24 -1.49 23.69
N PRO B 498 2.27 -2.48 22.78
CA PRO B 498 3.48 -2.74 22.00
C PRO B 498 3.71 -1.67 20.94
N GLN B 499 4.94 -1.15 20.90
CA GLN B 499 5.34 -0.16 19.91
C GLN B 499 6.59 -0.68 19.23
N LYS B 500 6.89 -0.14 18.05
CA LYS B 500 8.09 -0.55 17.33
C LYS B 500 9.18 0.51 17.50
N SER B 501 10.22 0.16 18.24
CA SER B 501 11.32 1.08 18.50
C SER B 501 12.62 0.28 18.56
N LYS B 502 13.70 0.98 18.24
CA LYS B 502 15.06 0.42 18.17
C LYS B 502 15.15 -0.80 17.25
N PRO B 503 15.15 -0.59 15.92
CA PRO B 503 15.28 -1.73 15.01
C PRO B 503 16.64 -2.39 15.14
N GLY B 504 16.69 -3.67 14.76
CA GLY B 504 17.89 -4.45 14.99
C GLY B 504 19.06 -4.02 14.12
N VAL B 505 20.26 -4.36 14.58
CA VAL B 505 21.48 -4.06 13.82
C VAL B 505 21.48 -4.81 12.51
N PHE B 506 21.08 -6.08 12.54
CA PHE B 506 21.02 -6.93 11.35
C PHE B 506 19.60 -7.00 10.80
N SER B 507 18.87 -5.89 10.85
CA SER B 507 17.52 -5.84 10.32
C SER B 507 17.47 -5.66 8.81
N PHE B 508 18.62 -5.53 8.15
CA PHE B 508 18.63 -5.49 6.69
C PHE B 508 18.27 -6.85 6.11
N LEU B 509 18.64 -7.93 6.80
CA LEU B 509 18.32 -9.29 6.36
C LEU B 509 17.01 -9.79 6.96
N ASP B 510 16.14 -8.89 7.35
CA ASP B 510 14.82 -9.24 7.85
C ASP B 510 13.78 -9.67 6.80
N PRO B 511 13.67 -9.07 5.58
CA PRO B 511 12.60 -9.52 4.67
C PRO B 511 12.76 -10.93 4.14
N LEU B 512 13.95 -11.50 4.23
CA LEU B 512 14.11 -12.91 3.99
C LEU B 512 14.41 -13.59 5.32
N ALA B 513 13.81 -14.76 5.55
CA ALA B 513 14.00 -15.51 6.78
C ALA B 513 15.41 -16.08 6.88
N TYR B 514 15.68 -16.81 7.97
CA TYR B 514 17.03 -17.31 8.20
C TYR B 514 17.37 -18.44 7.25
N GLU B 515 16.39 -19.27 6.91
CA GLU B 515 16.68 -20.45 6.10
C GLU B 515 16.96 -20.08 4.65
N ILE B 516 16.30 -19.05 4.14
CA ILE B 516 16.46 -18.68 2.74
C ILE B 516 17.80 -17.97 2.53
N TRP B 517 18.31 -17.29 3.56
CA TRP B 517 19.67 -16.74 3.44
C TRP B 517 20.71 -17.86 3.42
N MET B 518 20.57 -18.86 4.29
CA MET B 518 21.60 -19.89 4.35
C MET B 518 21.45 -20.89 3.21
N CYS B 519 20.30 -20.89 2.53
CA CYS B 519 20.17 -21.71 1.33
C CYS B 519 20.71 -21.00 0.11
N ILE B 520 20.85 -19.67 0.18
CA ILE B 520 21.60 -18.96 -0.86
C ILE B 520 23.08 -19.31 -0.78
N VAL B 521 23.63 -19.27 0.43
CA VAL B 521 25.07 -19.46 0.62
C VAL B 521 25.48 -20.90 0.31
N PHE B 522 24.60 -21.86 0.61
CA PHE B 522 24.88 -23.24 0.22
C PHE B 522 24.78 -23.41 -1.28
N ALA B 523 23.84 -22.71 -1.92
CA ALA B 523 23.75 -22.74 -3.37
C ALA B 523 24.82 -21.86 -4.00
N TYR B 524 25.34 -20.89 -3.24
CA TYR B 524 26.45 -20.08 -3.74
C TYR B 524 27.71 -20.91 -3.94
N ILE B 525 28.05 -21.73 -2.95
CA ILE B 525 29.24 -22.56 -3.05
C ILE B 525 29.03 -23.66 -4.09
N GLY B 526 27.80 -24.18 -4.18
CA GLY B 526 27.52 -25.28 -5.08
C GLY B 526 27.57 -24.88 -6.55
N VAL B 527 27.08 -23.69 -6.87
CA VAL B 527 27.15 -23.20 -8.24
C VAL B 527 28.58 -22.87 -8.63
N SER B 528 29.36 -22.35 -7.68
CA SER B 528 30.75 -22.03 -7.95
C SER B 528 31.59 -23.27 -8.20
N VAL B 529 31.33 -24.34 -7.44
CA VAL B 529 32.08 -25.59 -7.60
C VAL B 529 31.81 -26.21 -8.96
N VAL B 530 30.55 -26.25 -9.37
CA VAL B 530 30.20 -26.83 -10.67
C VAL B 530 30.76 -25.98 -11.80
N LEU B 531 30.81 -24.65 -11.61
CA LEU B 531 31.35 -23.76 -12.63
C LEU B 531 32.86 -23.93 -12.75
N PHE B 532 33.53 -24.18 -11.62
CA PHE B 532 34.95 -24.53 -11.68
C PHE B 532 35.15 -25.92 -12.30
N LEU B 533 34.28 -26.87 -11.93
CA LEU B 533 34.45 -28.25 -12.37
C LEU B 533 34.25 -28.38 -13.87
N VAL B 534 33.15 -27.83 -14.38
CA VAL B 534 32.78 -27.96 -15.79
C VAL B 534 33.79 -27.26 -16.69
N SER B 535 34.27 -26.10 -16.27
CA SER B 535 35.17 -25.34 -17.12
C SER B 535 36.56 -25.93 -17.18
N ARG B 536 36.91 -26.85 -16.27
CA ARG B 536 38.28 -27.31 -16.19
C ARG B 536 38.49 -28.76 -16.59
N PHE B 537 37.53 -29.68 -16.37
CA PHE B 537 37.88 -31.09 -16.50
C PHE B 537 37.95 -31.50 -17.96
N SER B 538 37.29 -30.77 -18.85
CA SER B 538 37.38 -30.98 -20.29
C SER B 538 38.66 -30.34 -20.83
N PRO B 539 39.65 -31.12 -21.27
CA PRO B 539 40.91 -30.51 -21.70
C PRO B 539 40.81 -29.76 -23.02
N TYR B 540 40.26 -30.38 -24.06
CA TYR B 540 40.26 -29.81 -25.40
C TYR B 540 38.88 -29.88 -26.05
N GLN B 554 50.60 -26.22 -20.19
CA GLN B 554 49.60 -26.96 -20.92
C GLN B 554 48.51 -26.05 -21.46
N SER B 555 48.25 -26.13 -22.76
CA SER B 555 47.21 -25.29 -23.36
C SER B 555 45.82 -25.81 -23.02
N SER B 556 45.72 -27.11 -22.72
CA SER B 556 44.41 -27.72 -22.49
C SER B 556 43.83 -27.34 -21.14
N GLU B 557 44.66 -27.32 -20.10
CA GLU B 557 44.19 -27.03 -18.75
C GLU B 557 44.42 -25.59 -18.34
N SER B 558 44.94 -24.76 -19.25
CA SER B 558 44.99 -23.31 -19.08
C SER B 558 44.13 -22.59 -20.10
N THR B 559 43.21 -23.30 -20.75
CA THR B 559 42.35 -22.70 -21.76
C THR B 559 41.39 -21.69 -21.13
N ASN B 560 40.70 -22.09 -20.08
CA ASN B 560 39.86 -21.21 -19.30
C ASN B 560 40.70 -20.57 -18.20
N GLU B 561 40.25 -19.43 -17.71
CA GLU B 561 40.90 -18.78 -16.59
C GLU B 561 40.16 -18.99 -15.28
N PHE B 562 39.05 -19.72 -15.31
CA PHE B 562 38.24 -20.00 -14.12
C PHE B 562 39.00 -20.99 -13.24
N GLY B 563 39.70 -20.45 -12.24
CA GLY B 563 40.15 -21.22 -11.12
C GLY B 563 39.02 -21.37 -10.11
N ILE B 564 39.33 -22.12 -9.05
CA ILE B 564 38.36 -22.30 -7.97
C ILE B 564 38.17 -20.99 -7.20
N PHE B 565 39.22 -20.16 -7.15
CA PHE B 565 39.08 -18.86 -6.51
C PHE B 565 38.42 -17.86 -7.46
N ASN B 566 38.63 -18.01 -8.76
CA ASN B 566 37.92 -17.16 -9.73
C ASN B 566 36.45 -17.56 -9.86
N SER B 567 36.15 -18.85 -9.73
CA SER B 567 34.76 -19.29 -9.84
C SER B 567 33.92 -18.82 -8.67
N LEU B 568 34.54 -18.67 -7.50
CA LEU B 568 33.87 -18.04 -6.37
C LEU B 568 33.63 -16.56 -6.65
N TRP B 569 34.45 -15.95 -7.51
CA TRP B 569 34.34 -14.51 -7.73
C TRP B 569 33.33 -14.18 -8.81
N PHE B 570 33.23 -15.02 -9.84
CA PHE B 570 32.20 -14.79 -10.85
C PHE B 570 30.83 -15.06 -10.28
N SER B 571 30.73 -16.00 -9.35
CA SER B 571 29.44 -16.25 -8.70
C SER B 571 29.09 -15.14 -7.73
N LEU B 572 30.11 -14.44 -7.21
CA LEU B 572 29.83 -13.38 -6.25
C LEU B 572 29.31 -12.13 -6.95
N GLY B 573 29.95 -11.75 -8.06
CA GLY B 573 29.49 -10.58 -8.80
C GLY B 573 28.15 -10.81 -9.46
N ALA B 574 27.84 -12.06 -9.79
CA ALA B 574 26.53 -12.38 -10.35
C ALA B 574 25.44 -12.21 -9.29
N PHE B 575 25.74 -12.51 -8.02
CA PHE B 575 24.72 -12.37 -7.00
C PHE B 575 24.58 -10.93 -6.53
N MET B 576 25.67 -10.18 -6.55
CA MET B 576 25.62 -8.78 -6.13
C MET B 576 25.27 -7.88 -7.32
N GLN B 577 24.99 -8.51 -8.46
CA GLN B 577 24.56 -7.85 -9.70
C GLN B 577 25.59 -6.84 -10.21
N GLN B 578 26.84 -7.28 -10.30
CA GLN B 578 27.87 -6.56 -11.04
C GLN B 578 28.44 -7.48 -12.10
N GLY B 579 29.20 -6.88 -13.03
CA GLY B 579 29.78 -7.61 -14.12
C GLY B 579 31.25 -7.87 -13.89
N CYS B 580 31.59 -9.14 -13.72
CA CYS B 580 32.99 -9.52 -13.64
C CYS B 580 33.60 -9.52 -15.04
N ASP B 581 34.93 -9.41 -15.09
CA ASP B 581 35.62 -9.39 -16.38
C ASP B 581 35.62 -10.76 -17.04
N ILE B 582 35.52 -11.81 -16.23
CA ILE B 582 35.50 -13.16 -16.78
C ILE B 582 34.05 -13.57 -17.07
N SER B 583 33.89 -14.40 -18.10
CA SER B 583 32.58 -14.83 -18.53
C SER B 583 32.72 -16.23 -19.09
N PRO B 584 31.76 -17.13 -18.84
CA PRO B 584 31.90 -18.51 -19.29
C PRO B 584 31.85 -18.60 -20.80
N ARG B 585 32.55 -19.60 -21.34
CA ARG B 585 32.66 -19.77 -22.78
C ARG B 585 32.17 -21.13 -23.27
N SER B 586 32.47 -22.20 -22.53
CA SER B 586 31.96 -23.51 -22.87
C SER B 586 30.47 -23.58 -22.61
N LEU B 587 29.79 -24.46 -23.37
CA LEU B 587 28.32 -24.51 -23.36
C LEU B 587 27.78 -24.90 -22.00
N SER B 588 28.34 -25.95 -21.41
CA SER B 588 27.91 -26.36 -20.08
C SER B 588 28.40 -25.38 -19.02
N GLY B 589 29.43 -24.60 -19.33
CA GLY B 589 29.80 -23.51 -18.46
C GLY B 589 28.82 -22.35 -18.55
N ARG B 590 28.21 -22.17 -19.72
CA ARG B 590 27.22 -21.10 -19.86
C ARG B 590 25.89 -21.49 -19.25
N ILE B 591 25.62 -22.80 -19.16
CA ILE B 591 24.41 -23.27 -18.50
C ILE B 591 24.46 -22.97 -17.01
N VAL B 592 25.64 -23.12 -16.40
CA VAL B 592 25.81 -22.75 -15.00
C VAL B 592 25.66 -21.25 -14.82
N GLY B 593 26.25 -20.48 -15.74
CA GLY B 593 26.14 -19.03 -15.65
C GLY B 593 24.75 -18.53 -16.02
N GLY B 594 24.05 -19.27 -16.87
CA GLY B 594 22.74 -18.82 -17.31
C GLY B 594 21.68 -19.01 -16.24
N VAL B 595 21.67 -20.15 -15.57
CA VAL B 595 20.62 -20.45 -14.60
C VAL B 595 20.86 -19.68 -13.31
N TRP B 596 22.13 -19.49 -12.95
CA TRP B 596 22.47 -18.72 -11.75
C TRP B 596 22.09 -17.25 -11.90
N TRP B 597 22.08 -16.74 -13.12
CA TRP B 597 21.62 -15.38 -13.34
C TRP B 597 20.11 -15.27 -13.14
N PHE B 598 19.36 -16.29 -13.54
CA PHE B 598 17.91 -16.27 -13.32
C PHE B 598 17.59 -16.46 -11.85
N PHE B 599 18.50 -17.10 -11.10
CA PHE B 599 18.35 -17.19 -9.66
C PHE B 599 18.40 -15.81 -9.01
N THR B 600 19.47 -15.06 -9.30
CA THR B 600 19.70 -13.82 -8.57
C THR B 600 18.78 -12.71 -9.04
N LEU B 601 18.17 -12.89 -10.21
CA LEU B 601 17.16 -11.94 -10.66
C LEU B 601 15.90 -12.06 -9.81
N ILE B 602 15.52 -13.29 -9.47
CA ILE B 602 14.29 -13.52 -8.72
C ILE B 602 14.46 -13.13 -7.26
N ILE B 603 15.63 -13.45 -6.69
CA ILE B 603 15.85 -13.24 -5.26
C ILE B 603 15.95 -11.76 -4.92
N ILE B 604 16.77 -11.03 -5.66
CA ILE B 604 17.01 -9.62 -5.35
C ILE B 604 15.78 -8.78 -5.68
N SER B 605 14.99 -9.19 -6.66
CA SER B 605 13.72 -8.53 -6.90
C SER B 605 12.72 -8.86 -5.81
N SER B 606 12.81 -10.05 -5.21
CA SER B 606 11.92 -10.38 -4.10
C SER B 606 12.39 -9.72 -2.81
N TYR B 607 13.69 -9.45 -2.70
CA TYR B 607 14.19 -8.71 -1.54
C TYR B 607 13.69 -7.28 -1.55
N THR B 608 13.73 -6.63 -2.72
CA THR B 608 13.31 -5.24 -2.82
C THR B 608 11.78 -5.13 -2.69
N ALA B 609 11.07 -6.14 -3.17
CA ALA B 609 9.62 -6.14 -3.09
C ALA B 609 9.15 -6.29 -1.65
N ASN B 610 9.87 -7.07 -0.85
CA ASN B 610 9.38 -7.36 0.49
C ASN B 610 9.71 -6.22 1.45
N LEU B 611 10.78 -5.47 1.18
CA LEU B 611 10.99 -4.22 1.90
C LEU B 611 9.91 -3.22 1.55
N ALA B 612 9.47 -3.19 0.30
CA ALA B 612 8.43 -2.25 -0.12
C ALA B 612 7.09 -2.60 0.52
N ALA B 613 6.91 -3.85 0.95
CA ALA B 613 5.72 -4.23 1.70
C ALA B 613 5.87 -3.84 3.17
N PHE B 614 7.06 -3.99 3.74
CA PHE B 614 7.26 -3.66 5.15
C PHE B 614 7.12 -2.17 5.40
N LEU B 615 7.81 -1.37 4.59
CA LEU B 615 7.87 0.06 4.87
C LEU B 615 6.56 0.75 4.53
N THR B 616 5.73 0.12 3.70
CA THR B 616 4.40 0.64 3.43
C THR B 616 3.43 0.26 4.53
N VAL B 617 3.23 -1.03 4.75
CA VAL B 617 2.20 -1.54 5.64
C VAL B 617 2.82 -1.68 7.01
N GLU B 618 2.40 -0.87 7.96
CA GLU B 618 2.94 -1.00 9.29
C GLU B 618 1.98 -1.86 10.10
N ARG B 619 2.10 -3.17 9.90
CA ARG B 619 1.37 -4.11 10.72
C ARG B 619 1.95 -4.09 12.13
N MET B 620 1.05 -4.15 13.13
CA MET B 620 1.42 -4.03 14.53
C MET B 620 2.30 -5.21 14.96
N VAL B 621 3.08 -4.99 16.02
CA VAL B 621 3.72 -6.07 16.76
C VAL B 621 2.69 -7.14 17.12
N SER B 622 3.02 -8.38 16.81
CA SER B 622 2.19 -9.50 17.23
C SER B 622 2.13 -9.53 18.75
N PRO B 623 0.93 -9.57 19.35
CA PRO B 623 0.81 -9.48 20.81
C PRO B 623 1.49 -10.65 21.49
N ILE B 624 2.52 -10.33 22.27
CA ILE B 624 3.63 -11.25 22.53
C ILE B 624 3.21 -12.40 23.44
N GLU B 625 2.11 -12.26 24.17
CA GLU B 625 1.58 -13.40 24.91
C GLU B 625 0.07 -13.55 24.72
N SER B 626 -0.45 -14.60 25.35
CA SER B 626 -1.87 -14.88 25.53
C SER B 626 -2.00 -15.42 26.94
N ALA B 627 -3.09 -16.14 27.22
CA ALA B 627 -3.27 -16.77 28.53
C ALA B 627 -2.15 -17.77 28.83
N GLU B 628 -1.89 -18.69 27.90
CA GLU B 628 -0.89 -19.72 28.13
C GLU B 628 0.52 -19.18 27.96
N ASP B 629 0.71 -18.26 27.01
CA ASP B 629 2.07 -17.84 26.64
C ASP B 629 2.72 -16.99 27.72
N LEU B 630 1.91 -16.41 28.60
CA LEU B 630 2.47 -15.72 29.75
C LEU B 630 3.08 -16.71 30.74
N SER B 631 2.58 -17.95 30.75
CA SER B 631 3.11 -18.96 31.66
C SER B 631 4.42 -19.55 31.13
N LYS B 632 4.55 -19.70 29.81
CA LYS B 632 5.75 -20.30 29.24
C LYS B 632 6.95 -19.36 29.34
N GLN B 633 6.81 -18.13 28.83
CA GLN B 633 7.92 -17.20 28.78
C GLN B 633 8.23 -16.68 30.17
N THR B 634 9.17 -17.35 30.85
CA THR B 634 9.46 -17.02 32.24
C THR B 634 10.27 -15.73 32.36
N GLU B 635 10.86 -15.25 31.27
CA GLU B 635 11.52 -13.95 31.30
C GLU B 635 10.50 -12.81 31.32
N ILE B 636 9.24 -13.11 31.05
CA ILE B 636 8.17 -12.11 31.08
C ILE B 636 7.44 -12.27 32.40
N ALA B 637 7.78 -11.43 33.37
CA ALA B 637 7.17 -11.50 34.70
C ALA B 637 5.73 -11.04 34.65
N TYR B 638 4.97 -11.45 35.67
CA TYR B 638 3.55 -11.14 35.77
C TYR B 638 3.14 -11.22 37.23
N GLY B 639 2.32 -10.26 37.66
CA GLY B 639 2.07 -10.09 39.07
C GLY B 639 0.59 -9.93 39.38
N THR B 640 0.24 -10.40 40.58
CA THR B 640 -1.12 -10.34 41.09
C THR B 640 -1.12 -9.57 42.40
N LEU B 641 -2.34 -9.35 42.92
CA LEU B 641 -2.49 -8.61 44.17
C LEU B 641 -2.11 -9.53 45.34
N ASP B 642 -1.59 -8.91 46.42
CA ASP B 642 -1.10 -9.69 47.54
C ASP B 642 -2.23 -10.32 48.34
N SER B 643 -3.39 -9.67 48.37
CA SER B 643 -4.58 -10.21 49.02
C SER B 643 -5.80 -9.77 48.22
N GLY B 644 -6.47 -10.72 47.60
CA GLY B 644 -7.63 -10.41 46.78
C GLY B 644 -8.19 -11.65 46.11
N SER B 645 -9.14 -11.39 45.21
CA SER B 645 -9.82 -12.47 44.52
C SER B 645 -8.93 -13.15 43.49
N THR B 646 -7.98 -12.41 42.92
CA THR B 646 -7.08 -13.01 41.95
C THR B 646 -6.03 -13.88 42.64
N LYS B 647 -5.63 -13.50 43.85
CA LYS B 647 -4.66 -14.30 44.59
C LYS B 647 -5.26 -15.64 45.01
N GLU B 648 -6.53 -15.64 45.44
CA GLU B 648 -7.15 -16.87 45.90
C GLU B 648 -7.47 -17.82 44.74
N PHE B 649 -7.50 -17.30 43.51
CA PHE B 649 -7.89 -18.14 42.39
C PHE B 649 -6.76 -19.04 41.93
N PHE B 650 -5.53 -18.51 41.85
CA PHE B 650 -4.43 -19.30 41.30
C PHE B 650 -4.00 -20.42 42.24
N ARG B 651 -4.11 -20.19 43.55
CA ARG B 651 -3.85 -21.29 44.48
C ARG B 651 -4.98 -22.32 44.46
N ARG B 652 -6.22 -21.88 44.27
CA ARG B 652 -7.36 -22.78 44.20
C ARG B 652 -7.65 -23.11 42.73
N SER B 653 -6.71 -23.82 42.12
CA SER B 653 -6.81 -24.19 40.72
C SER B 653 -6.28 -25.60 40.51
N LYS B 654 -7.03 -26.37 39.74
CA LYS B 654 -6.67 -27.74 39.38
C LYS B 654 -6.24 -27.84 37.93
N ILE B 655 -6.08 -26.74 37.25
CA ILE B 655 -5.66 -26.71 35.85
C ILE B 655 -4.15 -26.57 35.82
N ALA B 656 -3.50 -27.36 34.95
CA ALA B 656 -2.04 -27.45 34.95
C ALA B 656 -1.38 -26.16 34.50
N VAL B 657 -2.07 -25.35 33.69
CA VAL B 657 -1.52 -24.07 33.25
C VAL B 657 -1.46 -23.09 34.41
N PHE B 658 -2.57 -22.96 35.14
CA PHE B 658 -2.64 -22.02 36.25
C PHE B 658 -1.83 -22.51 37.44
N ASP B 659 -1.68 -23.83 37.57
CA ASP B 659 -0.87 -24.38 38.64
C ASP B 659 0.60 -24.07 38.40
N LYS B 660 0.99 -24.00 37.12
CA LYS B 660 2.33 -23.51 36.77
C LYS B 660 2.46 -22.03 37.09
N MET B 661 1.39 -21.28 36.94
CA MET B 661 1.45 -19.84 37.19
C MET B 661 1.53 -19.54 38.69
N TRP B 662 0.87 -20.34 39.51
CA TRP B 662 0.98 -20.14 40.96
C TRP B 662 2.32 -20.62 41.48
N THR B 663 2.90 -21.63 40.83
CA THR B 663 4.23 -22.10 41.19
C THR B 663 5.29 -21.06 40.83
N TYR B 664 5.14 -20.44 39.67
CA TYR B 664 6.19 -19.54 39.16
C TYR B 664 6.24 -18.24 39.95
N MET B 665 5.09 -17.68 40.30
CA MET B 665 5.07 -16.45 41.08
C MET B 665 5.41 -16.70 42.54
N ARG B 666 5.33 -17.96 42.98
CA ARG B 666 5.74 -18.29 44.34
C ARG B 666 7.26 -18.17 44.49
N SER B 667 8.02 -18.81 43.62
CA SER B 667 9.47 -18.70 43.60
C SER B 667 9.88 -17.70 42.53
N ALA B 668 9.58 -16.42 42.79
CA ALA B 668 9.81 -15.36 41.82
C ALA B 668 10.62 -14.25 42.44
N GLU B 669 11.57 -13.72 41.66
CA GLU B 669 12.34 -12.57 42.09
C GLU B 669 12.45 -11.55 40.96
N PRO B 670 12.19 -10.26 41.22
CA PRO B 670 11.72 -9.65 42.48
C PRO B 670 10.25 -9.93 42.81
N SER B 671 9.77 -9.36 43.91
CA SER B 671 8.44 -9.68 44.42
C SER B 671 7.37 -9.10 43.51
N VAL B 672 6.49 -9.98 43.01
CA VAL B 672 5.42 -9.58 42.10
C VAL B 672 4.12 -9.27 42.83
N PHE B 673 4.06 -9.49 44.14
CA PHE B 673 2.87 -9.11 44.89
C PHE B 673 2.85 -7.60 45.10
N VAL B 674 1.73 -6.98 44.79
CA VAL B 674 1.61 -5.52 44.80
C VAL B 674 0.68 -5.10 45.92
N ARG B 675 0.83 -3.87 46.39
CA ARG B 675 -0.01 -3.37 47.45
C ARG B 675 -1.34 -2.85 46.89
N THR B 676 -1.27 -1.88 45.99
CA THR B 676 -2.45 -1.31 45.36
C THR B 676 -2.33 -1.46 43.85
N THR B 677 -3.45 -1.22 43.16
CA THR B 677 -3.46 -1.35 41.71
C THR B 677 -2.67 -0.23 41.04
N ALA B 678 -2.63 0.96 41.66
CA ALA B 678 -1.92 2.08 41.07
C ALA B 678 -0.41 1.86 41.11
N GLU B 679 0.05 1.08 42.09
CA GLU B 679 1.44 0.65 42.09
C GLU B 679 1.66 -0.45 41.05
N GLY B 680 0.69 -1.36 40.92
CA GLY B 680 0.85 -2.48 40.02
C GLY B 680 0.76 -2.10 38.56
N VAL B 681 -0.13 -1.15 38.23
CA VAL B 681 -0.22 -0.64 36.86
C VAL B 681 1.05 0.12 36.50
N ALA B 682 1.65 0.80 37.48
CA ALA B 682 2.88 1.54 37.25
C ALA B 682 4.07 0.61 36.99
N ARG B 683 4.04 -0.60 37.57
CA ARG B 683 5.15 -1.53 37.38
C ARG B 683 5.18 -2.11 35.97
N VAL B 684 4.05 -2.04 35.27
CA VAL B 684 4.01 -2.56 33.90
C VAL B 684 4.64 -1.56 32.94
N ARG B 685 4.28 -0.28 33.08
CA ARG B 685 4.70 0.73 32.11
C ARG B 685 6.19 1.06 32.24
N LYS B 686 6.80 0.77 33.40
CA LYS B 686 8.21 1.07 33.61
C LYS B 686 9.10 -0.11 33.28
N SER B 687 8.55 -1.31 33.13
CA SER B 687 9.35 -2.51 32.92
C SER B 687 9.42 -2.95 31.47
N LYS B 688 8.78 -2.19 30.57
CA LYS B 688 8.94 -2.32 29.11
C LYS B 688 8.48 -3.68 28.60
N GLY B 689 7.34 -4.15 29.10
CA GLY B 689 6.78 -5.42 28.69
C GLY B 689 7.34 -6.63 29.41
N LYS B 690 8.38 -6.46 30.21
CA LYS B 690 8.91 -7.59 30.97
C LYS B 690 7.99 -7.96 32.11
N TYR B 691 7.22 -7.00 32.62
CA TYR B 691 6.27 -7.23 33.70
C TYR B 691 4.85 -7.02 33.18
N ALA B 692 3.97 -7.98 33.49
CA ALA B 692 2.56 -7.89 33.16
C ALA B 692 1.77 -7.88 34.45
N TYR B 693 0.45 -7.68 34.33
CA TYR B 693 -0.41 -7.52 35.48
C TYR B 693 -1.69 -8.30 35.27
N LEU B 694 -2.14 -8.98 36.33
CA LEU B 694 -3.33 -9.81 36.29
C LEU B 694 -4.39 -9.17 37.16
N LEU B 695 -5.51 -8.78 36.53
CA LEU B 695 -6.49 -7.91 37.17
C LEU B 695 -7.86 -8.21 36.57
N GLU B 696 -8.87 -7.51 37.05
CA GLU B 696 -10.23 -7.72 36.57
C GLU B 696 -10.36 -7.15 35.16
N SER B 697 -11.30 -7.70 34.39
CA SER B 697 -11.49 -7.26 33.01
C SER B 697 -12.05 -5.85 32.96
N THR B 698 -12.77 -5.44 33.99
CA THR B 698 -13.38 -4.12 34.00
C THR B 698 -12.33 -3.04 34.22
N MET B 699 -11.38 -3.30 35.12
CA MET B 699 -10.33 -2.33 35.37
C MET B 699 -9.36 -2.28 34.19
N ASN B 700 -9.16 -3.41 33.52
CA ASN B 700 -8.19 -3.48 32.43
C ASN B 700 -8.67 -2.71 31.21
N GLU B 701 -9.98 -2.73 30.97
CA GLU B 701 -10.52 -1.96 29.85
C GLU B 701 -10.54 -0.48 30.18
N TYR B 702 -10.55 -0.13 31.46
CA TYR B 702 -10.63 1.27 31.85
C TYR B 702 -9.25 1.94 31.85
N ILE B 703 -8.23 1.22 32.36
CA ILE B 703 -6.86 1.72 32.35
C ILE B 703 -6.38 1.94 30.93
N GLU B 704 -6.82 1.10 30.01
CA GLU B 704 -6.45 1.24 28.59
C GLU B 704 -7.04 2.49 27.99
N GLN B 705 -8.21 2.92 28.46
CA GLN B 705 -8.82 4.13 27.92
C GLN B 705 -8.37 5.41 28.63
N ARG B 706 -7.76 5.30 29.80
CA ARG B 706 -7.24 6.48 30.49
C ARG B 706 -5.84 6.79 29.99
N LYS B 707 -5.42 8.03 30.21
CA LYS B 707 -4.01 8.39 30.02
C LYS B 707 -3.16 7.71 31.08
N PRO B 708 -1.87 7.41 30.80
CA PRO B 708 -1.02 7.64 29.63
C PRO B 708 -1.16 6.63 28.50
N CYS B 709 -2.28 5.91 28.45
CA CYS B 709 -2.78 5.19 27.27
C CYS B 709 -1.96 3.97 26.88
N ASP B 710 -0.91 3.62 27.61
CA ASP B 710 0.06 2.63 27.14
C ASP B 710 -0.16 1.22 27.69
N THR B 711 -1.37 0.66 27.55
CA THR B 711 -1.64 -0.71 27.95
C THR B 711 -2.55 -1.39 26.92
N MET B 712 -2.56 -2.72 26.98
CA MET B 712 -3.40 -3.54 26.11
C MET B 712 -3.99 -4.70 26.91
N LYS B 713 -5.24 -5.04 26.62
CA LYS B 713 -5.85 -6.24 27.17
C LYS B 713 -5.72 -7.37 26.15
N VAL B 714 -4.80 -8.29 26.42
CA VAL B 714 -4.61 -9.45 25.56
C VAL B 714 -5.30 -10.65 26.20
N GLY B 715 -5.91 -11.48 25.37
CA GLY B 715 -6.56 -12.68 25.85
C GLY B 715 -7.91 -12.39 26.47
N GLY B 716 -8.63 -13.46 26.77
CA GLY B 716 -9.94 -13.36 27.38
C GLY B 716 -9.88 -13.44 28.89
N ASN B 717 -11.03 -13.69 29.48
CA ASN B 717 -11.13 -13.87 30.91
C ASN B 717 -10.63 -15.25 31.30
N LEU B 718 -9.84 -15.33 32.38
CA LEU B 718 -9.36 -16.62 32.85
C LEU B 718 -10.43 -17.34 33.68
N ASP B 719 -11.07 -16.61 34.59
CA ASP B 719 -12.25 -17.10 35.28
C ASP B 719 -13.43 -16.22 34.90
N SER B 720 -14.59 -16.52 35.47
CA SER B 720 -15.77 -15.69 35.28
C SER B 720 -16.31 -15.25 36.62
N LYS B 721 -16.59 -13.96 36.75
CA LYS B 721 -17.22 -13.40 37.93
C LYS B 721 -18.26 -12.39 37.49
N GLY B 722 -19.10 -11.98 38.43
CA GLY B 722 -20.14 -11.03 38.10
C GLY B 722 -20.48 -10.06 39.21
N TYR B 723 -20.52 -8.78 38.86
CA TYR B 723 -21.09 -7.78 39.74
C TYR B 723 -22.61 -7.88 39.73
N GLY B 724 -23.20 -7.72 40.91
CA GLY B 724 -24.63 -7.89 41.02
C GLY B 724 -25.28 -6.94 42.00
N ILE B 725 -26.48 -6.46 41.65
CA ILE B 725 -27.22 -5.58 42.54
C ILE B 725 -27.67 -6.35 43.77
N ALA B 726 -27.24 -5.92 44.94
CA ALA B 726 -27.43 -6.67 46.17
C ALA B 726 -28.54 -6.06 47.00
N THR B 727 -29.45 -6.91 47.46
CA THR B 727 -30.51 -6.58 48.40
C THR B 727 -30.33 -7.45 49.65
N PRO B 728 -30.81 -7.03 50.81
CA PRO B 728 -30.64 -7.84 52.01
C PRO B 728 -31.48 -9.11 51.97
N LYS B 729 -31.16 -10.02 52.90
CA LYS B 729 -31.95 -11.23 53.04
C LYS B 729 -33.35 -10.88 53.53
N GLY B 730 -34.36 -11.45 52.86
CA GLY B 730 -35.73 -11.06 53.14
C GLY B 730 -36.06 -9.69 52.60
N SER B 731 -35.67 -9.41 51.36
CA SER B 731 -35.96 -8.10 50.77
C SER B 731 -37.40 -8.05 50.29
N SER B 732 -38.04 -6.91 50.52
CA SER B 732 -39.35 -6.62 49.98
C SER B 732 -39.27 -6.01 48.59
N LEU B 733 -38.09 -5.92 48.01
CA LEU B 733 -37.91 -5.32 46.69
C LEU B 733 -36.93 -6.08 45.82
N GLY B 734 -36.50 -7.28 46.22
CA GLY B 734 -35.56 -8.04 45.40
C GLY B 734 -36.19 -8.52 44.11
N THR B 735 -37.47 -8.88 44.16
CA THR B 735 -38.15 -9.35 42.95
C THR B 735 -38.45 -8.23 41.95
N PRO B 736 -38.79 -6.98 42.34
CA PRO B 736 -38.76 -5.92 41.31
C PRO B 736 -37.38 -5.57 40.81
N VAL B 737 -36.32 -5.93 41.55
CA VAL B 737 -34.97 -5.59 41.11
C VAL B 737 -34.49 -6.54 40.02
N ASN B 738 -34.58 -7.85 40.25
CA ASN B 738 -33.97 -8.79 39.30
C ASN B 738 -34.78 -8.86 38.00
N LEU B 739 -36.08 -8.59 38.08
CA LEU B 739 -36.86 -8.42 36.86
C LEU B 739 -36.42 -7.17 36.11
N ALA B 740 -35.97 -6.15 36.83
CA ALA B 740 -35.54 -4.92 36.16
C ALA B 740 -34.19 -5.11 35.49
N VAL B 741 -33.31 -5.91 36.11
CA VAL B 741 -31.99 -6.17 35.52
C VAL B 741 -32.14 -6.95 34.22
N LEU B 742 -33.02 -7.95 34.22
CA LEU B 742 -33.29 -8.71 33.00
C LEU B 742 -34.04 -7.87 31.98
N LYS B 743 -34.75 -6.83 32.42
CA LYS B 743 -35.42 -5.95 31.48
C LYS B 743 -34.42 -5.06 30.78
N LEU B 744 -33.38 -4.60 31.49
CA LEU B 744 -32.41 -3.70 30.88
C LEU B 744 -31.56 -4.40 29.85
N SER B 745 -31.30 -5.70 30.05
CA SER B 745 -30.46 -6.42 29.10
C SER B 745 -31.23 -6.78 27.83
N GLU B 746 -32.51 -7.13 27.97
CA GLU B 746 -33.31 -7.44 26.79
C GLU B 746 -33.59 -6.19 25.97
N GLN B 747 -33.78 -5.05 26.63
CA GLN B 747 -33.92 -3.79 25.92
C GLN B 747 -32.54 -3.27 25.52
N GLY B 748 -31.48 -3.93 26.00
CA GLY B 748 -30.13 -3.58 25.61
C GLY B 748 -29.47 -2.51 26.44
N VAL B 749 -30.09 -2.09 27.55
CA VAL B 749 -29.67 -0.89 28.26
C VAL B 749 -28.35 -1.10 28.97
N LEU B 750 -28.17 -2.28 29.58
CA LEU B 750 -26.90 -2.63 30.23
C LEU B 750 -25.77 -2.68 29.21
N ASP B 751 -26.07 -3.15 28.00
CA ASP B 751 -25.09 -3.06 26.93
C ASP B 751 -25.03 -1.64 26.40
N LYS B 752 -26.16 -0.91 26.43
CA LYS B 752 -26.14 0.48 25.99
C LYS B 752 -25.35 1.35 26.94
N LEU B 753 -25.55 1.16 28.26
CA LEU B 753 -24.87 2.00 29.24
C LEU B 753 -23.39 1.68 29.34
N LYS B 754 -22.97 0.53 28.80
CA LYS B 754 -21.56 0.15 28.86
C LYS B 754 -20.81 0.65 27.62
N ASN B 755 -21.28 0.32 26.42
CA ASN B 755 -20.52 0.69 25.22
C ASN B 755 -20.65 2.19 24.92
N LYS B 756 -21.60 2.87 25.56
CA LYS B 756 -21.54 4.33 25.60
C LYS B 756 -20.46 4.80 26.56
N TRP B 757 -20.49 4.30 27.80
CA TRP B 757 -19.75 4.96 28.87
C TRP B 757 -18.25 4.74 28.75
N TRP B 758 -17.82 3.49 28.58
CA TRP B 758 -16.40 3.19 28.46
C TRP B 758 -15.80 3.77 27.19
N TYR B 759 -16.62 3.98 26.15
CA TYR B 759 -16.05 4.37 24.87
C TYR B 759 -16.13 5.88 24.66
N ASP B 760 -17.31 6.47 24.86
CA ASP B 760 -17.48 7.89 24.59
C ASP B 760 -16.79 8.75 25.65
N LYS B 761 -16.80 8.31 26.91
CA LYS B 761 -16.01 8.96 27.95
C LYS B 761 -14.59 8.43 28.01
N GLY B 762 -14.17 7.66 26.99
CA GLY B 762 -12.80 7.20 26.90
C GLY B 762 -11.98 8.21 26.12
N GLU B 763 -10.97 8.77 26.79
CA GLU B 763 -10.23 9.90 26.23
C GLU B 763 -9.26 9.46 25.14
N CYS B 764 -8.66 8.30 25.29
CA CYS B 764 -7.70 7.82 24.30
C CYS B 764 -7.92 6.33 24.07
N GLY B 765 -7.48 5.84 22.92
CA GLY B 765 -7.64 4.43 22.62
C GLY B 765 -6.93 4.02 21.35
N ALA B 766 -6.70 2.71 21.24
CA ALA B 766 -6.12 2.15 20.02
C ALA B 766 -7.13 2.22 18.87
N LYS B 767 -8.42 2.15 19.19
CA LYS B 767 -9.46 2.32 18.17
C LYS B 767 -9.49 3.76 17.69
N ASP B 768 -9.15 4.71 18.57
CA ASP B 768 -9.18 6.13 18.20
C ASP B 768 -8.04 6.49 17.26
N SER B 769 -6.86 5.92 17.49
CA SER B 769 -5.64 6.36 16.83
C SER B 769 -5.15 5.41 15.75
N GLY B 770 -5.88 4.33 15.47
CA GLY B 770 -5.34 3.28 14.62
C GLY B 770 -5.39 3.61 13.14
N SER B 771 -6.25 4.55 12.75
CA SER B 771 -6.55 4.71 11.33
C SER B 771 -5.48 5.53 10.61
N LYS B 772 -4.76 6.38 11.33
CA LYS B 772 -3.81 7.27 10.67
C LYS B 772 -2.55 6.52 10.25
N GLU B 773 -1.93 6.98 9.17
CA GLU B 773 -0.76 6.33 8.60
C GLU B 773 0.00 7.35 7.76
N LYS B 774 1.23 7.65 8.17
CA LYS B 774 2.08 8.58 7.44
C LYS B 774 3.43 7.94 7.17
N THR B 775 4.23 8.62 6.35
CA THR B 775 5.46 8.04 5.83
C THR B 775 6.61 8.16 6.83
N SER B 776 7.64 7.37 6.59
CA SER B 776 8.82 7.35 7.44
C SER B 776 10.08 7.23 6.59
N ALA B 777 10.95 8.24 6.67
CA ALA B 777 12.25 8.13 6.04
C ALA B 777 13.12 7.17 6.83
N LEU B 778 14.00 6.45 6.13
CA LEU B 778 14.89 5.51 6.80
C LEU B 778 15.94 6.26 7.59
N SER B 779 16.07 5.94 8.87
CA SER B 779 17.15 6.48 9.66
C SER B 779 18.39 5.61 9.49
N LEU B 780 19.48 6.03 10.14
CA LEU B 780 20.74 5.31 9.99
C LEU B 780 20.68 3.96 10.72
N SER B 781 19.90 3.88 11.80
CA SER B 781 19.86 2.66 12.59
C SER B 781 19.12 1.52 11.88
N ASN B 782 18.38 1.86 10.82
CA ASN B 782 17.74 0.84 10.00
C ASN B 782 18.77 0.07 9.18
N VAL B 783 19.83 0.74 8.77
CA VAL B 783 20.82 0.14 7.89
C VAL B 783 22.21 0.23 8.53
N ALA B 784 22.26 0.34 9.86
CA ALA B 784 23.52 0.56 10.55
C ALA B 784 24.41 -0.68 10.53
N GLY B 785 23.82 -1.86 10.39
CA GLY B 785 24.63 -3.07 10.39
C GLY B 785 25.42 -3.24 9.10
N VAL B 786 24.91 -2.66 8.01
CA VAL B 786 25.61 -2.79 6.74
C VAL B 786 26.87 -1.94 6.75
N PHE B 787 26.85 -0.84 7.51
CA PHE B 787 28.06 -0.06 7.72
C PHE B 787 29.02 -0.77 8.66
N TYR B 788 28.50 -1.59 9.57
CA TYR B 788 29.37 -2.32 10.49
C TYR B 788 30.12 -3.43 9.77
N ILE B 789 29.43 -4.16 8.89
CA ILE B 789 30.06 -5.23 8.12
C ILE B 789 31.05 -4.65 7.11
N LEU B 790 30.75 -3.43 6.63
CA LEU B 790 31.62 -2.77 5.66
C LEU B 790 32.97 -2.42 6.27
N VAL B 791 32.96 -1.81 7.45
CA VAL B 791 34.22 -1.47 8.12
C VAL B 791 34.90 -2.72 8.63
N GLY B 792 34.11 -3.73 9.00
CA GLY B 792 34.68 -5.03 9.34
C GLY B 792 35.28 -5.72 8.14
N GLY B 793 34.72 -5.47 6.96
CA GLY B 793 35.32 -6.01 5.75
C GLY B 793 36.56 -5.25 5.32
N LEU B 794 36.67 -3.98 5.74
CA LEU B 794 37.87 -3.21 5.41
C LEU B 794 39.05 -3.62 6.25
N GLY B 795 38.86 -3.77 7.57
CA GLY B 795 39.95 -4.21 8.42
C GLY B 795 40.37 -5.64 8.15
N LEU B 796 39.42 -6.48 7.74
CA LEU B 796 39.75 -7.84 7.34
C LEU B 796 40.56 -7.86 6.06
N ALA B 797 40.27 -6.92 5.15
CA ALA B 797 41.02 -6.84 3.89
C ALA B 797 42.45 -6.41 4.15
N MET B 798 42.66 -5.44 5.04
CA MET B 798 44.01 -4.94 5.31
C MET B 798 44.81 -5.96 6.10
N LEU B 799 44.13 -6.80 6.89
CA LEU B 799 44.83 -7.77 7.72
C LEU B 799 45.43 -8.90 6.88
N VAL B 800 44.65 -9.45 5.95
CA VAL B 800 45.15 -10.57 5.18
C VAL B 800 46.13 -10.07 4.12
N ALA B 801 45.99 -8.81 3.70
CA ALA B 801 47.00 -8.19 2.84
C ALA B 801 48.32 -8.03 3.58
N LEU B 802 48.28 -7.89 4.90
CA LEU B 802 49.50 -7.76 5.67
C LEU B 802 50.20 -9.10 5.81
N ILE B 803 49.45 -10.16 6.09
CA ILE B 803 50.08 -11.44 6.40
C ILE B 803 50.47 -12.19 5.14
N GLU B 804 49.78 -11.91 4.02
CA GLU B 804 50.20 -12.50 2.74
C GLU B 804 51.50 -11.87 2.28
N PHE B 805 51.70 -10.58 2.59
CA PHE B 805 52.95 -9.91 2.31
C PHE B 805 54.10 -10.46 3.14
N CYS B 806 53.88 -10.63 4.44
CA CYS B 806 54.96 -11.05 5.33
C CYS B 806 55.32 -12.51 5.10
N TYR B 807 54.36 -13.32 4.66
CA TYR B 807 54.65 -14.72 4.38
C TYR B 807 55.50 -14.87 3.12
N LYS B 808 55.34 -13.95 2.17
CA LYS B 808 56.17 -13.99 0.97
C LYS B 808 57.58 -13.54 1.26
N SER B 809 57.74 -12.57 2.16
CA SER B 809 59.08 -12.03 2.43
C SER B 809 59.91 -13.00 3.26
N ARG B 810 59.28 -13.73 4.17
CA ARG B 810 60.01 -14.72 4.95
C ARG B 810 60.43 -15.90 4.09
N ALA B 811 59.56 -16.32 3.17
CA ALA B 811 59.85 -17.44 2.29
C ALA B 811 60.83 -17.03 1.20
N LEU B 821 52.44 -28.64 1.06
CA LEU B 821 51.19 -28.11 0.55
C LEU B 821 51.12 -28.34 -0.95
N PHE B 822 52.26 -28.70 -1.54
CA PHE B 822 52.35 -28.97 -2.97
C PHE B 822 53.02 -30.32 -3.18
N ASP B 823 52.21 -31.39 -3.12
CA ASP B 823 52.61 -32.77 -3.36
C ASP B 823 51.38 -33.65 -3.51
N ARG B 824 51.42 -34.63 -4.42
CA ARG B 824 50.26 -35.50 -4.61
C ARG B 824 50.10 -36.50 -3.47
N GLY B 825 51.16 -36.70 -2.69
CA GLY B 825 51.16 -37.77 -1.70
C GLY B 825 50.21 -37.52 -0.55
N VAL B 826 50.51 -36.52 0.29
CA VAL B 826 49.71 -36.29 1.48
C VAL B 826 48.38 -35.63 1.12
N GLN B 827 48.32 -34.99 -0.05
CA GLN B 827 47.07 -34.42 -0.54
C GLN B 827 46.07 -35.51 -0.87
N MET B 828 46.54 -36.63 -1.42
CA MET B 828 45.68 -37.78 -1.62
C MET B 828 45.27 -38.38 -0.29
N LEU B 829 46.19 -38.38 0.68
CA LEU B 829 45.90 -38.92 2.00
C LEU B 829 44.92 -38.04 2.76
N LEU B 830 45.09 -36.72 2.66
CA LEU B 830 44.16 -35.79 3.30
C LEU B 830 42.79 -35.82 2.63
N THR B 831 42.77 -36.14 1.33
CA THR B 831 41.50 -36.33 0.63
C THR B 831 40.75 -37.54 1.17
N THR B 832 41.47 -38.63 1.44
CA THR B 832 40.86 -39.81 2.06
C THR B 832 40.34 -39.51 3.46
N VAL B 833 41.09 -38.72 4.23
CA VAL B 833 40.62 -38.30 5.55
C VAL B 833 39.39 -37.41 5.41
N GLY B 834 39.38 -36.55 4.39
CA GLY B 834 38.19 -35.78 4.11
C GLY B 834 37.07 -36.61 3.50
N ALA B 835 37.43 -37.77 2.93
CA ALA B 835 36.42 -38.59 2.27
C ALA B 835 35.49 -39.25 3.27
N PHE B 836 36.03 -40.02 4.22
CA PHE B 836 35.15 -40.71 5.17
C PHE B 836 34.58 -39.74 6.19
N ALA B 837 35.21 -38.57 6.36
CA ALA B 837 34.63 -37.54 7.22
C ALA B 837 33.31 -37.04 6.67
N ALA B 838 33.26 -36.76 5.36
CA ALA B 838 31.99 -36.44 4.73
C ALA B 838 31.05 -37.64 4.76
N PHE B 839 31.61 -38.84 4.62
CA PHE B 839 30.82 -40.06 4.75
C PHE B 839 30.34 -40.26 6.18
N SER B 840 31.10 -39.78 7.17
CA SER B 840 30.67 -39.91 8.56
C SER B 840 29.57 -38.89 8.89
N LEU B 841 29.77 -37.63 8.49
CA LEU B 841 28.87 -36.55 8.93
C LEU B 841 27.49 -36.69 8.31
N MET B 842 27.40 -37.37 7.16
CA MET B 842 26.11 -37.57 6.54
C MET B 842 25.42 -38.82 7.09
N THR B 843 26.18 -39.91 7.29
CA THR B 843 25.58 -41.15 7.78
C THR B 843 25.22 -41.06 9.26
N ILE B 844 25.92 -40.21 10.01
CA ILE B 844 25.49 -39.90 11.36
C ILE B 844 24.18 -39.12 11.33
N ALA B 845 24.02 -38.26 10.32
CA ALA B 845 22.89 -37.33 10.30
C ALA B 845 21.58 -38.02 9.96
N VAL B 846 21.61 -38.99 9.05
CA VAL B 846 20.39 -39.56 8.50
C VAL B 846 19.66 -40.40 9.54
N GLY B 847 20.37 -41.30 10.21
CA GLY B 847 19.79 -42.12 11.25
C GLY B 847 19.36 -41.34 12.48
N THR B 848 19.96 -40.17 12.66
CA THR B 848 19.68 -39.34 13.84
C THR B 848 18.29 -38.69 13.72
N ASP B 849 17.58 -38.67 14.86
CA ASP B 849 16.27 -38.05 14.97
C ASP B 849 16.33 -36.60 15.44
N TYR B 850 17.50 -35.97 15.43
CA TYR B 850 17.67 -34.61 15.93
C TYR B 850 17.80 -33.58 14.81
N TRP B 851 17.02 -33.73 13.74
CA TRP B 851 17.05 -32.75 12.66
C TRP B 851 16.37 -31.45 13.07
N LEU B 852 15.28 -31.53 13.83
CA LEU B 852 14.49 -30.37 14.18
C LEU B 852 14.10 -30.43 15.65
N TYR B 853 14.24 -29.31 16.35
CA TYR B 853 13.70 -29.14 17.69
C TYR B 853 12.40 -28.33 17.57
N SER B 854 11.31 -28.86 18.12
CA SER B 854 10.00 -28.29 17.83
C SER B 854 9.03 -28.67 18.95
N ARG B 855 7.74 -28.45 18.67
CA ARG B 855 6.64 -28.82 19.55
C ARG B 855 5.76 -29.83 18.84
N GLY B 856 5.39 -30.90 19.53
CA GLY B 856 4.53 -31.91 18.92
C GLY B 856 4.18 -33.03 19.87
N VAL B 857 3.22 -33.85 19.44
CA VAL B 857 2.71 -34.96 20.23
C VAL B 857 3.13 -36.26 19.53
N CYS B 858 3.57 -37.22 20.35
CA CYS B 858 4.18 -38.45 19.85
C CYS B 858 3.42 -39.72 20.25
N LYS B 859 2.22 -39.62 20.81
CA LYS B 859 1.61 -40.77 21.48
C LYS B 859 1.01 -41.79 20.52
N THR B 860 1.16 -41.64 19.20
CA THR B 860 0.67 -42.56 18.17
C THR B 860 -0.84 -42.79 18.27
N LYS B 861 -1.57 -41.72 18.63
CA LYS B 861 -3.00 -41.74 18.97
C LYS B 861 -3.33 -42.80 20.03
N VAL B 875 6.24 -29.27 24.96
CA VAL B 875 6.87 -30.54 24.65
C VAL B 875 8.02 -30.31 23.68
N MET B 876 9.27 -30.50 24.16
CA MET B 876 10.47 -30.26 23.37
C MET B 876 10.66 -31.38 22.35
N THR B 877 9.78 -31.39 21.35
CA THR B 877 9.74 -32.45 20.38
C THR B 877 10.94 -32.39 19.43
N HIS B 878 11.73 -33.45 19.41
CA HIS B 878 12.78 -33.61 18.41
C HIS B 878 12.24 -34.51 17.30
N SER B 879 12.15 -33.96 16.11
CA SER B 879 11.69 -34.69 14.94
C SER B 879 12.88 -34.90 14.00
N GLY B 880 12.75 -35.90 13.13
CA GLY B 880 13.87 -36.33 12.33
C GLY B 880 13.45 -36.69 10.91
N LEU B 881 14.44 -37.13 10.14
CA LEU B 881 14.27 -37.40 8.73
C LEU B 881 13.52 -38.72 8.55
N TRP B 882 14.02 -39.80 9.16
CA TRP B 882 13.36 -41.09 9.08
C TRP B 882 12.63 -41.49 10.33
N ARG B 883 12.91 -40.85 11.46
CA ARG B 883 12.24 -41.16 12.71
C ARG B 883 12.02 -39.87 13.47
N THR B 884 10.76 -39.57 13.73
CA THR B 884 10.38 -38.41 14.52
C THR B 884 9.81 -38.87 15.86
N CYS B 885 10.35 -38.30 16.92
CA CYS B 885 10.12 -38.77 18.28
C CYS B 885 9.67 -37.57 19.12
N CYS B 886 9.69 -37.75 20.44
CA CYS B 886 9.33 -36.67 21.35
C CYS B 886 10.26 -36.66 22.57
N LEU B 887 10.40 -35.48 23.16
CA LEU B 887 11.17 -35.26 24.36
C LEU B 887 10.44 -34.20 25.19
N GLU B 888 10.60 -34.27 26.51
CA GLU B 888 9.89 -33.43 27.49
C GLU B 888 8.37 -33.58 27.32
N GLY B 889 7.91 -34.83 27.29
CA GLY B 889 6.50 -35.12 27.31
C GLY B 889 6.06 -35.63 28.67
N ASN B 890 4.95 -36.37 28.66
CA ASN B 890 4.57 -37.12 29.85
C ASN B 890 5.57 -38.22 30.16
N PHE B 891 6.12 -38.85 29.12
CA PHE B 891 7.20 -39.81 29.27
C PHE B 891 8.12 -39.68 28.06
N LYS B 892 9.42 -39.66 28.32
CA LYS B 892 10.39 -39.40 27.26
C LYS B 892 10.77 -40.68 26.54
N GLY B 893 11.28 -40.51 25.31
CA GLY B 893 11.84 -41.62 24.57
C GLY B 893 10.85 -42.44 23.75
N LEU B 894 9.77 -41.85 23.28
CA LEU B 894 8.81 -42.57 22.44
C LEU B 894 8.73 -41.88 21.08
N CYS B 895 8.51 -42.66 20.03
CA CYS B 895 8.63 -42.17 18.67
C CYS B 895 7.35 -42.45 17.89
N LYS B 896 6.89 -41.45 17.16
CA LYS B 896 5.73 -41.55 16.27
C LYS B 896 6.16 -41.17 14.87
N GLN B 897 6.46 -42.15 14.04
CA GLN B 897 6.99 -41.91 12.70
C GLN B 897 5.83 -41.70 11.74
N ILE B 898 5.81 -40.55 11.06
CA ILE B 898 4.65 -40.16 10.25
C ILE B 898 5.11 -39.79 8.85
N ASP B 899 4.26 -40.12 7.87
CA ASP B 899 4.39 -39.70 6.49
C ASP B 899 3.00 -39.81 5.84
N HIS B 900 2.82 -39.07 4.74
CA HIS B 900 1.59 -38.91 3.95
C HIS B 900 0.34 -38.77 4.82
N PHE B 901 0.29 -37.68 5.59
CA PHE B 901 -0.75 -37.45 6.57
C PHE B 901 -2.12 -37.30 5.89
N PRO B 902 -3.20 -37.75 6.53
CA PRO B 902 -4.51 -37.72 5.87
C PRO B 902 -5.04 -36.31 5.69
N GLU B 903 -5.47 -36.01 4.47
CA GLU B 903 -5.94 -34.71 4.04
C GLU B 903 -7.32 -34.93 3.40
N ASP B 904 -7.84 -33.90 2.74
CA ASP B 904 -9.19 -33.91 2.20
C ASP B 904 -9.35 -34.94 1.08
N ALA B 905 -10.07 -36.02 1.39
CA ALA B 905 -10.40 -37.11 0.46
C ALA B 905 -9.14 -37.73 -0.15
N ASP B 906 -8.21 -38.11 0.73
CA ASP B 906 -6.90 -38.69 0.39
C ASP B 906 -6.08 -37.76 -0.50
N TYR B 907 -6.24 -36.45 -0.29
CA TYR B 907 -5.50 -35.30 -0.82
C TYR B 907 -5.80 -35.00 -2.29
N GLU B 908 -6.51 -35.89 -3.02
CA GLU B 908 -6.47 -35.97 -4.48
C GLU B 908 -6.93 -34.71 -5.24
N ALA B 909 -7.40 -33.67 -4.55
CA ALA B 909 -7.78 -32.42 -5.22
C ALA B 909 -6.56 -31.69 -5.76
N ASP B 910 -5.39 -31.90 -5.17
CA ASP B 910 -4.15 -31.28 -5.60
C ASP B 910 -3.17 -32.34 -6.06
N THR B 911 -2.35 -32.00 -7.06
CA THR B 911 -1.43 -32.94 -7.68
C THR B 911 0.03 -32.59 -7.42
N ALA B 912 0.30 -31.31 -7.10
CA ALA B 912 1.67 -30.83 -7.08
C ALA B 912 2.42 -31.28 -5.84
N GLU B 913 1.86 -31.01 -4.66
CA GLU B 913 2.64 -31.16 -3.43
C GLU B 913 2.70 -32.61 -2.97
N TYR B 914 1.82 -33.47 -3.51
CA TYR B 914 1.91 -34.89 -3.18
C TYR B 914 3.19 -35.51 -3.71
N PHE B 915 3.64 -35.08 -4.88
CA PHE B 915 4.97 -35.46 -5.33
C PHE B 915 6.04 -34.83 -4.44
N LEU B 916 5.75 -33.67 -3.86
CA LEU B 916 6.72 -33.05 -2.97
C LEU B 916 6.66 -33.65 -1.57
N ARG B 917 5.49 -34.16 -1.16
CA ARG B 917 5.42 -34.84 0.12
C ARG B 917 6.00 -36.25 0.04
N ALA B 918 5.85 -36.91 -1.12
CA ALA B 918 6.38 -38.26 -1.27
C ALA B 918 7.90 -38.26 -1.34
N VAL B 919 8.48 -37.18 -1.85
CA VAL B 919 9.94 -37.03 -1.77
C VAL B 919 10.36 -36.79 -0.33
N ARG B 920 9.53 -36.12 0.47
CA ARG B 920 9.80 -36.05 1.90
C ARG B 920 9.56 -37.41 2.56
N ALA B 921 8.48 -38.09 2.18
CA ALA B 921 8.13 -39.37 2.77
C ALA B 921 9.13 -40.46 2.38
N SER B 922 9.17 -40.81 1.10
CA SER B 922 10.21 -41.71 0.61
C SER B 922 11.45 -40.89 0.32
N SER B 923 12.22 -40.58 1.35
CA SER B 923 13.29 -39.58 1.26
C SER B 923 14.48 -40.18 0.52
N ILE B 924 14.44 -40.02 -0.81
CA ILE B 924 15.52 -40.52 -1.65
C ILE B 924 16.72 -39.58 -1.62
N PHE B 925 16.46 -38.28 -1.43
CA PHE B 925 17.53 -37.27 -1.58
C PHE B 925 18.60 -37.30 -0.49
N PRO B 926 18.30 -37.49 0.81
CA PRO B 926 19.41 -37.75 1.73
C PRO B 926 20.08 -39.09 1.49
N ILE B 927 19.32 -40.10 1.05
CA ILE B 927 19.91 -41.40 0.77
C ILE B 927 20.80 -41.34 -0.46
N LEU B 928 20.34 -40.65 -1.52
CA LEU B 928 21.16 -40.54 -2.73
C LEU B 928 22.37 -39.64 -2.50
N SER B 929 22.31 -38.79 -1.48
CA SER B 929 23.53 -38.15 -1.00
C SER B 929 24.49 -39.17 -0.43
N VAL B 930 23.99 -40.13 0.35
CA VAL B 930 24.85 -41.13 0.96
C VAL B 930 25.37 -42.11 -0.08
N ILE B 931 24.49 -42.52 -1.00
CA ILE B 931 24.85 -43.56 -1.97
C ILE B 931 25.89 -43.06 -2.97
N LEU B 932 25.75 -41.81 -3.44
CA LEU B 932 26.78 -41.22 -4.29
C LEU B 932 28.07 -41.01 -3.51
N LEU B 933 27.96 -40.72 -2.21
CA LEU B 933 29.15 -40.58 -1.38
C LEU B 933 29.75 -41.95 -1.05
N PHE B 934 28.91 -42.99 -1.07
CA PHE B 934 29.42 -44.34 -0.90
C PHE B 934 30.07 -44.86 -2.18
N MET B 935 29.47 -44.56 -3.33
CA MET B 935 30.08 -44.94 -4.59
C MET B 935 31.32 -44.10 -4.89
N GLY B 936 31.33 -42.85 -4.42
CA GLY B 936 32.53 -42.05 -4.55
C GLY B 936 33.65 -42.52 -3.66
N GLY B 937 33.30 -43.12 -2.52
CA GLY B 937 34.32 -43.64 -1.62
C GLY B 937 34.98 -44.89 -2.15
N LEU B 938 34.27 -45.64 -2.99
CA LEU B 938 34.85 -46.85 -3.58
C LEU B 938 35.85 -46.49 -4.66
N CYS B 939 35.67 -45.34 -5.32
CA CYS B 939 36.54 -44.96 -6.43
C CYS B 939 37.88 -44.43 -5.93
N ILE B 940 37.95 -44.03 -4.66
CA ILE B 940 39.22 -43.55 -4.11
C ILE B 940 40.15 -44.73 -3.87
N ALA B 941 39.61 -45.86 -3.38
CA ALA B 941 40.41 -47.07 -3.24
C ALA B 941 40.73 -47.67 -4.61
N ALA B 942 39.92 -47.35 -5.62
CA ALA B 942 40.24 -47.74 -6.99
C ALA B 942 41.27 -46.79 -7.61
N SER B 943 41.66 -45.73 -6.89
CA SER B 943 42.67 -44.82 -7.41
C SER B 943 44.04 -45.12 -6.81
N GLU B 944 44.08 -45.72 -5.62
CA GLU B 944 45.35 -46.04 -4.99
C GLU B 944 46.01 -47.22 -5.69
N PHE B 945 45.23 -48.27 -6.00
CA PHE B 945 45.63 -49.24 -6.99
C PHE B 945 45.14 -48.77 -8.37
N TYR B 946 45.45 -49.52 -9.42
CA TYR B 946 45.03 -49.28 -10.80
C TYR B 946 45.45 -47.90 -11.29
N LYS B 947 46.75 -47.66 -11.30
CA LYS B 947 47.24 -46.35 -11.72
C LYS B 947 47.17 -46.23 -13.23
N THR B 948 47.22 -44.97 -13.69
CA THR B 948 47.22 -44.47 -15.06
C THR B 948 45.88 -44.80 -15.72
N ARG B 949 44.82 -45.03 -14.94
CA ARG B 949 43.49 -45.08 -15.54
C ARG B 949 43.02 -43.69 -15.92
N HIS B 950 43.25 -42.71 -15.03
CA HIS B 950 43.07 -41.27 -15.26
C HIS B 950 41.63 -40.88 -15.60
N ASN B 951 40.67 -41.71 -15.20
CA ASN B 951 39.27 -41.37 -15.32
C ASN B 951 38.60 -41.73 -14.01
N ILE B 952 39.27 -42.55 -13.21
CA ILE B 952 38.76 -42.93 -11.89
C ILE B 952 38.80 -41.72 -10.97
N ILE B 953 39.82 -40.88 -11.10
CA ILE B 953 39.85 -39.60 -10.40
C ILE B 953 38.73 -38.70 -10.90
N LEU B 954 38.49 -38.71 -12.22
CA LEU B 954 37.43 -37.90 -12.79
C LEU B 954 36.06 -38.47 -12.43
N SER B 955 35.96 -39.79 -12.29
CA SER B 955 34.71 -40.38 -11.82
C SER B 955 34.48 -40.09 -10.35
N ALA B 956 35.57 -40.03 -9.57
CA ALA B 956 35.43 -39.82 -8.13
C ALA B 956 35.00 -38.40 -7.82
N GLY B 957 35.63 -37.41 -8.45
CA GLY B 957 35.43 -36.03 -8.07
C GLY B 957 34.04 -35.51 -8.39
N ILE B 958 33.43 -36.03 -9.45
CA ILE B 958 32.06 -35.63 -9.77
C ILE B 958 31.07 -36.32 -8.85
N PHE B 959 31.48 -37.43 -8.22
CA PHE B 959 30.56 -38.14 -7.34
C PHE B 959 30.46 -37.47 -5.97
N PHE B 960 31.56 -36.85 -5.51
CA PHE B 960 31.48 -36.10 -4.27
C PHE B 960 30.66 -34.82 -4.45
N VAL B 961 30.70 -34.22 -5.65
CA VAL B 961 29.96 -33.00 -5.90
C VAL B 961 28.48 -33.31 -6.10
N SER B 962 28.17 -34.37 -6.85
CA SER B 962 26.78 -34.73 -7.09
C SER B 962 26.10 -35.23 -5.82
N ALA B 963 26.89 -35.73 -4.87
CA ALA B 963 26.35 -35.99 -3.55
C ALA B 963 26.01 -34.68 -2.84
N GLY B 964 26.77 -33.62 -3.10
CA GLY B 964 26.47 -32.34 -2.48
C GLY B 964 25.24 -31.69 -3.07
N LEU B 965 25.02 -31.85 -4.37
CA LEU B 965 23.80 -31.32 -4.99
C LEU B 965 22.59 -32.14 -4.59
N SER B 966 22.79 -33.42 -4.30
CA SER B 966 21.70 -34.22 -3.74
C SER B 966 21.47 -33.86 -2.28
N ASN B 967 22.47 -33.27 -1.62
CA ASN B 967 22.30 -32.88 -0.23
C ASN B 967 21.47 -31.61 -0.10
N ILE B 968 21.79 -30.58 -0.90
CA ILE B 968 21.07 -29.32 -0.78
C ILE B 968 19.65 -29.45 -1.30
N ILE B 969 19.43 -30.32 -2.28
CA ILE B 969 18.06 -30.58 -2.69
C ILE B 969 17.33 -31.40 -1.63
N GLY B 970 18.08 -32.07 -0.76
CA GLY B 970 17.46 -32.68 0.41
C GLY B 970 17.22 -31.68 1.51
N ILE B 971 18.06 -30.65 1.59
CA ILE B 971 17.86 -29.57 2.56
C ILE B 971 16.65 -28.74 2.19
N ILE B 972 16.48 -28.46 0.89
CA ILE B 972 15.44 -27.54 0.43
C ILE B 972 14.05 -28.16 0.58
N VAL B 973 13.91 -29.44 0.23
CA VAL B 973 12.60 -30.09 0.36
C VAL B 973 12.28 -30.34 1.83
N TYR B 974 13.31 -30.37 2.69
CA TYR B 974 13.07 -30.54 4.11
C TYR B 974 12.53 -29.26 4.72
N ILE B 975 13.14 -28.12 4.41
CA ILE B 975 12.73 -26.85 4.99
C ILE B 975 11.39 -26.41 4.38
N SER B 976 11.18 -26.71 3.10
CA SER B 976 9.93 -26.33 2.44
C SER B 976 8.73 -27.08 2.99
N ALA B 977 8.87 -28.41 3.14
CA ALA B 977 7.73 -29.20 3.58
C ALA B 977 7.58 -29.20 5.10
N ASN B 978 8.55 -28.59 5.81
CA ASN B 978 8.43 -28.45 7.25
C ASN B 978 7.39 -27.40 7.61
N ALA B 979 7.12 -26.47 6.70
CA ALA B 979 6.05 -25.50 6.93
C ALA B 979 4.69 -26.17 6.83
N GLY B 980 4.59 -27.26 6.07
CA GLY B 980 3.36 -28.01 5.95
C GLY B 980 3.12 -28.94 7.11
N LYS B 988 1.56 -18.75 14.01
CA LYS B 988 1.86 -18.76 15.43
C LYS B 988 3.24 -18.17 15.67
N LYS B 989 3.65 -18.10 16.94
CA LYS B 989 5.05 -17.87 17.27
C LYS B 989 5.74 -19.23 17.16
N ASN B 990 6.17 -19.54 15.93
CA ASN B 990 6.64 -20.88 15.62
C ASN B 990 8.02 -21.11 16.20
N SER B 991 8.13 -22.11 17.07
CA SER B 991 9.33 -22.35 17.86
C SER B 991 10.24 -23.40 17.25
N TYR B 992 10.19 -23.60 15.93
CA TYR B 992 11.00 -24.62 15.32
C TYR B 992 12.46 -24.17 15.24
N SER B 993 13.36 -25.03 15.71
CA SER B 993 14.78 -24.77 15.63
C SER B 993 15.48 -26.02 15.14
N TYR B 994 16.61 -25.83 14.48
CA TYR B 994 17.32 -26.92 13.82
C TYR B 994 18.33 -27.54 14.77
N GLY B 995 18.19 -28.84 14.99
CA GLY B 995 19.12 -29.56 15.85
C GLY B 995 20.46 -29.79 15.18
N TRP B 996 21.36 -30.41 15.94
CA TRP B 996 22.74 -30.63 15.49
C TRP B 996 22.86 -31.59 14.31
N SER B 997 21.83 -32.41 14.07
CA SER B 997 21.88 -33.32 12.93
C SER B 997 21.74 -32.58 11.61
N PHE B 998 21.03 -31.45 11.63
CA PHE B 998 20.85 -30.68 10.40
C PHE B 998 22.14 -29.98 9.99
N TYR B 999 22.86 -29.44 10.96
CA TYR B 999 24.06 -28.68 10.64
C TYR B 999 25.23 -29.59 10.28
N PHE B 1000 25.24 -30.82 10.79
CA PHE B 1000 26.30 -31.76 10.41
C PHE B 1000 26.11 -32.23 8.98
N GLY B 1001 24.87 -32.31 8.51
CA GLY B 1001 24.64 -32.55 7.09
C GLY B 1001 25.10 -31.37 6.24
N ALA B 1002 25.00 -30.16 6.79
CA ALA B 1002 25.54 -28.99 6.12
C ALA B 1002 27.07 -29.01 6.16
N LEU B 1003 27.65 -29.48 7.27
CA LEU B 1003 29.10 -29.67 7.31
C LEU B 1003 29.51 -30.88 6.47
N SER B 1004 28.57 -31.80 6.24
CA SER B 1004 28.81 -32.86 5.26
C SER B 1004 28.80 -32.31 3.84
N PHE B 1005 28.01 -31.25 3.62
CA PHE B 1005 27.95 -30.63 2.30
C PHE B 1005 29.27 -29.96 1.93
N ILE B 1006 29.77 -29.10 2.81
CA ILE B 1006 30.87 -28.20 2.47
C ILE B 1006 32.17 -28.97 2.33
N ILE B 1007 32.38 -30.00 3.16
CA ILE B 1007 33.57 -30.83 3.04
C ILE B 1007 33.53 -31.64 1.76
N ALA B 1008 32.35 -32.14 1.37
CA ALA B 1008 32.21 -32.85 0.10
C ALA B 1008 32.39 -31.91 -1.09
N GLU B 1009 32.09 -30.62 -0.90
CA GLU B 1009 32.42 -29.65 -1.94
C GLU B 1009 33.92 -29.38 -1.96
N MET B 1010 34.57 -29.48 -0.80
CA MET B 1010 36.01 -29.25 -0.74
C MET B 1010 36.79 -30.46 -1.22
N VAL B 1011 36.33 -31.66 -0.87
CA VAL B 1011 36.95 -32.90 -1.37
C VAL B 1011 36.79 -33.00 -2.88
N GLY B 1012 35.66 -32.50 -3.40
CA GLY B 1012 35.42 -32.53 -4.84
C GLY B 1012 36.38 -31.64 -5.62
N VAL B 1013 36.65 -30.44 -5.12
CA VAL B 1013 37.52 -29.53 -5.87
C VAL B 1013 38.99 -29.88 -5.66
N LEU B 1014 39.31 -30.55 -4.55
CA LEU B 1014 40.66 -31.09 -4.41
C LEU B 1014 40.85 -32.29 -5.32
N ALA B 1015 39.78 -33.05 -5.56
CA ALA B 1015 39.85 -34.14 -6.51
C ALA B 1015 40.00 -33.63 -7.94
N VAL B 1016 39.41 -32.47 -8.24
CA VAL B 1016 39.63 -31.85 -9.54
C VAL B 1016 41.07 -31.36 -9.64
N HIS B 1017 41.60 -30.77 -8.54
CA HIS B 1017 42.98 -30.30 -8.52
C HIS B 1017 43.97 -31.45 -8.68
N MET B 1018 43.62 -32.64 -8.19
CA MET B 1018 44.44 -33.81 -8.46
C MET B 1018 44.23 -34.30 -9.90
N PHE B 1019 43.04 -34.08 -10.46
CA PHE B 1019 42.83 -34.46 -11.86
C PHE B 1019 43.54 -33.50 -12.80
N ILE B 1020 43.85 -32.29 -12.32
CA ILE B 1020 44.77 -31.41 -13.04
C ILE B 1020 46.15 -32.05 -13.12
N ASP B 1021 46.64 -32.57 -12.00
CA ASP B 1021 48.06 -32.95 -11.92
C ASP B 1021 48.32 -34.26 -12.65
N ARG B 1022 47.38 -35.21 -12.60
CA ARG B 1022 47.57 -36.49 -13.25
C ARG B 1022 47.58 -36.35 -14.78
N HIS B 1023 46.91 -35.33 -15.30
CA HIS B 1023 47.07 -34.98 -16.71
C HIS B 1023 48.42 -34.32 -16.96
N LYS B 1024 48.98 -33.68 -15.93
CA LYS B 1024 50.27 -32.98 -16.12
C LYS B 1024 51.43 -33.96 -16.20
N GLN B 1025 51.37 -35.07 -15.45
CA GLN B 1025 52.41 -36.09 -15.61
C GLN B 1025 52.19 -36.90 -16.89
N LEU B 1026 50.95 -36.94 -17.38
CA LEU B 1026 50.67 -37.70 -18.60
C LEU B 1026 51.22 -37.01 -19.83
N THR B 1027 51.19 -35.67 -19.85
CA THR B 1027 51.54 -34.90 -21.03
C THR B 1027 52.81 -34.06 -20.88
N GLY B 1028 53.12 -33.56 -19.69
CA GLY B 1028 54.29 -32.74 -19.50
C GLY B 1028 55.58 -33.53 -19.36
N THR C 385 -38.55 -38.19 44.60
CA THR C 385 -37.30 -37.86 43.94
C THR C 385 -37.43 -36.59 43.11
N VAL C 386 -36.49 -36.39 42.19
CA VAL C 386 -36.40 -35.18 41.38
C VAL C 386 -36.33 -35.58 39.91
N VAL C 387 -37.16 -34.92 39.09
CA VAL C 387 -37.20 -35.15 37.65
C VAL C 387 -36.40 -34.03 36.99
N VAL C 388 -35.47 -34.40 36.11
CA VAL C 388 -34.63 -33.45 35.39
C VAL C 388 -35.08 -33.39 33.93
N THR C 389 -35.31 -32.18 33.42
CA THR C 389 -35.82 -31.98 32.07
C THR C 389 -34.78 -31.29 31.21
N THR C 390 -34.52 -31.84 30.03
CA THR C 390 -33.49 -31.29 29.15
C THR C 390 -33.82 -31.60 27.69
N ILE C 391 -33.05 -30.98 26.80
CA ILE C 391 -33.17 -31.17 25.36
C ILE C 391 -32.03 -32.07 24.90
N LEU C 392 -32.24 -32.76 23.77
CA LEU C 392 -31.27 -33.74 23.28
C LEU C 392 -30.29 -33.12 22.29
N GLU C 393 -29.71 -31.99 22.70
CA GLU C 393 -28.84 -31.27 21.80
C GLU C 393 -27.38 -31.42 22.23
N SER C 394 -26.51 -31.60 21.25
CA SER C 394 -25.08 -31.69 21.50
C SER C 394 -24.52 -30.32 21.84
N PRO C 395 -23.48 -30.25 22.69
CA PRO C 395 -22.89 -31.31 23.50
C PRO C 395 -23.42 -31.31 24.92
N TYR C 396 -24.57 -30.65 25.11
CA TYR C 396 -25.09 -30.43 26.45
C TYR C 396 -25.67 -31.71 27.04
N VAL C 397 -26.55 -32.37 26.29
CA VAL C 397 -27.08 -33.68 26.63
C VAL C 397 -27.09 -34.51 25.36
N MET C 398 -26.38 -35.63 25.37
CA MET C 398 -26.37 -36.54 24.24
C MET C 398 -26.64 -37.94 24.76
N MET C 399 -26.68 -38.90 23.84
CA MET C 399 -26.76 -40.31 24.20
C MET C 399 -25.68 -41.07 23.45
N LYS C 400 -25.14 -42.09 24.10
CA LYS C 400 -24.14 -42.93 23.47
C LYS C 400 -24.80 -43.85 22.44
N LYS C 401 -23.95 -44.47 21.61
CA LYS C 401 -24.45 -45.31 20.52
C LYS C 401 -25.08 -46.60 21.04
N ASN C 402 -24.67 -47.04 22.23
CA ASN C 402 -25.24 -48.21 22.86
C ASN C 402 -26.34 -47.82 23.84
N HIS C 403 -27.25 -46.95 23.39
CA HIS C 403 -28.23 -46.39 24.31
C HIS C 403 -29.36 -47.38 24.60
N GLU C 404 -29.61 -48.29 23.66
CA GLU C 404 -30.60 -49.33 23.93
C GLU C 404 -30.03 -50.39 24.87
N MET C 405 -28.70 -50.53 24.90
CA MET C 405 -28.08 -51.49 25.81
C MET C 405 -28.16 -51.01 27.26
N LEU C 406 -28.15 -49.69 27.46
CA LEU C 406 -28.17 -49.13 28.80
C LEU C 406 -29.59 -48.77 29.22
N GLU C 407 -29.73 -48.35 30.48
CA GLU C 407 -31.03 -48.20 31.10
C GLU C 407 -31.04 -46.98 32.02
N GLY C 408 -31.80 -45.96 31.65
CA GLY C 408 -32.05 -44.85 32.57
C GLY C 408 -31.03 -43.74 32.43
N ASN C 409 -30.54 -43.27 33.58
CA ASN C 409 -29.66 -42.09 33.61
C ASN C 409 -28.28 -42.41 33.05
N GLU C 410 -27.91 -43.70 33.04
CA GLU C 410 -26.59 -44.07 32.55
C GLU C 410 -26.51 -43.98 31.02
N ARG C 411 -27.66 -43.91 30.36
CA ARG C 411 -27.70 -43.78 28.90
C ARG C 411 -27.12 -42.46 28.44
N TYR C 412 -27.36 -41.40 29.21
CA TYR C 412 -27.09 -40.05 28.75
C TYR C 412 -25.68 -39.61 29.15
N GLU C 413 -25.01 -38.92 28.23
CA GLU C 413 -23.77 -38.22 28.53
C GLU C 413 -23.89 -36.80 28.00
N GLY C 414 -23.21 -35.87 28.65
CA GLY C 414 -23.21 -34.51 28.15
C GLY C 414 -22.78 -33.54 29.22
N TYR C 415 -22.77 -32.26 28.83
CA TYR C 415 -22.35 -31.20 29.74
C TYR C 415 -23.37 -30.99 30.86
N CYS C 416 -24.66 -31.00 30.51
CA CYS C 416 -25.69 -30.83 31.53
C CYS C 416 -25.86 -32.10 32.34
N VAL C 417 -25.45 -33.24 31.78
CA VAL C 417 -25.55 -34.51 32.51
C VAL C 417 -24.61 -34.51 33.70
N ASP C 418 -23.35 -34.11 33.48
CA ASP C 418 -22.41 -34.00 34.58
C ASP C 418 -22.74 -32.82 35.48
N LEU C 419 -23.35 -31.77 34.91
CA LEU C 419 -23.75 -30.63 35.72
C LEU C 419 -24.87 -31.03 36.67
N ALA C 420 -25.78 -31.90 36.21
CA ALA C 420 -26.78 -32.46 37.10
C ALA C 420 -26.14 -33.37 38.13
N ALA C 421 -25.03 -34.02 37.78
CA ALA C 421 -24.36 -34.90 38.71
C ALA C 421 -23.63 -34.12 39.79
N GLU C 422 -23.10 -32.94 39.45
CA GLU C 422 -22.34 -32.18 40.43
C GLU C 422 -23.26 -31.48 41.42
N ILE C 423 -24.49 -31.17 41.00
CA ILE C 423 -25.43 -30.51 41.91
C ILE C 423 -25.96 -31.48 42.95
N ALA C 424 -26.28 -32.71 42.52
CA ALA C 424 -26.81 -33.70 43.45
C ALA C 424 -25.77 -34.14 44.48
N LYS C 425 -24.50 -34.01 44.14
CA LYS C 425 -23.45 -34.24 45.13
C LYS C 425 -23.41 -33.12 46.16
N HIS C 426 -23.76 -31.90 45.75
CA HIS C 426 -23.73 -30.77 46.66
C HIS C 426 -25.10 -30.43 47.25
N CYS C 427 -26.17 -31.06 46.78
CA CYS C 427 -27.49 -30.83 47.33
C CYS C 427 -28.06 -32.08 47.99
N GLY C 428 -27.88 -33.25 47.37
CA GLY C 428 -28.40 -34.46 47.98
C GLY C 428 -29.81 -34.80 47.52
N PHE C 429 -30.00 -34.93 46.21
CA PHE C 429 -31.27 -35.37 45.67
C PHE C 429 -31.05 -36.45 44.63
N LYS C 430 -32.10 -37.21 44.36
CA LYS C 430 -32.06 -38.29 43.38
C LYS C 430 -32.58 -37.76 42.05
N TYR C 431 -31.68 -37.56 41.09
CA TYR C 431 -32.02 -36.95 39.81
C TYR C 431 -32.35 -38.03 38.80
N LYS C 432 -33.42 -37.81 38.04
CA LYS C 432 -33.80 -38.68 36.93
C LYS C 432 -33.87 -37.81 35.67
N LEU C 433 -33.02 -38.12 34.70
CA LEU C 433 -32.98 -37.35 33.47
C LEU C 433 -34.18 -37.71 32.61
N THR C 434 -34.78 -36.69 31.98
CA THR C 434 -35.96 -36.89 31.15
C THR C 434 -35.91 -35.89 30.00
N ILE C 435 -35.88 -36.41 28.77
CA ILE C 435 -36.05 -35.53 27.61
C ILE C 435 -37.49 -35.07 27.53
N VAL C 436 -37.69 -33.79 27.21
CA VAL C 436 -39.02 -33.25 27.00
C VAL C 436 -39.69 -33.94 25.81
N GLY C 437 -40.95 -34.33 26.00
CA GLY C 437 -41.65 -35.04 24.95
C GLY C 437 -42.02 -34.15 23.78
N ASP C 438 -42.14 -32.85 24.02
CA ASP C 438 -42.37 -31.92 22.93
C ASP C 438 -41.10 -31.71 22.12
N GLY C 439 -39.96 -31.59 22.81
CA GLY C 439 -38.70 -31.40 22.10
C GLY C 439 -38.46 -29.97 21.66
N LYS C 440 -38.88 -29.01 22.49
CA LYS C 440 -38.71 -27.60 22.16
C LYS C 440 -38.26 -26.84 23.39
N TYR C 441 -37.62 -25.70 23.15
CA TYR C 441 -37.33 -24.76 24.23
C TYR C 441 -38.62 -24.08 24.67
N GLY C 442 -38.65 -23.69 25.94
CA GLY C 442 -39.84 -23.07 26.49
C GLY C 442 -40.14 -21.68 25.97
N ALA C 443 -41.39 -21.48 25.55
CA ALA C 443 -41.88 -20.19 25.09
C ALA C 443 -43.39 -20.16 25.28
N ARG C 444 -43.99 -19.02 24.95
CA ARG C 444 -45.43 -18.86 25.05
C ARG C 444 -45.97 -18.24 23.78
N ASP C 445 -46.97 -18.88 23.20
CA ASP C 445 -47.71 -18.35 22.07
C ASP C 445 -49.12 -17.98 22.51
N ALA C 446 -49.50 -16.73 22.26
CA ALA C 446 -50.75 -16.19 22.78
C ALA C 446 -51.96 -16.53 21.91
N ASP C 447 -51.83 -17.47 20.98
CA ASP C 447 -52.99 -17.95 20.24
C ASP C 447 -53.93 -18.73 21.16
N THR C 448 -53.37 -19.56 22.03
CA THR C 448 -54.12 -20.21 23.10
C THR C 448 -53.58 -19.88 24.48
N LYS C 449 -52.54 -19.03 24.56
CA LYS C 449 -51.89 -18.60 25.81
C LYS C 449 -51.35 -19.79 26.61
N ILE C 450 -50.66 -20.68 25.91
CA ILE C 450 -50.18 -21.94 26.49
C ILE C 450 -48.66 -21.98 26.37
N TRP C 451 -47.99 -22.36 27.46
CA TRP C 451 -46.56 -22.57 27.42
C TRP C 451 -46.24 -23.91 26.75
N ASN C 452 -45.10 -23.95 26.05
CA ASN C 452 -44.66 -25.17 25.40
C ASN C 452 -43.28 -25.57 25.92
N GLY C 453 -42.88 -26.80 25.59
CA GLY C 453 -41.52 -27.24 25.82
C GLY C 453 -41.17 -27.50 27.27
N MET C 454 -39.92 -27.22 27.61
CA MET C 454 -39.38 -27.58 28.91
C MET C 454 -39.92 -26.68 30.01
N VAL C 455 -40.06 -25.38 29.72
CA VAL C 455 -40.64 -24.44 30.66
C VAL C 455 -42.11 -24.77 30.91
N GLY C 456 -42.80 -25.26 29.87
CA GLY C 456 -44.17 -25.71 30.04
C GLY C 456 -44.28 -26.90 30.97
N GLU C 457 -43.27 -27.78 30.96
CA GLU C 457 -43.24 -28.86 31.94
C GLU C 457 -42.87 -28.34 33.33
N LEU C 458 -42.14 -27.23 33.38
CA LEU C 458 -41.80 -26.63 34.68
C LEU C 458 -43.00 -25.95 35.31
N VAL C 459 -43.76 -25.20 34.50
CA VAL C 459 -44.89 -24.43 35.03
C VAL C 459 -46.01 -25.37 35.47
N TYR C 460 -46.30 -26.38 34.65
CA TYR C 460 -47.50 -27.17 34.86
C TYR C 460 -47.28 -28.20 35.98
N GLY C 461 -46.11 -28.82 36.01
CA GLY C 461 -45.79 -29.71 37.10
C GLY C 461 -45.05 -30.97 36.69
N LYS C 462 -44.76 -31.11 35.39
CA LYS C 462 -44.07 -32.31 34.93
C LYS C 462 -42.61 -32.31 35.33
N ALA C 463 -42.02 -31.13 35.55
CA ALA C 463 -40.59 -30.97 35.73
C ALA C 463 -40.29 -30.45 37.12
N ASP C 464 -39.26 -31.02 37.75
CA ASP C 464 -38.79 -30.50 39.03
C ASP C 464 -37.64 -29.53 38.83
N ILE C 465 -36.88 -29.69 37.75
CA ILE C 465 -35.75 -28.83 37.42
C ILE C 465 -35.51 -28.97 35.93
N ALA C 466 -34.92 -27.93 35.33
CA ALA C 466 -34.61 -27.94 33.90
C ALA C 466 -33.16 -27.51 33.71
N ILE C 467 -32.25 -28.45 33.81
CA ILE C 467 -30.85 -28.19 33.52
C ILE C 467 -30.66 -28.34 32.02
N ALA C 468 -30.48 -27.22 31.32
CA ALA C 468 -30.69 -27.23 29.88
C ALA C 468 -29.96 -26.05 29.24
N PRO C 469 -29.90 -25.97 27.91
CA PRO C 469 -29.55 -24.69 27.27
C PRO C 469 -30.71 -23.71 27.27
N LEU C 470 -31.13 -23.29 28.46
CA LEU C 470 -32.35 -22.53 28.63
C LEU C 470 -31.96 -21.11 28.99
N THR C 471 -32.06 -20.20 28.02
CA THR C 471 -31.56 -18.85 28.20
C THR C 471 -32.45 -18.08 29.16
N ILE C 472 -31.82 -17.41 30.13
CA ILE C 472 -32.54 -16.61 31.12
C ILE C 472 -33.13 -15.39 30.43
N THR C 473 -34.45 -15.34 30.36
CA THR C 473 -35.13 -14.18 29.77
C THR C 473 -36.09 -13.56 30.76
N LEU C 474 -36.95 -12.66 30.29
CA LEU C 474 -37.90 -11.97 31.16
C LEU C 474 -39.20 -12.72 31.31
N VAL C 475 -39.77 -13.21 30.20
CA VAL C 475 -41.06 -13.89 30.25
C VAL C 475 -40.91 -15.26 30.87
N ARG C 476 -39.70 -15.82 30.83
CA ARG C 476 -39.46 -17.07 31.54
C ARG C 476 -39.26 -16.83 33.03
N GLU C 477 -38.62 -15.71 33.38
CA GLU C 477 -38.34 -15.42 34.79
C GLU C 477 -39.62 -15.15 35.57
N GLU C 478 -40.63 -14.60 34.90
CA GLU C 478 -41.86 -14.24 35.59
C GLU C 478 -42.64 -15.48 36.00
N VAL C 479 -42.52 -16.56 35.25
CA VAL C 479 -43.30 -17.76 35.53
C VAL C 479 -42.50 -18.88 36.20
N ILE C 480 -41.18 -18.95 35.98
CA ILE C 480 -40.34 -19.94 36.62
C ILE C 480 -39.03 -19.28 37.05
N ASP C 481 -38.41 -19.85 38.08
CA ASP C 481 -37.19 -19.30 38.64
C ASP C 481 -35.97 -19.69 37.83
N PHE C 482 -34.98 -18.82 37.83
CA PHE C 482 -33.63 -19.12 37.37
C PHE C 482 -32.65 -18.84 38.50
N SER C 483 -31.57 -19.60 38.53
CA SER C 483 -30.46 -19.21 39.38
C SER C 483 -29.58 -18.20 38.65
N LYS C 484 -28.40 -17.97 39.19
CA LYS C 484 -27.39 -17.25 38.45
C LYS C 484 -26.94 -18.13 37.28
N PRO C 485 -26.61 -17.53 36.13
CA PRO C 485 -26.26 -18.34 34.97
C PRO C 485 -24.94 -19.07 35.17
N PHE C 486 -24.91 -20.33 34.74
CA PHE C 486 -23.73 -21.15 34.90
C PHE C 486 -22.77 -21.04 33.73
N MET C 487 -23.22 -20.57 32.58
CA MET C 487 -22.34 -20.42 31.43
C MET C 487 -22.72 -19.17 30.65
N SER C 488 -21.71 -18.45 30.18
CA SER C 488 -21.89 -17.19 29.47
C SER C 488 -21.64 -17.38 27.99
N LEU C 489 -22.35 -16.57 27.20
CA LEU C 489 -22.32 -16.67 25.75
C LEU C 489 -22.93 -15.42 25.16
N GLY C 490 -22.95 -15.36 23.84
CA GLY C 490 -23.58 -14.26 23.13
C GLY C 490 -23.73 -14.63 21.67
N ILE C 491 -24.28 -13.69 20.89
CA ILE C 491 -24.39 -13.91 19.46
C ILE C 491 -23.03 -13.65 18.81
N SER C 492 -22.58 -14.60 18.01
CA SER C 492 -21.29 -14.50 17.35
C SER C 492 -21.43 -14.96 15.91
N ILE C 493 -20.31 -14.90 15.18
CA ILE C 493 -20.28 -15.12 13.74
C ILE C 493 -19.55 -16.43 13.46
N MET C 494 -20.16 -17.30 12.65
CA MET C 494 -19.51 -18.49 12.14
C MET C 494 -19.30 -18.31 10.65
N ILE C 495 -18.03 -18.36 10.23
CA ILE C 495 -17.67 -18.26 8.83
C ILE C 495 -16.78 -19.44 8.49
N LYS C 496 -16.79 -19.85 7.23
CA LYS C 496 -15.85 -20.86 6.76
C LYS C 496 -14.43 -20.35 6.91
N LYS C 497 -13.59 -21.17 7.52
CA LYS C 497 -12.20 -20.83 7.74
C LYS C 497 -11.50 -20.67 6.40
N PRO C 498 -10.68 -19.62 6.21
CA PRO C 498 -9.92 -19.47 4.97
C PRO C 498 -8.97 -20.64 4.78
N GLN C 499 -8.88 -21.12 3.55
CA GLN C 499 -8.09 -22.32 3.27
C GLN C 499 -6.61 -22.04 3.49
N LYS C 500 -5.88 -23.13 3.75
CA LYS C 500 -4.47 -23.02 4.11
C LYS C 500 -3.66 -22.53 2.92
N SER C 501 -2.87 -21.47 3.16
CA SER C 501 -2.09 -20.81 2.12
C SER C 501 -0.96 -21.73 1.69
N LYS C 502 -1.09 -22.31 0.50
CA LYS C 502 -0.09 -23.18 -0.07
C LYS C 502 0.39 -22.57 -1.39
N PRO C 503 1.55 -21.92 -1.42
CA PRO C 503 2.05 -21.38 -2.69
C PRO C 503 2.55 -22.49 -3.60
N GLY C 504 2.34 -22.35 -4.90
CA GLY C 504 2.95 -23.29 -5.84
C GLY C 504 4.45 -23.11 -5.88
N VAL C 505 5.13 -24.10 -6.45
CA VAL C 505 6.59 -24.00 -6.60
C VAL C 505 6.95 -22.95 -7.64
N PHE C 506 6.04 -22.67 -8.56
CA PHE C 506 6.28 -21.67 -9.60
C PHE C 506 5.52 -20.38 -9.32
N SER C 507 5.44 -20.03 -8.04
CA SER C 507 4.70 -18.83 -7.64
C SER C 507 5.53 -17.56 -7.90
N PHE C 508 6.81 -17.72 -8.19
CA PHE C 508 7.64 -16.56 -8.52
C PHE C 508 7.37 -16.07 -9.94
N LEU C 509 6.86 -16.95 -10.79
CA LEU C 509 6.50 -16.58 -12.16
C LEU C 509 5.15 -15.90 -12.24
N ASP C 510 4.42 -15.85 -11.14
CA ASP C 510 3.06 -15.33 -11.03
C ASP C 510 2.86 -13.82 -11.17
N PRO C 511 3.79 -12.92 -10.81
CA PRO C 511 3.55 -11.49 -11.12
C PRO C 511 3.45 -11.15 -12.60
N LEU C 512 3.95 -12.00 -13.49
CA LEU C 512 3.64 -11.86 -14.90
C LEU C 512 2.78 -13.03 -15.37
N ALA C 513 2.06 -12.82 -16.46
CA ALA C 513 1.21 -13.88 -16.97
C ALA C 513 2.04 -14.93 -17.68
N TYR C 514 1.43 -16.10 -17.92
CA TYR C 514 2.12 -17.14 -18.65
C TYR C 514 2.24 -16.78 -20.13
N GLU C 515 1.38 -15.89 -20.59
CA GLU C 515 1.48 -15.41 -21.97
C GLU C 515 2.64 -14.44 -22.14
N ILE C 516 3.14 -13.88 -21.03
CA ILE C 516 4.26 -12.94 -21.12
C ILE C 516 5.59 -13.67 -21.13
N TRP C 517 5.77 -14.64 -20.21
CA TRP C 517 7.01 -15.42 -20.17
C TRP C 517 7.18 -16.26 -21.42
N MET C 518 6.07 -16.63 -22.07
CA MET C 518 6.14 -17.32 -23.34
C MET C 518 6.56 -16.37 -24.45
N CYS C 519 6.19 -15.09 -24.35
CA CYS C 519 6.55 -14.13 -25.38
C CYS C 519 7.92 -13.51 -25.12
N ILE C 520 8.44 -13.63 -23.90
CA ILE C 520 9.82 -13.22 -23.64
C ILE C 520 10.79 -14.20 -24.28
N VAL C 521 10.55 -15.50 -24.06
CA VAL C 521 11.42 -16.53 -24.61
C VAL C 521 11.31 -16.57 -26.13
N PHE C 522 10.14 -16.25 -26.67
CA PHE C 522 10.01 -16.13 -28.12
C PHE C 522 10.76 -14.92 -28.66
N ALA C 523 10.71 -13.81 -27.93
CA ALA C 523 11.44 -12.62 -28.38
C ALA C 523 12.94 -12.75 -28.10
N TYR C 524 13.30 -13.63 -27.16
CA TYR C 524 14.70 -13.95 -26.94
C TYR C 524 15.32 -14.62 -28.15
N ILE C 525 14.60 -15.56 -28.76
CA ILE C 525 15.11 -16.27 -29.93
C ILE C 525 15.14 -15.33 -31.12
N GLY C 526 14.12 -14.49 -31.26
CA GLY C 526 14.01 -13.63 -32.43
C GLY C 526 15.07 -12.55 -32.47
N VAL C 527 15.50 -12.07 -31.31
CA VAL C 527 16.54 -11.05 -31.27
C VAL C 527 17.89 -11.66 -31.56
N SER C 528 18.18 -12.83 -30.97
CA SER C 528 19.49 -13.43 -31.09
C SER C 528 19.78 -13.89 -32.52
N VAL C 529 18.76 -14.38 -33.22
CA VAL C 529 18.92 -14.78 -34.61
C VAL C 529 19.13 -13.57 -35.50
N VAL C 530 18.37 -12.49 -35.24
CA VAL C 530 18.58 -11.23 -35.96
C VAL C 530 19.95 -10.65 -35.66
N LEU C 531 20.42 -10.81 -34.41
CA LEU C 531 21.74 -10.32 -34.06
C LEU C 531 22.84 -11.18 -34.70
N PHE C 532 22.54 -12.44 -34.99
CA PHE C 532 23.49 -13.26 -35.73
C PHE C 532 23.47 -12.91 -37.21
N LEU C 533 22.28 -12.67 -37.77
CA LEU C 533 22.17 -12.41 -39.20
C LEU C 533 22.78 -11.06 -39.56
N VAL C 534 22.72 -10.09 -38.65
CA VAL C 534 23.22 -8.76 -38.95
C VAL C 534 24.74 -8.73 -38.93
N SER C 535 25.35 -9.27 -37.87
CA SER C 535 26.79 -9.13 -37.68
C SER C 535 27.59 -9.94 -38.70
N ARG C 536 27.04 -11.06 -39.16
CA ARG C 536 27.69 -11.89 -40.18
C ARG C 536 26.96 -11.81 -41.51
N PHE C 537 26.36 -10.65 -41.83
CA PHE C 537 25.64 -10.52 -43.09
C PHE C 537 26.59 -10.42 -44.26
N SER C 538 27.67 -9.67 -44.10
CA SER C 538 28.60 -9.26 -45.15
C SER C 538 29.83 -10.15 -45.19
N PRO C 539 30.33 -10.43 -46.40
CA PRO C 539 31.70 -10.95 -46.50
C PRO C 539 32.73 -9.92 -46.10
N TYR C 540 32.45 -8.64 -46.28
CA TYR C 540 33.37 -7.57 -45.91
C TYR C 540 32.86 -6.82 -44.70
N SER C 556 34.93 -7.09 -40.56
CA SER C 556 34.57 -8.06 -41.60
C SER C 556 33.96 -9.30 -40.98
N GLU C 557 34.07 -10.43 -41.66
CA GLU C 557 33.48 -11.66 -41.16
C GLU C 557 34.33 -12.27 -40.05
N SER C 558 35.66 -12.17 -40.17
CA SER C 558 36.53 -12.73 -39.15
C SER C 558 36.68 -11.78 -37.96
N THR C 559 36.33 -10.50 -38.14
CA THR C 559 36.47 -9.54 -37.05
C THR C 559 35.34 -9.66 -36.05
N ASN C 560 34.13 -9.99 -36.52
CA ASN C 560 33.00 -10.15 -35.61
C ASN C 560 33.13 -11.44 -34.83
N GLU C 561 32.96 -11.35 -33.51
CA GLU C 561 33.00 -12.50 -32.63
C GLU C 561 31.61 -13.13 -32.48
N PHE C 562 30.59 -12.53 -33.09
CA PHE C 562 29.20 -12.94 -32.92
C PHE C 562 28.89 -14.07 -33.88
N GLY C 563 28.97 -15.31 -33.39
CA GLY C 563 28.26 -16.42 -33.95
C GLY C 563 26.88 -16.53 -33.35
N ILE C 564 26.16 -17.59 -33.73
CA ILE C 564 24.89 -17.90 -33.09
C ILE C 564 25.10 -18.21 -31.62
N PHE C 565 26.17 -18.95 -31.30
CA PHE C 565 26.39 -19.37 -29.93
C PHE C 565 26.86 -18.21 -29.06
N ASN C 566 27.37 -17.14 -29.67
CA ASN C 566 27.62 -15.92 -28.90
C ASN C 566 26.37 -15.05 -28.84
N SER C 567 25.57 -15.05 -29.91
CA SER C 567 24.42 -14.14 -29.98
C SER C 567 23.31 -14.55 -29.03
N LEU C 568 23.13 -15.85 -28.81
CA LEU C 568 22.21 -16.28 -27.76
C LEU C 568 22.75 -15.94 -26.38
N TRP C 569 24.07 -15.80 -26.25
CA TRP C 569 24.61 -15.49 -24.93
C TRP C 569 24.58 -13.99 -24.66
N PHE C 570 24.66 -13.17 -25.70
CA PHE C 570 24.57 -11.72 -25.47
C PHE C 570 23.16 -11.31 -25.09
N SER C 571 22.16 -11.93 -25.70
CA SER C 571 20.79 -11.62 -25.35
C SER C 571 20.40 -12.25 -24.04
N LEU C 572 21.16 -13.24 -23.57
CA LEU C 572 20.88 -13.81 -22.26
C LEU C 572 21.42 -12.92 -21.16
N GLY C 573 22.64 -12.42 -21.32
CA GLY C 573 23.21 -11.53 -20.31
C GLY C 573 22.56 -10.17 -20.28
N ALA C 574 21.99 -9.76 -21.42
CA ALA C 574 21.28 -8.49 -21.47
C ALA C 574 19.96 -8.57 -20.72
N PHE C 575 19.28 -9.72 -20.81
CA PHE C 575 17.97 -9.84 -20.18
C PHE C 575 18.10 -9.96 -18.66
N MET C 576 19.05 -10.76 -18.19
CA MET C 576 19.28 -10.86 -16.76
C MET C 576 20.12 -9.72 -16.20
N GLN C 577 20.44 -8.74 -17.02
CA GLN C 577 21.09 -7.47 -16.69
C GLN C 577 22.50 -7.64 -16.12
N GLN C 578 23.13 -8.79 -16.30
CA GLN C 578 24.47 -8.97 -15.77
C GLN C 578 25.51 -8.33 -16.69
N GLY C 579 25.19 -8.19 -17.95
CA GLY C 579 26.12 -7.62 -18.89
C GLY C 579 27.07 -8.68 -19.42
N CYS C 580 27.30 -8.63 -20.73
CA CYS C 580 28.13 -9.61 -21.39
C CYS C 580 29.45 -8.97 -21.78
N ASP C 581 30.47 -9.81 -21.97
CA ASP C 581 31.80 -9.29 -22.24
C ASP C 581 31.90 -8.77 -23.68
N ILE C 582 31.24 -9.42 -24.62
CA ILE C 582 31.26 -8.94 -25.99
C ILE C 582 30.17 -7.88 -26.16
N SER C 583 30.40 -6.96 -27.09
CA SER C 583 29.45 -5.90 -27.39
C SER C 583 29.48 -5.67 -28.89
N PRO C 584 28.35 -5.27 -29.48
CA PRO C 584 28.31 -5.06 -30.93
C PRO C 584 29.14 -3.85 -31.34
N ARG C 585 29.62 -3.87 -32.58
CA ARG C 585 30.46 -2.79 -33.08
C ARG C 585 29.93 -2.14 -34.34
N SER C 586 29.15 -2.85 -35.16
CA SER C 586 28.54 -2.24 -36.31
C SER C 586 27.39 -1.35 -35.87
N LEU C 587 26.93 -0.48 -36.79
CA LEU C 587 25.78 0.37 -36.50
C LEU C 587 24.53 -0.48 -36.28
N SER C 588 24.25 -1.39 -37.20
CA SER C 588 23.02 -2.17 -37.09
C SER C 588 23.11 -3.23 -36.00
N GLY C 589 24.33 -3.60 -35.62
CA GLY C 589 24.48 -4.48 -34.46
C GLY C 589 24.12 -3.79 -33.16
N ARG C 590 24.31 -2.47 -33.10
CA ARG C 590 23.97 -1.76 -31.87
C ARG C 590 22.49 -1.43 -31.82
N ILE C 591 21.82 -1.47 -32.97
CA ILE C 591 20.38 -1.26 -33.00
C ILE C 591 19.65 -2.42 -32.35
N VAL C 592 19.97 -3.64 -32.79
CA VAL C 592 19.36 -4.84 -32.21
C VAL C 592 19.80 -5.03 -30.76
N GLY C 593 21.01 -4.59 -30.44
CA GLY C 593 21.44 -4.64 -29.06
C GLY C 593 20.81 -3.57 -28.20
N GLY C 594 20.55 -2.40 -28.77
CA GLY C 594 20.06 -1.29 -27.97
C GLY C 594 18.58 -1.39 -27.65
N VAL C 595 17.79 -1.89 -28.59
CA VAL C 595 16.34 -1.98 -28.39
C VAL C 595 16.02 -3.06 -27.37
N TRP C 596 16.75 -4.16 -27.41
CA TRP C 596 16.58 -5.23 -26.42
C TRP C 596 16.99 -4.76 -25.03
N TRP C 597 17.90 -3.79 -24.95
CA TRP C 597 18.23 -3.21 -23.66
C TRP C 597 17.10 -2.36 -23.11
N PHE C 598 16.33 -1.72 -23.98
CA PHE C 598 15.14 -1.01 -23.51
C PHE C 598 14.03 -1.99 -23.20
N PHE C 599 14.02 -3.14 -23.89
CA PHE C 599 13.04 -4.17 -23.59
C PHE C 599 13.27 -4.75 -22.21
N THR C 600 14.52 -5.03 -21.86
CA THR C 600 14.80 -5.66 -20.58
C THR C 600 14.75 -4.65 -19.44
N LEU C 601 14.67 -3.36 -19.75
CA LEU C 601 14.53 -2.39 -18.69
C LEU C 601 13.10 -2.35 -18.19
N ILE C 602 12.14 -2.46 -19.11
CA ILE C 602 10.74 -2.32 -18.74
C ILE C 602 10.23 -3.60 -18.09
N ILE C 603 10.62 -4.75 -18.65
CA ILE C 603 10.08 -6.04 -18.20
C ILE C 603 10.57 -6.39 -16.79
N ILE C 604 11.86 -6.19 -16.54
CA ILE C 604 12.41 -6.50 -15.23
C ILE C 604 11.89 -5.51 -14.19
N SER C 605 11.70 -4.25 -14.57
CA SER C 605 11.20 -3.27 -13.62
C SER C 605 9.70 -3.43 -13.39
N SER C 606 8.98 -3.99 -14.36
CA SER C 606 7.57 -4.27 -14.15
C SER C 606 7.40 -5.50 -13.27
N TYR C 607 8.28 -6.50 -13.46
CA TYR C 607 8.22 -7.72 -12.66
C TYR C 607 8.46 -7.42 -11.19
N THR C 608 9.40 -6.53 -10.89
CA THR C 608 9.71 -6.22 -9.50
C THR C 608 8.59 -5.41 -8.87
N ALA C 609 8.06 -4.44 -9.60
CA ALA C 609 7.03 -3.57 -9.02
C ALA C 609 5.70 -4.28 -8.93
N ASN C 610 5.44 -5.26 -9.79
CA ASN C 610 4.23 -6.05 -9.63
C ASN C 610 4.36 -7.01 -8.46
N LEU C 611 5.58 -7.52 -8.22
CA LEU C 611 5.80 -8.37 -7.06
C LEU C 611 5.72 -7.58 -5.77
N ALA C 612 6.13 -6.31 -5.81
CA ALA C 612 5.93 -5.44 -4.66
C ALA C 612 4.46 -5.13 -4.44
N ALA C 613 3.67 -5.15 -5.51
CA ALA C 613 2.25 -4.90 -5.37
C ALA C 613 1.51 -6.12 -4.85
N PHE C 614 2.02 -7.32 -5.12
CA PHE C 614 1.41 -8.51 -4.52
C PHE C 614 1.66 -8.55 -3.03
N LEU C 615 2.92 -8.32 -2.63
CA LEU C 615 3.30 -8.48 -1.23
C LEU C 615 2.75 -7.36 -0.37
N THR C 616 2.39 -6.23 -0.98
CA THR C 616 1.79 -5.15 -0.23
C THR C 616 0.34 -5.46 0.11
N VAL C 617 -0.40 -5.98 -0.87
CA VAL C 617 -1.83 -6.21 -0.65
C VAL C 617 -2.06 -7.43 0.22
N GLU C 618 -1.24 -8.47 0.05
CA GLU C 618 -1.27 -9.65 0.93
C GLU C 618 -0.96 -9.29 2.38
N ARG C 619 -0.20 -8.23 2.61
CA ARG C 619 0.07 -7.71 3.93
C ARG C 619 -1.05 -6.78 4.40
N MET C 620 -1.94 -6.36 3.50
CA MET C 620 -3.01 -5.45 3.88
C MET C 620 -4.35 -6.15 4.06
N VAL C 621 -4.54 -7.32 3.45
CA VAL C 621 -5.86 -7.98 3.52
C VAL C 621 -6.12 -8.48 4.93
N SER C 622 -7.19 -7.94 5.52
CA SER C 622 -7.55 -8.16 6.91
C SER C 622 -8.71 -9.14 7.00
N PRO C 623 -8.81 -9.91 8.07
CA PRO C 623 -9.99 -10.72 8.30
C PRO C 623 -11.16 -9.86 8.78
N ILE C 624 -12.31 -10.50 8.91
CA ILE C 624 -13.51 -9.84 9.42
C ILE C 624 -13.63 -10.18 10.90
N GLU C 625 -13.48 -9.16 11.76
CA GLU C 625 -13.40 -9.39 13.20
C GLU C 625 -14.38 -8.54 14.00
N SER C 626 -15.44 -8.01 13.38
CA SER C 626 -16.51 -7.36 14.12
C SER C 626 -17.78 -7.43 13.31
N ALA C 627 -18.91 -7.18 13.98
CA ALA C 627 -20.20 -7.20 13.30
C ALA C 627 -20.37 -6.01 12.39
N GLU C 628 -19.77 -4.86 12.76
CA GLU C 628 -19.78 -3.70 11.88
C GLU C 628 -18.90 -3.95 10.67
N ASP C 629 -17.79 -4.67 10.85
CA ASP C 629 -16.94 -5.05 9.72
C ASP C 629 -17.66 -6.02 8.81
N LEU C 630 -18.58 -6.82 9.38
CA LEU C 630 -19.46 -7.63 8.56
C LEU C 630 -20.47 -6.76 7.81
N SER C 631 -20.84 -5.62 8.40
CA SER C 631 -21.88 -4.78 7.80
C SER C 631 -21.31 -3.91 6.68
N LYS C 632 -20.06 -3.48 6.80
CA LYS C 632 -19.50 -2.54 5.84
C LYS C 632 -19.19 -3.17 4.49
N GLN C 633 -19.04 -4.49 4.43
CA GLN C 633 -18.69 -5.16 3.19
C GLN C 633 -19.86 -6.02 2.72
N THR C 634 -20.19 -5.89 1.44
CA THR C 634 -21.26 -6.68 0.83
C THR C 634 -20.71 -7.86 0.03
N GLU C 635 -19.44 -8.18 0.20
CA GLU C 635 -18.90 -9.40 -0.41
C GLU C 635 -19.46 -10.65 0.28
N ILE C 636 -19.35 -10.72 1.60
CA ILE C 636 -19.79 -11.89 2.37
C ILE C 636 -21.18 -11.62 2.92
N ALA C 637 -22.08 -12.58 2.74
CA ALA C 637 -23.48 -12.49 3.16
C ALA C 637 -23.68 -13.21 4.47
N TYR C 638 -24.72 -12.82 5.21
CA TYR C 638 -24.94 -13.34 6.56
C TYR C 638 -26.43 -13.57 6.82
N GLY C 639 -26.73 -14.67 7.50
CA GLY C 639 -28.10 -14.99 7.84
C GLY C 639 -28.20 -15.70 9.18
N THR C 640 -29.39 -15.62 9.77
CA THR C 640 -29.66 -16.18 11.10
C THR C 640 -30.64 -17.34 10.97
N LEU C 641 -31.15 -17.77 12.12
CA LEU C 641 -32.33 -18.62 12.13
C LEU C 641 -33.54 -17.81 11.67
N ASP C 642 -34.46 -18.47 10.96
CA ASP C 642 -35.69 -17.78 10.57
C ASP C 642 -36.64 -17.64 11.76
N SER C 643 -36.45 -18.47 12.79
CA SER C 643 -37.27 -18.44 14.01
C SER C 643 -36.36 -18.64 15.21
N GLY C 644 -36.10 -17.56 15.94
CA GLY C 644 -35.20 -17.65 17.08
C GLY C 644 -35.01 -16.29 17.73
N SER C 645 -34.39 -16.34 18.92
CA SER C 645 -34.13 -15.13 19.69
C SER C 645 -33.08 -14.26 19.04
N THR C 646 -32.25 -14.84 18.18
CA THR C 646 -31.29 -14.06 17.40
C THR C 646 -32.02 -13.14 16.43
N LYS C 647 -33.09 -13.64 15.79
CA LYS C 647 -33.85 -12.82 14.85
C LYS C 647 -34.58 -11.69 15.58
N GLU C 648 -35.07 -11.97 16.79
CA GLU C 648 -35.75 -10.97 17.61
C GLU C 648 -34.80 -9.84 18.00
N PHE C 649 -33.52 -10.18 18.15
CA PHE C 649 -32.55 -9.24 18.71
C PHE C 649 -32.26 -8.07 17.79
N PHE C 650 -32.23 -8.32 16.47
CA PHE C 650 -31.95 -7.23 15.55
C PHE C 650 -33.14 -6.29 15.43
N ARG C 651 -34.36 -6.81 15.66
CA ARG C 651 -35.53 -5.94 15.67
C ARG C 651 -35.60 -5.12 16.96
N ARG C 652 -35.38 -5.76 18.11
CA ARG C 652 -35.61 -5.10 19.39
C ARG C 652 -34.45 -4.20 19.83
N SER C 653 -33.45 -4.00 18.98
CA SER C 653 -32.29 -3.18 19.32
C SER C 653 -32.41 -1.83 18.62
N LYS C 654 -31.95 -0.77 19.29
CA LYS C 654 -32.03 0.56 18.72
C LYS C 654 -30.85 0.86 17.81
N ILE C 655 -29.77 0.10 17.91
CA ILE C 655 -28.48 0.51 17.34
C ILE C 655 -28.53 0.36 15.83
N ALA C 656 -28.02 1.38 15.13
CA ALA C 656 -28.24 1.49 13.69
C ALA C 656 -27.38 0.50 12.91
N VAL C 657 -26.32 0.00 13.53
CA VAL C 657 -25.50 -1.02 12.87
C VAL C 657 -26.29 -2.31 12.71
N PHE C 658 -27.02 -2.69 13.75
CA PHE C 658 -27.80 -3.93 13.67
C PHE C 658 -29.12 -3.69 12.94
N ASP C 659 -29.58 -2.44 12.93
CA ASP C 659 -30.82 -2.14 12.20
C ASP C 659 -30.60 -2.21 10.70
N LYS C 660 -29.43 -1.79 10.22
CA LYS C 660 -29.13 -1.96 8.81
C LYS C 660 -28.73 -3.40 8.51
N MET C 661 -28.21 -4.11 9.52
CA MET C 661 -28.06 -5.54 9.40
C MET C 661 -29.40 -6.26 9.37
N TRP C 662 -30.41 -5.68 10.01
CA TRP C 662 -31.75 -6.25 9.91
C TRP C 662 -32.37 -5.99 8.53
N THR C 663 -32.28 -4.76 8.04
CA THR C 663 -32.90 -4.40 6.77
C THR C 663 -32.16 -5.05 5.60
N TYR C 664 -30.87 -5.34 5.79
CA TYR C 664 -30.14 -6.17 4.83
C TYR C 664 -30.70 -7.58 4.76
N MET C 665 -31.01 -8.15 5.92
CA MET C 665 -31.59 -9.50 5.93
C MET C 665 -33.01 -9.49 5.38
N ARG C 666 -33.70 -8.36 5.51
CA ARG C 666 -35.03 -8.22 4.92
C ARG C 666 -34.97 -8.20 3.41
N SER C 667 -34.07 -7.38 2.84
CA SER C 667 -34.16 -6.99 1.44
C SER C 667 -33.07 -7.57 0.56
N ALA C 668 -32.22 -8.45 1.07
CA ALA C 668 -31.29 -9.16 0.19
C ALA C 668 -32.07 -10.13 -0.69
N GLU C 669 -31.81 -10.07 -2.00
CA GLU C 669 -32.60 -10.84 -2.96
C GLU C 669 -32.40 -12.34 -2.84
N PRO C 670 -31.19 -12.88 -2.60
CA PRO C 670 -31.16 -14.22 -1.99
C PRO C 670 -31.57 -14.11 -0.54
N SER C 671 -32.57 -14.89 -0.14
CA SER C 671 -33.03 -14.86 1.24
C SER C 671 -31.98 -15.49 2.14
N VAL C 672 -31.61 -14.77 3.20
CA VAL C 672 -30.51 -15.23 4.05
C VAL C 672 -30.99 -16.09 5.21
N PHE C 673 -32.29 -16.12 5.49
CA PHE C 673 -32.79 -16.87 6.62
C PHE C 673 -32.87 -18.35 6.29
N VAL C 674 -32.49 -19.18 7.26
CA VAL C 674 -32.55 -20.63 7.13
C VAL C 674 -33.44 -21.19 8.23
N ARG C 675 -33.90 -22.42 8.05
CA ARG C 675 -34.97 -22.96 8.90
C ARG C 675 -34.44 -23.35 10.27
N THR C 676 -33.30 -24.04 10.33
CA THR C 676 -32.73 -24.47 11.61
C THR C 676 -31.25 -24.12 11.61
N THR C 677 -30.53 -24.68 12.58
CA THR C 677 -29.10 -24.40 12.70
C THR C 677 -28.31 -25.23 11.70
N ALA C 678 -28.62 -26.53 11.59
CA ALA C 678 -27.82 -27.43 10.77
C ALA C 678 -28.02 -27.15 9.28
N GLU C 679 -29.13 -26.51 8.91
CA GLU C 679 -29.23 -26.00 7.55
C GLU C 679 -28.29 -24.81 7.35
N GLY C 680 -28.15 -23.97 8.37
CA GLY C 680 -27.22 -22.85 8.27
C GLY C 680 -25.78 -23.31 8.26
N VAL C 681 -25.48 -24.42 8.93
CA VAL C 681 -24.13 -24.97 8.91
C VAL C 681 -23.79 -25.46 7.51
N ALA C 682 -24.75 -26.10 6.83
CA ALA C 682 -24.50 -26.60 5.48
C ALA C 682 -24.37 -25.47 4.48
N ARG C 683 -24.98 -24.32 4.76
CA ARG C 683 -24.85 -23.17 3.87
C ARG C 683 -23.47 -22.54 3.98
N VAL C 684 -22.85 -22.65 5.16
CA VAL C 684 -21.46 -22.20 5.32
C VAL C 684 -20.52 -23.06 4.47
N ARG C 685 -20.82 -24.35 4.37
CA ARG C 685 -19.93 -25.27 3.66
C ARG C 685 -20.04 -25.10 2.14
N LYS C 686 -21.21 -24.71 1.66
CA LYS C 686 -21.45 -24.65 0.22
C LYS C 686 -20.85 -23.40 -0.43
N SER C 687 -20.88 -22.27 0.25
CA SER C 687 -20.58 -20.99 -0.37
C SER C 687 -19.10 -20.68 -0.48
N LYS C 688 -18.23 -21.59 0.00
CA LYS C 688 -16.76 -21.51 -0.14
C LYS C 688 -16.18 -20.23 0.47
N GLY C 689 -16.61 -19.89 1.68
CA GLY C 689 -16.11 -18.71 2.33
C GLY C 689 -16.78 -17.42 1.94
N LYS C 690 -17.94 -17.47 1.32
CA LYS C 690 -18.70 -16.29 0.97
C LYS C 690 -19.90 -16.07 1.90
N TYR C 691 -20.14 -16.95 2.86
CA TYR C 691 -21.31 -16.87 3.72
C TYR C 691 -20.90 -16.85 5.18
N ALA C 692 -21.44 -15.88 5.92
CA ALA C 692 -21.27 -15.79 7.36
C ALA C 692 -22.56 -16.26 8.01
N TYR C 693 -22.47 -16.70 9.26
CA TYR C 693 -23.61 -17.26 9.96
C TYR C 693 -23.65 -16.71 11.38
N LEU C 694 -24.81 -16.20 11.79
CA LEU C 694 -24.99 -15.58 13.09
C LEU C 694 -25.66 -16.58 14.02
N LEU C 695 -25.02 -16.89 15.14
CA LEU C 695 -25.54 -17.86 16.08
C LEU C 695 -24.90 -17.62 17.44
N GLU C 696 -25.34 -18.42 18.41
CA GLU C 696 -24.83 -18.28 19.77
C GLU C 696 -23.37 -18.74 19.83
N SER C 697 -22.64 -18.24 20.82
CA SER C 697 -21.20 -18.42 20.86
C SER C 697 -20.82 -19.85 21.21
N THR C 698 -21.48 -20.43 22.20
CA THR C 698 -21.10 -21.77 22.63
C THR C 698 -21.55 -22.83 21.63
N MET C 699 -22.58 -22.52 20.84
CA MET C 699 -22.83 -23.36 19.67
C MET C 699 -21.76 -23.14 18.60
N ASN C 700 -21.23 -21.92 18.52
CA ASN C 700 -20.20 -21.64 17.52
C ASN C 700 -18.87 -22.26 17.92
N GLU C 701 -18.62 -22.40 19.22
CA GLU C 701 -17.36 -22.99 19.67
C GLU C 701 -17.33 -24.49 19.43
N TYR C 702 -18.48 -25.15 19.61
CA TYR C 702 -18.50 -26.61 19.49
C TYR C 702 -18.50 -27.06 18.02
N ILE C 703 -19.15 -26.30 17.14
CA ILE C 703 -19.27 -26.72 15.75
C ILE C 703 -17.94 -26.60 15.02
N GLU C 704 -17.14 -25.59 15.36
CA GLU C 704 -15.82 -25.50 14.74
C GLU C 704 -14.85 -26.53 15.30
N GLN C 705 -15.21 -27.19 16.40
CA GLN C 705 -14.42 -28.29 16.94
C GLN C 705 -14.86 -29.65 16.45
N ARG C 706 -15.73 -29.72 15.45
CA ARG C 706 -16.14 -30.99 14.88
C ARG C 706 -15.58 -31.12 13.47
N LYS C 707 -15.36 -32.36 13.03
CA LYS C 707 -14.93 -32.59 11.66
C LYS C 707 -16.03 -32.18 10.69
N PRO C 708 -15.68 -31.69 9.48
CA PRO C 708 -14.38 -31.47 8.82
C PRO C 708 -13.56 -30.24 9.24
N CYS C 709 -13.88 -29.60 10.37
CA CYS C 709 -13.05 -28.58 11.04
C CYS C 709 -12.85 -27.31 10.22
N ASP C 710 -13.64 -27.06 9.17
CA ASP C 710 -13.37 -25.97 8.25
C ASP C 710 -14.18 -24.70 8.58
N THR C 711 -14.66 -24.56 9.81
CA THR C 711 -15.29 -23.33 10.26
C THR C 711 -14.51 -22.80 11.46
N MET C 712 -14.82 -21.56 11.83
CA MET C 712 -14.03 -20.91 12.87
C MET C 712 -14.83 -19.80 13.52
N LYS C 713 -14.44 -19.45 14.75
CA LYS C 713 -15.00 -18.29 15.42
C LYS C 713 -14.18 -17.05 15.06
N VAL C 714 -14.88 -15.96 14.72
CA VAL C 714 -14.26 -14.67 14.48
C VAL C 714 -14.87 -13.65 15.42
N GLY C 715 -14.11 -12.60 15.70
CA GLY C 715 -14.64 -11.45 16.41
C GLY C 715 -14.96 -11.76 17.86
N GLY C 716 -16.07 -11.18 18.34
CA GLY C 716 -16.48 -11.36 19.71
C GLY C 716 -17.99 -11.34 19.82
N ASN C 717 -18.46 -11.40 21.06
CA ASN C 717 -19.89 -11.43 21.33
C ASN C 717 -20.48 -10.05 21.14
N LEU C 718 -21.39 -9.92 20.17
CA LEU C 718 -21.99 -8.62 19.90
C LEU C 718 -23.02 -8.24 20.96
N ASP C 719 -23.62 -9.24 21.61
CA ASP C 719 -24.42 -9.04 22.81
C ASP C 719 -23.91 -9.97 23.90
N SER C 720 -24.73 -10.16 24.93
CA SER C 720 -24.47 -11.20 25.92
C SER C 720 -25.77 -11.85 26.37
N LYS C 721 -25.71 -13.16 26.57
CA LYS C 721 -26.80 -13.91 27.16
C LYS C 721 -26.20 -14.85 28.18
N GLY C 722 -27.02 -15.75 28.70
CA GLY C 722 -26.55 -16.76 29.63
C GLY C 722 -27.51 -17.90 29.72
N TYR C 723 -26.98 -19.10 29.89
CA TYR C 723 -27.78 -20.29 30.13
C TYR C 723 -27.93 -20.49 31.62
N GLY C 724 -29.12 -20.82 32.07
CA GLY C 724 -29.41 -20.90 33.49
C GLY C 724 -30.16 -22.16 33.85
N ILE C 725 -29.95 -22.60 35.09
CA ILE C 725 -30.67 -23.74 35.63
C ILE C 725 -32.00 -23.27 36.19
N ALA C 726 -33.09 -23.88 35.73
CA ALA C 726 -34.42 -23.40 36.00
C ALA C 726 -35.17 -24.33 36.94
N THR C 727 -35.88 -23.73 37.88
CA THR C 727 -36.79 -24.42 38.79
C THR C 727 -38.17 -23.79 38.66
N PRO C 728 -39.23 -24.52 39.01
CA PRO C 728 -40.56 -23.91 39.05
C PRO C 728 -40.66 -22.85 40.14
N LYS C 729 -41.59 -21.91 39.93
CA LYS C 729 -41.71 -20.73 40.76
C LYS C 729 -42.16 -21.10 42.17
N GLY C 730 -41.42 -20.61 43.16
CA GLY C 730 -41.74 -20.89 44.55
C GLY C 730 -41.36 -22.27 45.04
N SER C 731 -40.71 -23.07 44.21
CA SER C 731 -40.30 -24.41 44.62
C SER C 731 -39.15 -24.34 45.62
N SER C 732 -39.02 -25.40 46.42
CA SER C 732 -38.04 -25.38 47.50
C SER C 732 -36.64 -25.62 46.97
N LEU C 733 -36.52 -26.11 45.74
CA LEU C 733 -35.20 -26.48 45.22
C LEU C 733 -34.37 -25.27 44.81
N GLY C 734 -35.00 -24.10 44.66
CA GLY C 734 -34.35 -22.98 43.98
C GLY C 734 -33.15 -22.42 44.73
N THR C 735 -33.25 -22.30 46.04
CA THR C 735 -32.15 -21.76 46.84
C THR C 735 -30.98 -22.74 47.01
N PRO C 736 -31.16 -24.05 47.33
CA PRO C 736 -29.96 -24.91 47.41
C PRO C 736 -29.31 -25.17 46.06
N VAL C 737 -30.08 -25.11 44.98
CA VAL C 737 -29.49 -25.10 43.64
C VAL C 737 -28.67 -23.84 43.44
N ASN C 738 -29.17 -22.69 43.90
CA ASN C 738 -28.47 -21.43 43.72
C ASN C 738 -27.16 -21.39 44.49
N LEU C 739 -27.14 -22.02 45.66
CA LEU C 739 -25.87 -22.17 46.38
C LEU C 739 -24.96 -23.15 45.67
N ALA C 740 -25.54 -24.12 44.96
CA ALA C 740 -24.71 -25.13 44.30
C ALA C 740 -24.05 -24.57 43.05
N VAL C 741 -24.72 -23.65 42.36
CA VAL C 741 -24.15 -23.06 41.15
C VAL C 741 -22.99 -22.14 41.52
N LEU C 742 -23.13 -21.39 42.62
CA LEU C 742 -22.04 -20.53 43.07
C LEU C 742 -20.90 -21.35 43.63
N LYS C 743 -21.19 -22.55 44.16
CA LYS C 743 -20.12 -23.40 44.68
C LYS C 743 -19.33 -24.04 43.55
N LEU C 744 -20.01 -24.42 42.47
CA LEU C 744 -19.32 -25.08 41.36
C LEU C 744 -18.44 -24.12 40.58
N SER C 745 -18.78 -22.83 40.58
CA SER C 745 -18.04 -21.88 39.75
C SER C 745 -16.71 -21.51 40.39
N GLU C 746 -16.70 -21.28 41.69
CA GLU C 746 -15.48 -20.85 42.37
C GLU C 746 -14.49 -21.98 42.58
N GLN C 747 -14.92 -23.24 42.49
CA GLN C 747 -14.01 -24.38 42.57
C GLN C 747 -13.47 -24.76 41.19
N GLY C 748 -13.81 -23.99 40.16
CA GLY C 748 -13.35 -24.26 38.81
C GLY C 748 -13.96 -25.50 38.20
N VAL C 749 -15.08 -25.97 38.73
CA VAL C 749 -15.75 -27.13 38.16
C VAL C 749 -16.41 -26.75 36.84
N LEU C 750 -17.05 -25.58 36.80
CA LEU C 750 -17.60 -25.08 35.55
C LEU C 750 -16.48 -24.70 34.58
N ASP C 751 -15.31 -24.35 35.10
CA ASP C 751 -14.13 -24.22 34.26
C ASP C 751 -13.69 -25.57 33.72
N LYS C 752 -13.69 -26.60 34.58
CA LYS C 752 -13.20 -27.92 34.18
C LYS C 752 -14.17 -28.62 33.24
N LEU C 753 -15.47 -28.48 33.50
CA LEU C 753 -16.46 -29.13 32.64
C LEU C 753 -16.57 -28.43 31.29
N LYS C 754 -16.17 -27.16 31.23
CA LYS C 754 -16.13 -26.48 29.95
C LYS C 754 -14.95 -26.94 29.12
N ASN C 755 -13.76 -26.95 29.71
CA ASN C 755 -12.53 -27.29 28.99
C ASN C 755 -12.54 -28.74 28.52
N LYS C 756 -13.32 -29.60 29.19
CA LYS C 756 -13.33 -31.01 28.82
C LYS C 756 -14.27 -31.24 27.64
N TRP C 757 -15.51 -30.78 27.73
CA TRP C 757 -16.52 -31.16 26.75
C TRP C 757 -16.30 -30.45 25.41
N TRP C 758 -15.83 -29.20 25.44
CA TRP C 758 -15.69 -28.48 24.18
C TRP C 758 -14.36 -28.78 23.50
N TYR C 759 -13.39 -29.32 24.25
CA TYR C 759 -12.06 -29.47 23.65
C TYR C 759 -11.66 -30.93 23.48
N ASP C 760 -11.97 -31.78 24.45
CA ASP C 760 -11.54 -33.18 24.34
C ASP C 760 -12.41 -33.93 23.35
N LYS C 761 -13.65 -33.50 23.17
CA LYS C 761 -14.46 -33.95 22.06
C LYS C 761 -14.30 -33.04 20.84
N GLY C 762 -13.16 -32.38 20.74
CA GLY C 762 -12.82 -31.43 19.71
C GLY C 762 -11.87 -32.00 18.69
N GLU C 763 -10.57 -31.79 18.94
CA GLU C 763 -9.34 -32.19 18.25
C GLU C 763 -9.17 -31.53 16.88
N CYS C 764 -10.05 -30.60 16.52
CA CYS C 764 -9.72 -29.67 15.45
C CYS C 764 -8.74 -28.63 15.97
N GLY C 765 -7.92 -28.09 15.08
CA GLY C 765 -6.91 -27.13 15.48
C GLY C 765 -7.47 -25.75 15.75
N ALA C 766 -6.88 -25.08 16.74
CA ALA C 766 -7.29 -23.74 17.15
C ALA C 766 -6.14 -22.76 16.99
N LYS C 767 -6.40 -21.65 16.29
CA LYS C 767 -5.44 -20.59 15.99
C LYS C 767 -4.19 -21.13 15.29
N ASP C 768 -4.40 -21.96 14.26
CA ASP C 768 -3.28 -22.56 13.55
C ASP C 768 -2.58 -21.54 12.67
N SER C 769 -3.30 -20.50 12.25
CA SER C 769 -2.68 -19.42 11.50
C SER C 769 -1.77 -18.58 12.39
N GLY C 770 -2.29 -18.15 13.53
CA GLY C 770 -1.48 -17.39 14.48
C GLY C 770 -1.25 -15.97 14.00
N SER C 771 0.01 -15.60 13.89
CA SER C 771 0.36 -14.23 13.51
C SER C 771 0.11 -13.99 12.03
N LYS C 772 -0.24 -12.74 11.70
CA LYS C 772 -0.37 -12.38 10.29
C LYS C 772 0.99 -12.05 9.68
N GLU C 773 1.99 -11.78 10.51
CA GLU C 773 3.35 -11.53 10.06
C GLU C 773 4.19 -12.79 9.97
N LYS C 774 3.56 -13.97 9.92
CA LYS C 774 4.30 -15.19 9.66
C LYS C 774 4.82 -15.22 8.23
N THR C 775 4.10 -14.57 7.31
CA THR C 775 4.48 -14.48 5.91
C THR C 775 5.24 -13.19 5.59
N SER C 776 5.66 -12.45 6.62
CA SER C 776 6.50 -11.27 6.43
C SER C 776 7.84 -11.65 5.81
N ALA C 777 8.57 -12.55 6.45
CA ALA C 777 9.78 -13.08 5.86
C ALA C 777 9.40 -14.00 4.70
N LEU C 778 9.93 -13.70 3.52
CA LEU C 778 9.56 -14.41 2.30
C LEU C 778 10.25 -15.76 2.37
N SER C 779 9.52 -16.74 2.89
CA SER C 779 10.11 -18.02 3.30
C SER C 779 10.48 -18.85 2.08
N LEU C 780 11.07 -20.02 2.36
CA LEU C 780 11.69 -20.83 1.31
C LEU C 780 10.64 -21.46 0.41
N SER C 781 9.44 -21.71 0.92
CA SER C 781 8.40 -22.35 0.12
C SER C 781 7.85 -21.43 -0.96
N ASN C 782 8.11 -20.13 -0.84
CA ASN C 782 7.71 -19.18 -1.88
C ASN C 782 8.60 -19.26 -3.10
N VAL C 783 9.90 -19.47 -2.91
CA VAL C 783 10.85 -19.40 -4.01
C VAL C 783 11.66 -20.68 -4.12
N ALA C 784 11.07 -21.81 -3.71
CA ALA C 784 11.77 -23.09 -3.79
C ALA C 784 11.90 -23.57 -5.23
N GLY C 785 11.04 -23.07 -6.13
CA GLY C 785 11.10 -23.51 -7.51
C GLY C 785 12.33 -23.01 -8.24
N VAL C 786 12.83 -21.83 -7.83
CA VAL C 786 14.03 -21.27 -8.44
C VAL C 786 15.23 -22.15 -8.10
N PHE C 787 15.25 -22.69 -6.89
CA PHE C 787 16.27 -23.65 -6.51
C PHE C 787 16.11 -24.96 -7.26
N TYR C 788 14.87 -25.32 -7.60
CA TYR C 788 14.65 -26.52 -8.40
C TYR C 788 15.12 -26.30 -9.82
N ILE C 789 15.03 -25.07 -10.31
CA ILE C 789 15.61 -24.73 -11.61
C ILE C 789 17.12 -24.70 -11.50
N LEU C 790 17.64 -24.28 -10.33
CA LEU C 790 19.08 -24.11 -10.18
C LEU C 790 19.81 -25.46 -10.10
N VAL C 791 19.30 -26.37 -9.28
CA VAL C 791 19.92 -27.69 -9.19
C VAL C 791 19.65 -28.48 -10.48
N GLY C 792 18.46 -28.29 -11.05
CA GLY C 792 18.21 -28.84 -12.37
C GLY C 792 19.04 -28.17 -13.46
N GLY C 793 19.47 -26.94 -13.21
CA GLY C 793 20.36 -26.28 -14.16
C GLY C 793 21.79 -26.78 -14.07
N LEU C 794 22.27 -27.04 -12.85
CA LEU C 794 23.62 -27.56 -12.70
C LEU C 794 23.72 -29.00 -13.19
N GLY C 795 22.74 -29.83 -12.82
CA GLY C 795 22.78 -31.23 -13.19
C GLY C 795 22.60 -31.45 -14.68
N LEU C 796 21.88 -30.53 -15.33
CA LEU C 796 21.83 -30.55 -16.79
C LEU C 796 23.20 -30.20 -17.38
N ALA C 797 23.93 -29.29 -16.73
CA ALA C 797 25.23 -28.88 -17.25
C ALA C 797 26.27 -29.97 -17.06
N MET C 798 26.18 -30.72 -15.97
CA MET C 798 27.13 -31.81 -15.73
C MET C 798 26.93 -32.95 -16.73
N LEU C 799 25.69 -33.23 -17.09
CA LEU C 799 25.40 -34.31 -18.03
C LEU C 799 25.76 -33.92 -19.45
N VAL C 800 25.86 -32.62 -19.74
CA VAL C 800 26.28 -32.19 -21.08
C VAL C 800 27.79 -32.02 -21.13
N ALA C 801 28.40 -31.63 -20.01
CA ALA C 801 29.86 -31.49 -19.96
C ALA C 801 30.55 -32.86 -20.06
N LEU C 802 29.94 -33.89 -19.46
CA LEU C 802 30.53 -35.22 -19.54
C LEU C 802 30.44 -35.81 -20.94
N ILE C 803 29.34 -35.55 -21.65
CA ILE C 803 29.20 -36.15 -22.97
C ILE C 803 29.93 -35.34 -24.03
N GLU C 804 30.27 -34.08 -23.72
CA GLU C 804 31.25 -33.39 -24.56
C GLU C 804 32.63 -33.98 -24.36
N PHE C 805 32.92 -34.44 -23.14
CA PHE C 805 34.23 -34.98 -22.82
C PHE C 805 34.51 -36.28 -23.55
N CYS C 806 33.52 -37.17 -23.65
CA CYS C 806 33.70 -38.38 -24.43
C CYS C 806 33.68 -38.06 -25.93
N TYR C 807 32.97 -37.00 -26.31
CA TYR C 807 32.95 -36.59 -27.72
C TYR C 807 34.29 -36.00 -28.14
N LYS C 808 35.00 -35.35 -27.22
CA LYS C 808 36.39 -34.98 -27.50
C LYS C 808 37.27 -36.22 -27.52
N SER C 809 37.00 -37.18 -26.65
CA SER C 809 37.80 -38.40 -26.60
C SER C 809 37.49 -39.31 -27.78
N ARG C 810 36.34 -39.12 -28.42
CA ARG C 810 36.08 -39.85 -29.66
C ARG C 810 36.90 -39.28 -30.81
N ALA C 811 37.02 -37.96 -30.88
CA ALA C 811 37.77 -37.32 -31.96
C ALA C 811 39.27 -37.40 -31.71
N LEU C 821 30.26 -30.50 -37.64
CA LEU C 821 29.55 -30.31 -38.88
C LEU C 821 29.75 -31.53 -39.78
N PHE C 822 28.70 -31.95 -40.48
CA PHE C 822 28.76 -33.24 -41.18
C PHE C 822 28.99 -33.07 -42.68
N ASP C 823 28.23 -32.20 -43.34
CA ASP C 823 28.31 -32.15 -44.80
C ASP C 823 27.90 -30.77 -45.30
N ARG C 824 27.98 -30.54 -46.62
CA ARG C 824 27.58 -29.28 -47.24
C ARG C 824 26.33 -29.44 -48.10
N GLY C 825 26.20 -30.56 -48.80
CA GLY C 825 24.98 -30.80 -49.56
C GLY C 825 23.85 -31.31 -48.69
N VAL C 826 24.19 -31.95 -47.56
CA VAL C 826 23.18 -32.57 -46.71
C VAL C 826 22.81 -31.61 -45.57
N GLN C 827 23.66 -30.62 -45.28
CA GLN C 827 23.21 -29.53 -44.42
C GLN C 827 22.19 -28.67 -45.14
N MET C 828 22.23 -28.67 -46.48
CA MET C 828 21.14 -28.12 -47.26
C MET C 828 19.88 -28.97 -47.08
N LEU C 829 20.05 -30.29 -46.96
CA LEU C 829 18.91 -31.18 -46.79
C LEU C 829 18.24 -30.96 -45.43
N LEU C 830 19.01 -30.53 -44.43
CA LEU C 830 18.41 -30.15 -43.15
C LEU C 830 17.62 -28.85 -43.29
N THR C 831 18.00 -28.00 -44.24
CA THR C 831 17.25 -26.79 -44.51
C THR C 831 15.99 -27.07 -45.32
N THR C 832 16.09 -27.97 -46.32
CA THR C 832 14.95 -28.26 -47.19
C THR C 832 13.83 -28.97 -46.43
N VAL C 833 14.20 -29.90 -45.54
CA VAL C 833 13.20 -30.60 -44.74
C VAL C 833 12.53 -29.64 -43.77
N GLY C 834 13.31 -28.80 -43.10
CA GLY C 834 12.75 -27.87 -42.14
C GLY C 834 11.93 -26.77 -42.79
N ALA C 835 12.26 -26.42 -44.03
CA ALA C 835 11.46 -25.43 -44.75
C ALA C 835 10.10 -26.01 -45.13
N PHE C 836 10.09 -27.26 -45.57
CA PHE C 836 8.82 -27.91 -45.90
C PHE C 836 8.01 -28.20 -44.64
N ALA C 837 8.70 -28.43 -43.52
CA ALA C 837 8.00 -28.66 -42.26
C ALA C 837 7.37 -27.39 -41.74
N ALA C 838 8.14 -26.29 -41.71
CA ALA C 838 7.64 -25.04 -41.16
C ALA C 838 6.57 -24.41 -42.05
N PHE C 839 6.62 -24.70 -43.36
CA PHE C 839 5.59 -24.19 -44.25
C PHE C 839 4.28 -24.92 -44.02
N SER C 840 4.32 -26.23 -43.83
CA SER C 840 3.09 -26.97 -43.57
C SER C 840 2.56 -26.69 -42.18
N LEU C 841 3.43 -26.35 -41.23
CA LEU C 841 2.97 -26.03 -39.89
C LEU C 841 2.33 -24.65 -39.84
N MET C 842 2.51 -23.84 -40.88
CA MET C 842 1.80 -22.56 -40.95
C MET C 842 0.52 -22.68 -41.74
N THR C 843 0.53 -23.43 -42.84
CA THR C 843 -0.66 -23.56 -43.68
C THR C 843 -1.75 -24.36 -43.00
N ILE C 844 -1.36 -25.36 -42.20
CA ILE C 844 -2.33 -26.06 -41.36
C ILE C 844 -2.84 -25.12 -40.28
N ALA C 845 -1.96 -24.26 -39.75
CA ALA C 845 -2.33 -23.37 -38.64
C ALA C 845 -3.32 -22.31 -39.08
N VAL C 846 -3.19 -21.82 -40.32
CA VAL C 846 -4.17 -20.86 -40.83
C VAL C 846 -5.47 -21.57 -41.19
N GLY C 847 -5.37 -22.77 -41.76
CA GLY C 847 -6.57 -23.52 -42.09
C GLY C 847 -7.06 -24.44 -40.98
N THR C 848 -6.99 -23.98 -39.73
CA THR C 848 -7.56 -24.72 -38.62
C THR C 848 -8.14 -23.72 -37.63
N ASP C 849 -8.86 -24.25 -36.64
CA ASP C 849 -9.68 -23.40 -35.79
C ASP C 849 -9.64 -23.78 -34.32
N TYR C 850 -8.59 -24.45 -33.83
CA TYR C 850 -8.54 -24.77 -32.41
C TYR C 850 -7.44 -24.02 -31.69
N TRP C 851 -7.34 -22.72 -31.97
CA TRP C 851 -6.34 -21.85 -31.33
C TRP C 851 -6.71 -21.53 -29.89
N LEU C 852 -8.00 -21.52 -29.56
CA LEU C 852 -8.45 -21.10 -28.24
C LEU C 852 -9.59 -21.99 -27.78
N TYR C 853 -9.57 -22.39 -26.52
CA TYR C 853 -10.63 -23.18 -25.91
C TYR C 853 -11.25 -22.35 -24.80
N SER C 854 -12.46 -21.83 -25.03
CA SER C 854 -13.09 -20.96 -24.03
C SER C 854 -14.59 -20.99 -24.22
N ARG C 855 -15.28 -20.41 -23.23
CA ARG C 855 -16.73 -20.29 -23.26
C ARG C 855 -17.18 -19.40 -24.41
N GLY C 856 -18.28 -19.77 -25.07
CA GLY C 856 -18.80 -18.97 -26.16
C GLY C 856 -20.10 -19.55 -26.69
N VAL C 857 -20.71 -18.79 -27.59
CA VAL C 857 -21.94 -19.20 -28.25
C VAL C 857 -21.62 -19.78 -29.61
N CYS C 858 -22.50 -20.68 -30.07
CA CYS C 858 -22.28 -21.35 -31.34
C CYS C 858 -23.03 -20.64 -32.47
N LYS C 859 -24.36 -20.74 -32.42
CA LYS C 859 -25.26 -20.01 -33.31
C LYS C 859 -26.52 -19.62 -32.53
N THR C 860 -26.33 -19.04 -31.34
CA THR C 860 -27.48 -18.72 -30.51
C THR C 860 -28.11 -17.40 -30.95
N LYS C 861 -29.30 -17.14 -30.42
CA LYS C 861 -30.07 -15.94 -30.74
C LYS C 861 -29.43 -14.67 -30.19
N VAL C 875 -20.61 -22.92 -23.61
CA VAL C 875 -20.11 -24.04 -24.39
C VAL C 875 -18.67 -23.74 -24.79
N MET C 876 -17.77 -24.70 -24.58
CA MET C 876 -16.41 -24.55 -25.07
C MET C 876 -16.40 -24.58 -26.60
N THR C 877 -15.64 -23.66 -27.19
CA THR C 877 -15.61 -23.51 -28.64
C THR C 877 -14.19 -23.70 -29.12
N HIS C 878 -14.01 -24.44 -30.20
CA HIS C 878 -12.79 -24.30 -30.98
C HIS C 878 -12.81 -22.93 -31.61
N SER C 879 -11.85 -22.08 -31.25
CA SER C 879 -11.77 -20.72 -31.77
C SER C 879 -10.50 -20.56 -32.58
N GLY C 880 -10.57 -19.78 -33.65
CA GLY C 880 -9.44 -19.63 -34.55
C GLY C 880 -9.31 -18.20 -35.04
N LEU C 881 -8.60 -18.06 -36.15
CA LEU C 881 -8.42 -16.73 -36.76
C LEU C 881 -9.73 -16.23 -37.38
N TRP C 882 -10.33 -17.03 -38.25
CA TRP C 882 -11.47 -16.59 -39.04
C TRP C 882 -12.80 -17.14 -38.53
N ARG C 883 -12.90 -18.44 -38.29
CA ARG C 883 -14.14 -19.07 -37.88
C ARG C 883 -13.95 -19.74 -36.53
N THR C 884 -15.06 -19.87 -35.80
CA THR C 884 -15.07 -20.55 -34.51
C THR C 884 -16.21 -21.55 -34.48
N CYS C 885 -15.95 -22.73 -33.94
CA CYS C 885 -16.88 -23.85 -33.99
C CYS C 885 -16.92 -24.52 -32.64
N CYS C 886 -18.10 -24.61 -32.05
CA CYS C 886 -18.19 -25.29 -30.76
C CYS C 886 -18.37 -26.79 -30.94
N LEU C 887 -18.24 -27.51 -29.83
CA LEU C 887 -18.38 -28.96 -29.80
C LEU C 887 -19.27 -29.37 -28.63
N GLU C 888 -20.19 -30.29 -28.91
CA GLU C 888 -21.09 -30.92 -27.93
C GLU C 888 -21.93 -29.90 -27.17
N GLY C 889 -22.36 -28.85 -27.87
CA GLY C 889 -23.23 -27.87 -27.30
C GLY C 889 -24.70 -28.18 -27.57
N ASN C 890 -25.50 -27.12 -27.64
CA ASN C 890 -26.87 -27.27 -28.12
C ASN C 890 -26.89 -27.57 -29.61
N PHE C 891 -25.89 -27.07 -30.35
CA PHE C 891 -25.71 -27.39 -31.75
C PHE C 891 -24.23 -27.55 -32.03
N LYS C 892 -23.78 -28.78 -32.23
CA LYS C 892 -22.38 -29.08 -32.50
C LYS C 892 -22.12 -28.98 -33.99
N GLY C 893 -21.10 -28.21 -34.36
CA GLY C 893 -20.72 -28.05 -35.75
C GLY C 893 -21.18 -26.77 -36.41
N LEU C 894 -22.14 -26.06 -35.83
CA LEU C 894 -22.53 -24.75 -36.36
C LEU C 894 -21.43 -23.74 -36.07
N CYS C 895 -20.92 -23.12 -37.13
CA CYS C 895 -19.76 -22.25 -37.04
C CYS C 895 -20.17 -20.84 -37.43
N LYS C 896 -19.72 -19.85 -36.66
CA LYS C 896 -19.89 -18.45 -37.01
C LYS C 896 -18.52 -17.85 -37.25
N GLN C 897 -18.43 -16.95 -38.23
CA GLN C 897 -17.20 -16.22 -38.44
C GLN C 897 -17.00 -15.23 -37.30
N ILE C 898 -15.86 -15.33 -36.62
CA ILE C 898 -15.60 -14.45 -35.49
C ILE C 898 -15.32 -13.05 -36.00
N ASP C 899 -15.91 -12.06 -35.34
CA ASP C 899 -15.89 -10.68 -35.80
C ASP C 899 -15.40 -9.76 -34.69
N HIS C 900 -14.85 -8.62 -35.09
CA HIS C 900 -14.38 -7.63 -34.13
C HIS C 900 -15.47 -6.67 -33.68
N PHE C 901 -16.67 -6.73 -34.26
CA PHE C 901 -17.77 -5.87 -33.83
C PHE C 901 -19.05 -6.67 -33.52
N PRO C 902 -19.08 -7.40 -32.39
CA PRO C 902 -20.38 -7.93 -31.96
C PRO C 902 -21.25 -6.87 -31.33
N GLU C 903 -20.66 -6.01 -30.50
CA GLU C 903 -21.36 -4.97 -29.77
C GLU C 903 -20.96 -3.60 -30.29
N ASP C 904 -21.89 -2.64 -30.21
CA ASP C 904 -21.63 -1.31 -30.71
C ASP C 904 -20.71 -0.56 -29.75
N ALA C 905 -19.58 -0.09 -30.26
CA ALA C 905 -18.60 0.61 -29.45
C ALA C 905 -18.14 1.85 -30.19
N ASP C 906 -17.15 2.53 -29.61
CA ASP C 906 -16.49 3.64 -30.30
C ASP C 906 -15.71 3.10 -31.49
N TYR C 907 -15.60 3.91 -32.54
CA TYR C 907 -14.89 3.48 -33.75
C TYR C 907 -13.39 3.35 -33.49
N GLU C 908 -12.74 4.46 -33.17
CA GLU C 908 -11.33 4.46 -32.77
C GLU C 908 -11.27 4.85 -31.29
N ALA C 909 -10.88 3.89 -30.45
CA ALA C 909 -10.80 4.19 -29.02
C ALA C 909 -9.59 5.08 -28.71
N ASP C 910 -8.43 4.75 -29.27
CA ASP C 910 -7.25 5.61 -29.16
C ASP C 910 -6.49 5.66 -30.47
N THR C 911 -7.16 5.31 -31.58
CA THR C 911 -6.74 5.16 -32.98
C THR C 911 -5.92 3.88 -33.15
N ALA C 912 -5.52 3.24 -32.04
CA ALA C 912 -4.74 2.02 -32.12
C ALA C 912 -5.60 0.80 -31.83
N GLU C 913 -6.68 0.99 -31.07
CA GLU C 913 -7.59 -0.11 -30.79
C GLU C 913 -8.37 -0.52 -32.04
N TYR C 914 -8.72 0.46 -32.88
CA TYR C 914 -9.32 0.14 -34.17
C TYR C 914 -8.31 -0.54 -35.09
N PHE C 915 -7.02 -0.20 -34.94
CA PHE C 915 -5.98 -0.92 -35.67
C PHE C 915 -5.87 -2.36 -35.20
N LEU C 916 -5.95 -2.56 -33.87
CA LEU C 916 -5.72 -3.87 -33.28
C LEU C 916 -6.84 -4.83 -33.65
N ARG C 917 -8.08 -4.35 -33.71
CA ARG C 917 -9.18 -5.20 -34.13
C ARG C 917 -9.18 -5.38 -35.64
N ALA C 918 -8.58 -4.45 -36.38
CA ALA C 918 -8.45 -4.62 -37.83
C ALA C 918 -7.34 -5.59 -38.17
N VAL C 919 -6.27 -5.59 -37.37
CA VAL C 919 -5.21 -6.56 -37.54
C VAL C 919 -5.68 -7.95 -37.11
N ARG C 920 -6.49 -8.02 -36.06
CA ARG C 920 -6.94 -9.31 -35.53
C ARG C 920 -7.91 -10.00 -36.46
N ALA C 921 -8.99 -9.34 -36.85
CA ALA C 921 -10.01 -9.96 -37.68
C ALA C 921 -9.48 -10.20 -39.10
N SER C 922 -9.07 -9.13 -39.77
CA SER C 922 -8.37 -9.24 -41.04
C SER C 922 -6.92 -9.58 -40.73
N SER C 923 -6.67 -10.87 -40.49
CA SER C 923 -5.36 -11.32 -40.01
C SER C 923 -4.36 -11.33 -41.15
N ILE C 924 -3.35 -10.47 -41.05
CA ILE C 924 -2.40 -10.33 -42.13
C ILE C 924 -1.01 -10.80 -41.71
N PHE C 925 -0.71 -10.73 -40.41
CA PHE C 925 0.59 -11.20 -39.95
C PHE C 925 0.74 -12.71 -39.97
N PRO C 926 -0.28 -13.54 -39.65
CA PRO C 926 -0.14 -14.95 -40.02
C PRO C 926 -0.09 -15.21 -41.52
N ILE C 927 -0.78 -14.38 -42.32
CA ILE C 927 -0.76 -14.57 -43.77
C ILE C 927 0.59 -14.13 -44.34
N LEU C 928 1.16 -13.05 -43.79
CA LEU C 928 2.48 -12.62 -44.23
C LEU C 928 3.55 -13.63 -43.83
N SER C 929 3.30 -14.38 -42.76
CA SER C 929 4.21 -15.44 -42.36
C SER C 929 4.21 -16.58 -43.38
N VAL C 930 3.04 -16.86 -43.96
CA VAL C 930 2.94 -17.97 -44.92
C VAL C 930 3.57 -17.58 -46.25
N ILE C 931 3.35 -16.33 -46.69
CA ILE C 931 3.79 -15.90 -48.01
C ILE C 931 5.31 -15.77 -48.06
N LEU C 932 5.91 -15.16 -47.03
CA LEU C 932 7.36 -15.03 -46.98
C LEU C 932 8.05 -16.38 -46.85
N LEU C 933 7.41 -17.32 -46.17
CA LEU C 933 7.95 -18.67 -46.07
C LEU C 933 7.74 -19.43 -47.38
N PHE C 934 6.72 -19.05 -48.15
CA PHE C 934 6.53 -19.63 -49.46
C PHE C 934 7.51 -19.07 -50.48
N MET C 935 7.91 -17.81 -50.30
CA MET C 935 8.95 -17.25 -51.17
C MET C 935 10.32 -17.79 -50.79
N GLY C 936 10.54 -18.02 -49.49
CA GLY C 936 11.79 -18.60 -49.06
C GLY C 936 11.90 -20.08 -49.40
N GLY C 937 10.75 -20.76 -49.45
CA GLY C 937 10.75 -22.17 -49.83
C GLY C 937 11.06 -22.38 -51.29
N LEU C 938 10.55 -21.50 -52.16
CA LEU C 938 10.91 -21.57 -53.58
C LEU C 938 12.34 -21.12 -53.80
N CYS C 939 12.84 -20.22 -52.94
CA CYS C 939 14.20 -19.73 -53.08
C CYS C 939 15.21 -20.83 -52.78
N ILE C 940 14.90 -21.69 -51.81
CA ILE C 940 15.75 -22.84 -51.51
C ILE C 940 15.74 -23.83 -52.67
N ALA C 941 14.56 -24.11 -53.24
CA ALA C 941 14.46 -25.10 -54.32
C ALA C 941 15.08 -24.59 -55.61
N ALA C 942 15.22 -23.27 -55.75
CA ALA C 942 15.86 -22.66 -56.90
C ALA C 942 17.36 -22.48 -56.70
N SER C 943 18.02 -23.35 -55.93
CA SER C 943 19.46 -23.24 -55.77
C SER C 943 20.19 -23.74 -57.01
N GLU C 944 19.72 -24.83 -57.61
CA GLU C 944 20.36 -25.34 -58.82
C GLU C 944 20.00 -24.48 -60.02
N PHE C 945 18.84 -23.81 -59.98
CA PHE C 945 18.51 -22.84 -61.01
C PHE C 945 19.29 -21.56 -60.76
N TYR C 946 19.88 -21.03 -61.83
CA TYR C 946 20.87 -19.93 -61.77
C TYR C 946 21.99 -20.27 -60.79
N LYS C 947 22.75 -21.31 -61.12
CA LYS C 947 23.83 -21.77 -60.26
C LYS C 947 24.97 -20.76 -60.27
N THR C 948 25.60 -20.60 -59.10
CA THR C 948 26.80 -19.81 -58.77
C THR C 948 26.44 -18.32 -58.75
N ARG C 949 25.19 -17.96 -58.43
CA ARG C 949 24.93 -16.59 -58.00
C ARG C 949 25.58 -16.34 -56.65
N HIS C 950 25.64 -17.38 -55.80
CA HIS C 950 26.02 -17.35 -54.37
C HIS C 950 25.46 -16.15 -53.62
N ASN C 951 24.20 -15.83 -53.91
CA ASN C 951 23.37 -14.92 -53.13
C ASN C 951 21.98 -15.47 -52.92
N ILE C 952 21.66 -16.63 -53.50
CA ILE C 952 20.36 -17.25 -53.34
C ILE C 952 20.13 -17.67 -51.89
N ILE C 953 21.15 -18.28 -51.28
CA ILE C 953 20.99 -18.81 -49.93
C ILE C 953 21.00 -17.67 -48.91
N LEU C 954 21.69 -16.56 -49.23
CA LEU C 954 21.54 -15.36 -48.43
C LEU C 954 20.14 -14.77 -48.59
N SER C 955 19.61 -14.77 -49.81
CA SER C 955 18.30 -14.19 -50.05
C SER C 955 17.19 -15.07 -49.47
N ALA C 956 17.48 -16.35 -49.26
CA ALA C 956 16.48 -17.24 -48.66
C ALA C 956 16.33 -16.96 -47.18
N GLY C 957 17.44 -16.71 -46.49
CA GLY C 957 17.38 -16.50 -45.05
C GLY C 957 16.71 -15.20 -44.67
N ILE C 958 16.73 -14.21 -45.57
CA ILE C 958 16.10 -12.93 -45.26
C ILE C 958 14.58 -13.06 -45.36
N PHE C 959 14.09 -14.10 -46.03
CA PHE C 959 12.66 -14.42 -45.93
C PHE C 959 12.36 -15.20 -44.67
N PHE C 960 13.24 -16.17 -44.32
CA PHE C 960 12.96 -17.11 -43.23
C PHE C 960 12.91 -16.41 -41.88
N VAL C 961 13.75 -15.40 -41.68
CA VAL C 961 13.73 -14.68 -40.41
C VAL C 961 12.55 -13.72 -40.38
N SER C 962 12.26 -13.06 -41.50
CA SER C 962 11.12 -12.16 -41.59
C SER C 962 9.80 -12.91 -41.49
N ALA C 963 9.77 -14.16 -41.96
CA ALA C 963 8.58 -14.98 -41.77
C ALA C 963 8.42 -15.38 -40.30
N GLY C 964 9.53 -15.41 -39.56
CA GLY C 964 9.43 -15.57 -38.12
C GLY C 964 9.00 -14.28 -37.44
N LEU C 965 9.50 -13.14 -37.91
CA LEU C 965 9.18 -11.86 -37.28
C LEU C 965 7.73 -11.47 -37.50
N SER C 966 7.17 -11.83 -38.65
CA SER C 966 5.74 -11.64 -38.85
C SER C 966 4.93 -12.58 -37.98
N ASN C 967 5.50 -13.74 -37.66
CA ASN C 967 4.77 -14.73 -36.88
C ASN C 967 4.72 -14.34 -35.41
N ILE C 968 5.80 -13.78 -34.89
CA ILE C 968 5.86 -13.49 -33.45
C ILE C 968 4.99 -12.29 -33.10
N ILE C 969 4.88 -11.32 -34.00
CA ILE C 969 3.96 -10.21 -33.75
C ILE C 969 2.53 -10.67 -34.01
N GLY C 970 2.36 -11.72 -34.82
CA GLY C 970 1.05 -12.31 -35.00
C GLY C 970 0.59 -13.05 -33.75
N ILE C 971 1.55 -13.56 -32.97
CA ILE C 971 1.22 -14.15 -31.68
C ILE C 971 0.74 -13.06 -30.72
N ILE C 972 1.33 -11.87 -30.80
CA ILE C 972 1.02 -10.80 -29.86
C ILE C 972 -0.36 -10.23 -30.14
N VAL C 973 -0.65 -9.94 -31.41
CA VAL C 973 -1.92 -9.30 -31.75
C VAL C 973 -3.08 -10.28 -31.58
N TYR C 974 -2.79 -11.57 -31.58
CA TYR C 974 -3.82 -12.54 -31.23
C TYR C 974 -4.12 -12.49 -29.74
N ILE C 975 -3.07 -12.57 -28.91
CA ILE C 975 -3.24 -12.68 -27.46
C ILE C 975 -3.76 -11.37 -26.87
N SER C 976 -3.30 -10.24 -27.41
CA SER C 976 -3.76 -8.95 -26.91
C SER C 976 -5.23 -8.70 -27.26
N ALA C 977 -5.73 -9.34 -28.32
CA ALA C 977 -7.12 -9.14 -28.71
C ALA C 977 -8.07 -9.87 -27.79
N ASN C 978 -7.67 -11.05 -27.31
CA ASN C 978 -8.55 -11.90 -26.50
C ASN C 978 -8.56 -11.51 -25.03
N ALA C 979 -8.27 -10.25 -24.71
CA ALA C 979 -8.37 -9.78 -23.33
C ALA C 979 -9.82 -9.74 -22.87
N GLY C 980 -10.70 -9.16 -23.69
CA GLY C 980 -12.12 -9.10 -23.39
C GLY C 980 -12.47 -8.12 -22.27
N LYS C 988 -14.82 -12.22 -14.96
CA LYS C 988 -14.17 -12.87 -16.08
C LYS C 988 -14.71 -14.28 -16.26
N LYS C 989 -14.09 -15.25 -15.58
CA LYS C 989 -14.45 -16.67 -15.50
C LYS C 989 -14.40 -17.34 -16.87
N ASN C 990 -13.67 -16.80 -17.84
CA ASN C 990 -13.64 -17.41 -19.16
C ASN C 990 -12.72 -18.62 -19.18
N SER C 991 -11.55 -18.50 -18.53
CA SER C 991 -10.51 -19.54 -18.44
C SER C 991 -10.09 -20.03 -19.82
N TYR C 992 -9.57 -19.09 -20.61
CA TYR C 992 -9.21 -19.40 -21.98
C TYR C 992 -7.91 -20.19 -22.04
N SER C 993 -7.91 -21.26 -22.83
CA SER C 993 -6.77 -22.14 -22.98
C SER C 993 -6.45 -22.27 -24.46
N TYR C 994 -5.16 -22.43 -24.78
CA TYR C 994 -4.72 -22.31 -26.17
C TYR C 994 -4.79 -23.64 -26.91
N GLY C 995 -4.94 -24.75 -26.19
CA GLY C 995 -5.07 -26.03 -26.83
C GLY C 995 -3.78 -26.55 -27.43
N TRP C 996 -3.79 -26.87 -28.73
CA TRP C 996 -2.61 -27.46 -29.34
C TRP C 996 -2.15 -26.77 -30.62
N SER C 997 -3.08 -26.17 -31.38
CA SER C 997 -2.71 -25.60 -32.67
C SER C 997 -1.94 -24.30 -32.52
N PHE C 998 -2.20 -23.58 -31.42
CA PHE C 998 -1.39 -22.39 -31.11
C PHE C 998 0.05 -22.77 -30.85
N TYR C 999 0.26 -23.88 -30.14
CA TYR C 999 1.62 -24.34 -29.91
C TYR C 999 2.21 -25.00 -31.15
N PHE C 1000 1.35 -25.51 -32.04
CA PHE C 1000 1.85 -26.04 -33.30
C PHE C 1000 2.30 -24.92 -34.22
N GLY C 1001 1.59 -23.78 -34.21
CA GLY C 1001 2.06 -22.62 -34.92
C GLY C 1001 3.25 -21.98 -34.24
N ALA C 1002 3.31 -22.04 -32.91
CA ALA C 1002 4.45 -21.52 -32.19
C ALA C 1002 5.68 -22.40 -32.37
N LEU C 1003 5.46 -23.69 -32.62
CA LEU C 1003 6.57 -24.57 -32.97
C LEU C 1003 7.16 -24.18 -34.32
N SER C 1004 6.33 -23.69 -35.23
CA SER C 1004 6.81 -23.29 -36.54
C SER C 1004 7.64 -22.02 -36.48
N PHE C 1005 7.42 -21.20 -35.44
CA PHE C 1005 8.26 -20.03 -35.23
C PHE C 1005 9.68 -20.43 -34.85
N ILE C 1006 9.84 -21.44 -33.99
CA ILE C 1006 11.17 -21.86 -33.58
C ILE C 1006 11.89 -22.57 -34.72
N ILE C 1007 11.13 -23.30 -35.55
CA ILE C 1007 11.73 -23.94 -36.73
C ILE C 1007 12.18 -22.89 -37.74
N ALA C 1008 11.38 -21.84 -37.92
CA ALA C 1008 11.70 -20.82 -38.90
C ALA C 1008 12.93 -20.02 -38.52
N GLU C 1009 13.20 -19.89 -37.22
CA GLU C 1009 14.43 -19.25 -36.80
C GLU C 1009 15.62 -20.18 -36.99
N MET C 1010 15.44 -21.48 -36.67
CA MET C 1010 16.56 -22.41 -36.73
C MET C 1010 16.93 -22.77 -38.17
N VAL C 1011 15.92 -22.92 -39.03
CA VAL C 1011 16.20 -23.11 -40.46
C VAL C 1011 16.80 -21.83 -41.04
N GLY C 1012 16.41 -20.67 -40.49
CA GLY C 1012 16.95 -19.40 -40.96
C GLY C 1012 18.42 -19.24 -40.68
N VAL C 1013 18.90 -19.74 -39.53
CA VAL C 1013 20.32 -19.67 -39.21
C VAL C 1013 21.12 -20.63 -40.08
N LEU C 1014 20.60 -21.85 -40.27
CA LEU C 1014 21.31 -22.85 -41.06
C LEU C 1014 21.37 -22.47 -42.53
N ALA C 1015 20.44 -21.63 -42.98
CA ALA C 1015 20.58 -21.02 -44.30
C ALA C 1015 21.67 -19.96 -44.29
N VAL C 1016 21.81 -19.21 -43.19
CA VAL C 1016 22.86 -18.19 -43.11
C VAL C 1016 24.22 -18.86 -42.97
N HIS C 1017 24.32 -19.89 -42.13
CA HIS C 1017 25.60 -20.60 -41.97
C HIS C 1017 25.95 -21.39 -43.22
N MET C 1018 24.95 -21.74 -44.03
CA MET C 1018 25.23 -22.24 -45.37
C MET C 1018 25.84 -21.16 -46.24
N PHE C 1019 25.42 -19.92 -46.07
CA PHE C 1019 25.98 -18.82 -46.85
C PHE C 1019 27.36 -18.43 -46.36
N ILE C 1020 27.60 -18.56 -45.05
CA ILE C 1020 28.92 -18.23 -44.50
C ILE C 1020 29.96 -19.21 -45.00
N ASP C 1021 29.60 -20.50 -45.05
CA ASP C 1021 30.50 -21.50 -45.61
C ASP C 1021 30.62 -21.35 -47.12
N ARG C 1022 29.62 -20.74 -47.76
CA ARG C 1022 29.59 -20.66 -49.21
C ARG C 1022 30.69 -19.73 -49.75
N HIS C 1023 30.72 -18.48 -49.26
CA HIS C 1023 31.72 -17.55 -49.77
C HIS C 1023 33.07 -17.79 -49.10
N LYS C 1024 33.11 -18.59 -48.04
CA LYS C 1024 34.39 -19.02 -47.48
C LYS C 1024 35.05 -20.06 -48.39
N GLN C 1025 34.24 -20.89 -49.05
CA GLN C 1025 34.78 -21.83 -50.02
C GLN C 1025 35.14 -21.12 -51.34
N LEU C 1026 34.69 -19.87 -51.50
CA LEU C 1026 35.10 -19.09 -52.67
C LEU C 1026 36.53 -18.58 -52.51
N THR C 1027 36.89 -18.12 -51.31
CA THR C 1027 38.17 -17.45 -50.97
C THR C 1027 38.52 -16.29 -51.91
N THR D 385 -63.08 10.89 5.84
CA THR D 385 -61.85 10.27 5.37
C THR D 385 -61.09 11.22 4.44
N VAL D 386 -59.82 11.48 4.76
CA VAL D 386 -59.02 12.37 3.95
C VAL D 386 -58.46 11.63 2.75
N VAL D 387 -58.66 12.19 1.56
CA VAL D 387 -58.30 11.54 0.30
C VAL D 387 -56.87 11.96 -0.05
N VAL D 388 -56.00 10.96 -0.20
CA VAL D 388 -54.63 11.17 -0.69
C VAL D 388 -54.60 10.76 -2.14
N THR D 389 -54.26 11.69 -3.03
CA THR D 389 -54.04 11.34 -4.43
C THR D 389 -52.55 11.31 -4.71
N THR D 390 -52.09 10.22 -5.31
CA THR D 390 -50.69 9.99 -5.62
C THR D 390 -50.57 9.49 -7.04
N ILE D 391 -49.35 9.53 -7.56
CA ILE D 391 -49.02 8.97 -8.86
C ILE D 391 -48.03 7.84 -8.64
N LEU D 392 -48.07 6.83 -9.51
CA LEU D 392 -47.29 5.61 -9.29
C LEU D 392 -45.94 5.79 -9.95
N GLU D 393 -44.92 6.00 -9.13
CA GLU D 393 -43.55 6.14 -9.60
C GLU D 393 -42.60 5.68 -8.51
N SER D 394 -41.64 4.83 -8.89
CA SER D 394 -40.65 4.36 -7.94
C SER D 394 -39.66 5.48 -7.61
N PRO D 395 -39.14 5.52 -6.38
CA PRO D 395 -39.50 4.72 -5.21
C PRO D 395 -40.52 5.42 -4.32
N TYR D 396 -41.30 6.33 -4.88
CA TYR D 396 -42.20 7.11 -4.05
C TYR D 396 -43.53 6.39 -3.85
N VAL D 397 -44.07 5.80 -4.91
CA VAL D 397 -45.21 4.91 -4.82
C VAL D 397 -44.86 3.66 -5.61
N MET D 398 -44.74 2.53 -4.93
CA MET D 398 -44.43 1.26 -5.58
C MET D 398 -45.49 0.24 -5.21
N MET D 399 -46.08 -0.38 -6.23
CA MET D 399 -46.99 -1.49 -6.02
C MET D 399 -46.22 -2.68 -5.47
N LYS D 400 -46.53 -3.06 -4.23
CA LYS D 400 -45.85 -4.17 -3.57
C LYS D 400 -46.14 -5.48 -4.29
N LYS D 401 -45.18 -6.42 -4.23
CA LYS D 401 -45.26 -7.64 -5.02
C LYS D 401 -46.39 -8.56 -4.55
N ASN D 402 -46.90 -8.36 -3.34
CA ASN D 402 -48.04 -9.10 -2.82
C ASN D 402 -49.35 -8.32 -3.00
N HIS D 403 -49.49 -7.55 -4.07
CA HIS D 403 -50.69 -6.73 -4.23
C HIS D 403 -51.89 -7.56 -4.68
N GLU D 404 -51.65 -8.79 -5.13
CA GLU D 404 -52.74 -9.63 -5.62
C GLU D 404 -53.63 -10.08 -4.47
N MET D 405 -53.04 -10.39 -3.32
CA MET D 405 -53.83 -10.74 -2.15
C MET D 405 -54.23 -9.50 -1.36
N LEU D 406 -53.27 -8.62 -1.09
CA LEU D 406 -53.49 -7.50 -0.18
C LEU D 406 -54.38 -6.44 -0.83
N GLU D 407 -55.02 -5.64 0.02
CA GLU D 407 -55.96 -4.61 -0.41
C GLU D 407 -56.02 -3.52 0.65
N GLY D 408 -55.95 -2.26 0.22
CA GLY D 408 -56.01 -1.12 1.11
C GLY D 408 -54.77 -0.25 1.00
N ASN D 409 -54.58 0.57 2.03
CA ASN D 409 -53.44 1.49 2.06
C ASN D 409 -52.13 0.74 2.28
N GLU D 410 -52.20 -0.43 2.93
CA GLU D 410 -50.98 -1.19 3.20
C GLU D 410 -50.50 -1.94 1.96
N ARG D 411 -51.32 -1.96 0.89
CA ARG D 411 -50.91 -2.60 -0.34
C ARG D 411 -49.80 -1.81 -1.03
N TYR D 412 -49.85 -0.49 -0.97
CA TYR D 412 -48.82 0.36 -1.56
C TYR D 412 -47.71 0.61 -0.56
N GLU D 413 -46.47 0.65 -1.05
CA GLU D 413 -45.34 1.03 -0.22
C GLU D 413 -44.36 1.85 -1.04
N GLY D 414 -43.93 2.98 -0.49
CA GLY D 414 -42.95 3.83 -1.12
C GLY D 414 -42.46 4.87 -0.14
N TYR D 415 -41.75 5.87 -0.66
CA TYR D 415 -41.29 6.95 0.21
C TYR D 415 -42.43 7.88 0.57
N CYS D 416 -43.27 8.24 -0.40
CA CYS D 416 -44.41 9.11 -0.10
C CYS D 416 -45.45 8.37 0.72
N VAL D 417 -45.55 7.05 0.54
CA VAL D 417 -46.46 6.23 1.34
C VAL D 417 -46.00 6.20 2.79
N ASP D 418 -44.69 6.09 3.01
CA ASP D 418 -44.16 6.21 4.36
C ASP D 418 -44.30 7.64 4.87
N LEU D 419 -44.22 8.62 3.96
CA LEU D 419 -44.37 10.01 4.38
C LEU D 419 -45.81 10.32 4.74
N ALA D 420 -46.77 9.80 3.96
CA ALA D 420 -48.19 10.08 4.21
C ALA D 420 -48.66 9.44 5.51
N ALA D 421 -48.00 8.36 5.94
CA ALA D 421 -48.33 7.76 7.22
C ALA D 421 -47.86 8.64 8.38
N GLU D 422 -46.73 9.33 8.20
CA GLU D 422 -46.17 10.11 9.28
C GLU D 422 -46.88 11.45 9.45
N ILE D 423 -47.45 11.97 8.36
CA ILE D 423 -48.27 13.17 8.46
C ILE D 423 -49.57 12.84 9.20
N ALA D 424 -50.06 11.62 9.03
CA ALA D 424 -51.29 11.21 9.71
C ALA D 424 -51.08 11.04 11.20
N LYS D 425 -49.85 10.73 11.62
CA LYS D 425 -49.57 10.54 13.03
C LYS D 425 -49.51 11.87 13.78
N HIS D 426 -48.87 12.88 13.18
CA HIS D 426 -48.69 14.15 13.87
C HIS D 426 -49.94 15.02 13.77
N CYS D 427 -50.81 14.74 12.80
CA CYS D 427 -52.05 15.49 12.69
C CYS D 427 -53.20 14.76 13.37
N GLY D 428 -53.31 13.45 13.12
CA GLY D 428 -54.30 12.64 13.81
C GLY D 428 -55.50 12.26 12.95
N PHE D 429 -55.28 11.87 11.70
CA PHE D 429 -56.38 11.54 10.81
C PHE D 429 -56.13 10.19 10.18
N LYS D 430 -57.13 9.72 9.42
CA LYS D 430 -57.02 8.52 8.60
C LYS D 430 -57.08 8.91 7.13
N TYR D 431 -56.60 8.03 6.28
CA TYR D 431 -56.45 8.35 4.87
C TYR D 431 -56.68 7.11 4.01
N LYS D 432 -57.06 7.36 2.75
CA LYS D 432 -57.25 6.31 1.77
C LYS D 432 -56.43 6.66 0.53
N LEU D 433 -55.47 5.81 0.20
CA LEU D 433 -54.52 6.10 -0.87
C LEU D 433 -55.19 5.88 -2.23
N THR D 434 -55.16 6.90 -3.07
CA THR D 434 -55.74 6.84 -4.40
C THR D 434 -54.67 7.12 -5.44
N ILE D 435 -54.38 6.14 -6.27
CA ILE D 435 -53.61 6.39 -7.49
C ILE D 435 -54.52 7.16 -8.44
N VAL D 436 -53.99 8.21 -9.06
CA VAL D 436 -54.78 8.95 -10.02
C VAL D 436 -54.99 8.09 -11.26
N GLY D 437 -56.21 8.12 -11.79
CA GLY D 437 -56.52 7.32 -12.97
C GLY D 437 -55.88 7.89 -14.23
N ASP D 438 -55.60 9.19 -14.23
CA ASP D 438 -54.98 9.82 -15.39
C ASP D 438 -53.50 9.44 -15.49
N GLY D 439 -52.82 9.36 -14.36
CA GLY D 439 -51.39 9.09 -14.39
C GLY D 439 -50.55 10.25 -14.87
N LYS D 440 -51.03 11.48 -14.74
CA LYS D 440 -50.33 12.66 -15.19
C LYS D 440 -50.11 13.60 -14.02
N TYR D 441 -49.04 14.38 -14.07
CA TYR D 441 -48.84 15.44 -13.10
C TYR D 441 -49.77 16.61 -13.42
N GLY D 442 -49.95 17.47 -12.43
CA GLY D 442 -50.84 18.60 -12.61
C GLY D 442 -50.33 19.67 -13.56
N ALA D 443 -50.92 19.72 -14.74
CA ALA D 443 -50.63 20.75 -15.72
C ALA D 443 -51.95 21.28 -16.24
N ARG D 444 -51.91 22.49 -16.78
CA ARG D 444 -53.11 23.12 -17.32
C ARG D 444 -53.09 23.01 -18.83
N ASP D 445 -54.09 22.34 -19.38
CA ASP D 445 -54.27 22.34 -20.83
C ASP D 445 -54.62 23.76 -21.28
N ALA D 446 -53.81 24.28 -22.22
CA ALA D 446 -53.65 25.73 -22.38
C ALA D 446 -54.92 26.40 -22.88
N ASP D 447 -55.49 25.89 -23.97
CA ASP D 447 -56.68 26.51 -24.53
C ASP D 447 -57.92 26.22 -23.70
N THR D 448 -57.99 25.02 -23.13
CA THR D 448 -59.18 24.62 -22.39
C THR D 448 -59.18 25.21 -20.98
N LYS D 449 -57.99 25.56 -20.47
CA LYS D 449 -57.77 26.11 -19.12
C LYS D 449 -58.30 25.17 -18.04
N ILE D 450 -58.13 23.87 -18.26
CA ILE D 450 -58.49 22.84 -17.29
C ILE D 450 -57.21 22.22 -16.75
N TRP D 451 -57.23 21.89 -15.47
CA TRP D 451 -56.11 21.20 -14.85
C TRP D 451 -56.40 19.70 -14.86
N ASN D 452 -55.46 18.90 -15.37
CA ASN D 452 -55.59 17.45 -15.36
C ASN D 452 -54.51 16.85 -14.47
N GLY D 453 -54.85 15.74 -13.82
CA GLY D 453 -53.89 15.02 -13.03
C GLY D 453 -54.19 15.15 -11.55
N MET D 454 -53.12 15.16 -10.75
CA MET D 454 -53.29 15.20 -9.30
C MET D 454 -53.69 16.58 -8.84
N VAL D 455 -53.20 17.62 -9.49
CA VAL D 455 -53.60 18.98 -9.14
C VAL D 455 -55.05 19.22 -9.58
N GLY D 456 -55.40 18.75 -10.78
CA GLY D 456 -56.77 18.89 -11.26
C GLY D 456 -57.77 18.09 -10.44
N GLU D 457 -57.29 17.07 -9.75
CA GLU D 457 -58.11 16.40 -8.75
C GLU D 457 -58.22 17.23 -7.48
N LEU D 458 -57.16 17.96 -7.14
CA LEU D 458 -57.22 18.84 -5.97
C LEU D 458 -57.99 20.11 -6.27
N VAL D 459 -57.95 20.59 -7.51
CA VAL D 459 -58.69 21.79 -7.87
C VAL D 459 -60.20 21.53 -7.82
N TYR D 460 -60.64 20.44 -8.44
CA TYR D 460 -62.07 20.21 -8.63
C TYR D 460 -62.74 19.61 -7.40
N GLY D 461 -62.02 19.44 -6.30
CA GLY D 461 -62.61 19.05 -5.05
C GLY D 461 -62.71 17.56 -4.83
N LYS D 462 -62.10 16.74 -5.69
CA LYS D 462 -62.25 15.30 -5.56
C LYS D 462 -61.34 14.74 -4.47
N ALA D 463 -60.17 15.35 -4.28
CA ALA D 463 -59.20 14.88 -3.30
C ALA D 463 -58.98 15.95 -2.24
N ASP D 464 -58.41 15.53 -1.11
CA ASP D 464 -58.26 16.44 0.02
C ASP D 464 -56.80 16.85 0.22
N ILE D 465 -55.87 16.00 -0.23
CA ILE D 465 -54.44 16.23 -0.03
C ILE D 465 -53.71 15.41 -1.07
N ALA D 466 -52.47 15.80 -1.38
CA ALA D 466 -51.62 15.00 -2.25
C ALA D 466 -50.21 14.98 -1.67
N ILE D 467 -49.71 13.79 -1.39
CA ILE D 467 -48.32 13.57 -1.00
C ILE D 467 -47.67 12.86 -2.17
N ALA D 468 -47.00 13.62 -3.02
CA ALA D 468 -46.64 13.13 -4.34
C ALA D 468 -45.31 13.75 -4.73
N PRO D 469 -44.62 13.18 -5.72
CA PRO D 469 -43.49 13.89 -6.34
C PRO D 469 -43.95 15.07 -7.20
N LEU D 470 -44.44 16.10 -6.53
CA LEU D 470 -45.12 17.20 -7.19
C LEU D 470 -44.30 18.46 -6.97
N THR D 471 -43.55 18.84 -7.99
CA THR D 471 -42.64 19.98 -7.86
C THR D 471 -43.41 21.28 -7.78
N ILE D 472 -42.93 22.21 -6.97
CA ILE D 472 -43.66 23.44 -6.71
C ILE D 472 -43.41 24.43 -7.84
N THR D 473 -44.49 24.88 -8.48
CA THR D 473 -44.40 25.68 -9.69
C THR D 473 -45.31 26.89 -9.54
N LEU D 474 -44.92 27.98 -10.21
CA LEU D 474 -45.65 29.25 -10.11
C LEU D 474 -47.05 29.14 -10.69
N VAL D 475 -47.22 28.36 -11.76
CA VAL D 475 -48.54 28.16 -12.34
C VAL D 475 -49.41 27.31 -11.42
N ARG D 476 -48.78 26.46 -10.61
CA ARG D 476 -49.53 25.66 -9.66
C ARG D 476 -49.81 26.43 -8.38
N GLU D 477 -48.92 27.36 -8.03
CA GLU D 477 -49.07 28.09 -6.78
C GLU D 477 -50.22 29.09 -6.86
N GLU D 478 -50.53 29.56 -8.07
CA GLU D 478 -51.66 30.47 -8.24
C GLU D 478 -52.99 29.78 -7.98
N VAL D 479 -53.11 28.51 -8.34
CA VAL D 479 -54.41 27.86 -8.29
C VAL D 479 -54.63 27.07 -7.00
N ILE D 480 -53.59 26.48 -6.42
CA ILE D 480 -53.75 25.73 -5.16
C ILE D 480 -52.68 26.18 -4.18
N ASP D 481 -52.67 25.54 -3.01
CA ASP D 481 -51.69 25.84 -1.98
C ASP D 481 -50.65 24.73 -1.98
N PHE D 482 -49.48 25.04 -1.43
CA PHE D 482 -48.42 24.06 -1.21
C PHE D 482 -47.88 24.22 0.19
N SER D 483 -47.35 23.14 0.74
CA SER D 483 -46.60 23.23 1.97
C SER D 483 -45.20 23.73 1.68
N LYS D 484 -44.40 23.85 2.74
CA LYS D 484 -42.98 24.01 2.55
C LYS D 484 -42.45 22.71 1.94
N PRO D 485 -41.47 22.79 1.02
CA PRO D 485 -41.00 21.58 0.35
C PRO D 485 -40.30 20.65 1.32
N PHE D 486 -40.40 19.34 1.07
CA PHE D 486 -39.85 18.36 1.99
C PHE D 486 -38.58 17.70 1.49
N MET D 487 -38.21 17.92 0.23
CA MET D 487 -37.06 17.25 -0.34
C MET D 487 -36.59 18.06 -1.53
N SER D 488 -35.27 18.16 -1.67
CA SER D 488 -34.66 19.03 -2.66
C SER D 488 -34.18 18.21 -3.84
N LEU D 489 -34.27 18.79 -5.02
CA LEU D 489 -33.85 18.13 -6.25
C LEU D 489 -33.51 19.19 -7.28
N GLY D 490 -32.57 18.84 -8.16
CA GLY D 490 -32.18 19.74 -9.23
C GLY D 490 -31.73 18.94 -10.44
N ILE D 491 -31.45 19.67 -11.51
CA ILE D 491 -30.90 19.04 -12.71
C ILE D 491 -29.48 18.56 -12.41
N SER D 492 -29.22 17.30 -12.70
CA SER D 492 -27.96 16.66 -12.35
C SER D 492 -27.41 15.88 -13.52
N ILE D 493 -26.10 15.63 -13.48
CA ILE D 493 -25.39 14.93 -14.54
C ILE D 493 -25.28 13.46 -14.15
N MET D 494 -25.71 12.57 -15.03
CA MET D 494 -25.51 11.13 -14.87
C MET D 494 -24.60 10.65 -15.97
N ILE D 495 -23.45 10.12 -15.59
CA ILE D 495 -22.52 9.50 -16.53
C ILE D 495 -22.42 8.03 -16.19
N LYS D 496 -21.89 7.26 -17.14
CA LYS D 496 -21.57 5.86 -16.91
C LYS D 496 -20.52 5.76 -15.82
N LYS D 497 -20.63 4.73 -14.98
CA LYS D 497 -19.70 4.57 -13.88
C LYS D 497 -18.31 4.22 -14.42
N PRO D 498 -17.29 5.02 -14.11
CA PRO D 498 -15.98 4.85 -14.77
C PRO D 498 -15.25 3.62 -14.25
N GLN D 499 -14.77 2.81 -15.19
CA GLN D 499 -14.00 1.62 -14.87
C GLN D 499 -12.69 1.70 -15.64
N LYS D 500 -11.69 0.95 -15.20
CA LYS D 500 -10.41 0.93 -15.91
C LYS D 500 -10.30 -0.33 -16.76
N SER D 501 -10.34 -0.15 -18.07
CA SER D 501 -10.26 -1.27 -19.00
C SER D 501 -9.50 -0.83 -20.23
N LYS D 502 -8.89 -1.81 -20.89
CA LYS D 502 -8.05 -1.63 -22.07
C LYS D 502 -6.92 -0.62 -21.84
N PRO D 503 -5.85 -1.01 -21.13
CA PRO D 503 -4.73 -0.09 -20.92
C PRO D 503 -4.02 0.23 -22.24
N GLY D 504 -3.35 1.38 -22.27
CA GLY D 504 -2.78 1.87 -23.51
C GLY D 504 -1.60 1.03 -23.97
N VAL D 505 -1.33 1.12 -25.27
CA VAL D 505 -0.19 0.42 -25.85
C VAL D 505 1.11 0.95 -25.28
N PHE D 506 1.20 2.26 -25.14
CA PHE D 506 2.39 2.92 -24.60
C PHE D 506 2.20 3.28 -23.13
N SER D 507 1.54 2.40 -22.38
CA SER D 507 1.33 2.61 -20.95
C SER D 507 2.52 2.23 -20.11
N PHE D 508 3.60 1.72 -20.72
CA PHE D 508 4.82 1.48 -19.96
C PHE D 508 5.48 2.79 -19.55
N LEU D 509 5.34 3.83 -20.37
CA LEU D 509 5.90 5.13 -20.07
C LEU D 509 4.91 6.04 -19.35
N ASP D 510 3.93 5.46 -18.69
CA ASP D 510 2.98 6.20 -17.89
C ASP D 510 3.47 6.72 -16.53
N PRO D 511 4.28 5.98 -15.72
CA PRO D 511 4.65 6.56 -14.40
C PRO D 511 5.54 7.79 -14.47
N LEU D 512 6.18 8.04 -15.59
CA LEU D 512 6.80 9.33 -15.81
C LEU D 512 6.00 10.10 -16.85
N ALA D 513 5.82 11.41 -16.62
CA ALA D 513 5.06 12.25 -17.54
C ALA D 513 5.80 12.46 -18.87
N TYR D 514 5.18 13.23 -19.75
CA TYR D 514 5.76 13.40 -21.09
C TYR D 514 7.01 14.28 -21.04
N GLU D 515 7.04 15.26 -20.15
CA GLU D 515 8.15 16.20 -20.14
C GLU D 515 9.42 15.57 -19.57
N ILE D 516 9.27 14.67 -18.61
CA ILE D 516 10.44 14.07 -17.97
C ILE D 516 11.07 13.03 -18.88
N TRP D 517 10.28 12.39 -19.76
CA TRP D 517 10.88 11.51 -20.76
C TRP D 517 11.68 12.31 -21.78
N MET D 518 11.14 13.44 -22.27
CA MET D 518 11.83 14.18 -23.30
C MET D 518 12.98 15.00 -22.73
N CYS D 519 13.01 15.19 -21.41
CA CYS D 519 14.16 15.84 -20.80
C CYS D 519 15.27 14.85 -20.51
N ILE D 520 14.94 13.55 -20.47
CA ILE D 520 15.99 12.53 -20.46
C ILE D 520 16.71 12.52 -21.79
N VAL D 521 15.95 12.51 -22.89
CA VAL D 521 16.52 12.35 -24.23
C VAL D 521 17.34 13.57 -24.62
N PHE D 522 16.91 14.76 -24.18
CA PHE D 522 17.72 15.95 -24.40
C PHE D 522 18.98 15.93 -23.56
N ALA D 523 18.89 15.41 -22.34
CA ALA D 523 20.08 15.25 -21.51
C ALA D 523 20.91 14.04 -21.95
N TYR D 524 20.27 13.10 -22.66
CA TYR D 524 21.01 11.97 -23.22
C TYR D 524 21.99 12.42 -24.28
N ILE D 525 21.52 13.26 -25.21
CA ILE D 525 22.38 13.75 -26.28
C ILE D 525 23.43 14.70 -25.72
N GLY D 526 23.04 15.49 -24.71
CA GLY D 526 23.96 16.48 -24.16
C GLY D 526 25.11 15.88 -23.38
N VAL D 527 24.85 14.81 -22.63
CA VAL D 527 25.92 14.13 -21.90
C VAL D 527 26.84 13.40 -22.87
N SER D 528 26.28 12.84 -23.94
CA SER D 528 27.09 12.14 -24.93
C SER D 528 28.02 13.09 -25.68
N VAL D 529 27.53 14.29 -26.01
CA VAL D 529 28.34 15.27 -26.74
C VAL D 529 29.51 15.74 -25.90
N VAL D 530 29.26 16.03 -24.62
CA VAL D 530 30.34 16.48 -23.74
C VAL D 530 31.35 15.37 -23.49
N LEU D 531 30.87 14.11 -23.44
CA LEU D 531 31.77 12.98 -23.25
C LEU D 531 32.63 12.75 -24.49
N PHE D 532 32.06 12.97 -25.67
CA PHE D 532 32.87 12.95 -26.88
C PHE D 532 33.83 14.14 -26.92
N LEU D 533 33.35 15.31 -26.51
CA LEU D 533 34.15 16.54 -26.63
C LEU D 533 35.35 16.50 -25.71
N VAL D 534 35.12 16.17 -24.43
CA VAL D 534 36.16 16.18 -23.41
C VAL D 534 37.22 15.13 -23.69
N SER D 535 36.80 13.96 -24.15
CA SER D 535 37.76 12.88 -24.36
C SER D 535 38.64 13.09 -25.58
N ARG D 536 38.25 14.01 -26.47
CA ARG D 536 38.95 14.12 -27.74
C ARG D 536 39.76 15.40 -27.93
N PHE D 537 39.35 16.55 -27.36
CA PHE D 537 39.98 17.79 -27.78
C PHE D 537 41.36 17.96 -27.14
N SER D 538 41.60 17.29 -26.02
CA SER D 538 42.91 17.27 -25.37
C SER D 538 43.81 16.26 -26.08
N PRO D 539 44.84 16.70 -26.79
CA PRO D 539 45.66 15.73 -27.55
C PRO D 539 46.53 14.84 -26.67
N TYR D 540 47.29 15.43 -25.75
CA TYR D 540 48.28 14.68 -24.99
C TYR D 540 48.19 15.02 -23.50
N GLN D 554 47.92 9.39 -35.88
CA GLN D 554 48.25 10.26 -34.76
C GLN D 554 47.95 9.58 -33.44
N SER D 555 48.95 9.54 -32.55
CA SER D 555 48.74 8.91 -31.24
C SER D 555 47.93 9.81 -30.32
N SER D 556 47.95 11.12 -30.59
CA SER D 556 47.29 12.07 -29.69
C SER D 556 45.77 12.03 -29.85
N GLU D 557 45.29 11.97 -31.09
CA GLU D 557 43.86 12.00 -31.35
C GLU D 557 43.26 10.61 -31.55
N SER D 558 44.06 9.56 -31.39
CA SER D 558 43.57 8.20 -31.32
C SER D 558 43.85 7.57 -29.96
N THR D 559 44.14 8.39 -28.95
CA THR D 559 44.43 7.87 -27.61
C THR D 559 43.19 7.24 -26.99
N ASN D 560 42.07 7.96 -27.00
CA ASN D 560 40.79 7.44 -26.58
C ASN D 560 40.10 6.78 -27.77
N GLU D 561 39.19 5.86 -27.48
CA GLU D 561 38.39 5.23 -28.52
C GLU D 561 36.98 5.81 -28.60
N PHE D 562 36.67 6.80 -27.76
CA PHE D 562 35.35 7.43 -27.73
C PHE D 562 35.22 8.31 -28.96
N GLY D 563 34.58 7.76 -30.00
CA GLY D 563 34.05 8.55 -31.07
C GLY D 563 32.69 9.12 -30.68
N ILE D 564 32.13 9.91 -31.59
CA ILE D 564 30.81 10.49 -31.36
C ILE D 564 29.75 9.40 -31.42
N PHE D 565 29.99 8.34 -32.20
CA PHE D 565 29.06 7.23 -32.23
C PHE D 565 29.29 6.30 -31.04
N ASN D 566 30.52 6.21 -30.56
CA ASN D 566 30.78 5.43 -29.35
C ASN D 566 30.29 6.16 -28.10
N SER D 567 30.37 7.49 -28.09
CA SER D 567 29.92 8.25 -26.92
C SER D 567 28.40 8.16 -26.76
N LEU D 568 27.68 8.05 -27.87
CA LEU D 568 26.25 7.76 -27.80
C LEU D 568 26.00 6.37 -27.24
N TRP D 569 26.96 5.46 -27.41
CA TRP D 569 26.72 4.09 -26.99
C TRP D 569 27.08 3.86 -25.52
N PHE D 570 28.11 4.54 -25.03
CA PHE D 570 28.41 4.44 -23.61
C PHE D 570 27.33 5.12 -22.78
N SER D 571 26.75 6.18 -23.31
CA SER D 571 25.65 6.84 -22.60
C SER D 571 24.39 6.00 -22.66
N LEU D 572 24.25 5.16 -23.69
CA LEU D 572 23.04 4.34 -23.79
C LEU D 572 23.07 3.18 -22.81
N GLY D 573 24.21 2.49 -22.73
CA GLY D 573 24.32 1.39 -21.78
C GLY D 573 24.29 1.85 -20.34
N ALA D 574 24.75 3.07 -20.10
CA ALA D 574 24.67 3.62 -18.75
C ALA D 574 23.22 3.89 -18.35
N PHE D 575 22.37 4.28 -19.30
CA PHE D 575 20.98 4.56 -18.95
C PHE D 575 20.16 3.28 -18.87
N MET D 576 20.51 2.28 -19.69
CA MET D 576 19.78 1.03 -19.65
C MET D 576 20.38 0.08 -18.62
N GLN D 577 21.37 0.58 -17.87
CA GLN D 577 22.05 -0.12 -16.77
C GLN D 577 22.71 -1.42 -17.23
N GLN D 578 23.49 -1.32 -18.29
CA GLN D 578 24.42 -2.38 -18.68
C GLN D 578 25.82 -1.80 -18.75
N GLY D 579 26.81 -2.69 -18.80
CA GLY D 579 28.20 -2.29 -18.83
C GLY D 579 28.77 -2.39 -20.23
N CYS D 580 29.11 -1.22 -20.80
CA CYS D 580 29.81 -1.21 -22.06
C CYS D 580 31.27 -1.57 -21.85
N ASP D 581 31.92 -2.00 -22.93
CA ASP D 581 33.32 -2.38 -22.83
C ASP D 581 34.22 -1.17 -22.69
N ILE D 582 33.77 -0.03 -23.18
CA ILE D 582 34.55 1.19 -23.07
C ILE D 582 34.22 1.90 -21.76
N SER D 583 35.21 2.59 -21.20
CA SER D 583 35.06 3.28 -19.93
C SER D 583 35.95 4.50 -19.96
N PRO D 584 35.51 5.63 -19.41
CA PRO D 584 36.31 6.85 -19.49
C PRO D 584 37.58 6.74 -18.68
N ARG D 585 38.61 7.44 -19.12
CA ARG D 585 39.93 7.38 -18.51
C ARG D 585 40.44 8.73 -18.03
N SER D 586 40.23 9.77 -18.82
CA SER D 586 40.62 11.12 -18.40
C SER D 586 39.70 11.60 -17.28
N LEU D 587 40.23 12.50 -16.45
CA LEU D 587 39.54 12.91 -15.22
C LEU D 587 38.24 13.62 -15.53
N SER D 588 38.27 14.58 -16.46
CA SER D 588 37.05 15.26 -16.85
C SER D 588 36.13 14.36 -17.67
N GLY D 589 36.70 13.31 -18.27
CA GLY D 589 35.87 12.29 -18.87
C GLY D 589 35.18 11.42 -17.84
N ARG D 590 35.83 11.22 -16.68
CA ARG D 590 35.21 10.43 -15.63
C ARG D 590 34.16 11.23 -14.88
N ILE D 591 34.27 12.56 -14.90
CA ILE D 591 33.27 13.41 -14.28
C ILE D 591 31.96 13.33 -15.06
N VAL D 592 32.06 13.26 -16.39
CA VAL D 592 30.86 13.06 -17.20
C VAL D 592 30.26 11.69 -16.94
N GLY D 593 31.11 10.67 -16.87
CA GLY D 593 30.62 9.33 -16.61
C GLY D 593 30.15 9.13 -15.18
N GLY D 594 30.72 9.90 -14.26
CA GLY D 594 30.34 9.75 -12.86
C GLY D 594 28.99 10.34 -12.54
N VAL D 595 28.72 11.55 -13.05
CA VAL D 595 27.47 12.22 -12.71
C VAL D 595 26.31 11.61 -13.47
N TRP D 596 26.56 11.17 -14.70
CA TRP D 596 25.51 10.52 -15.50
C TRP D 596 25.09 9.19 -14.89
N TRP D 597 25.98 8.52 -14.18
CA TRP D 597 25.60 7.30 -13.48
C TRP D 597 24.69 7.60 -12.30
N PHE D 598 24.93 8.72 -11.60
CA PHE D 598 24.04 9.09 -10.50
C PHE D 598 22.70 9.57 -11.02
N PHE D 599 22.67 10.05 -12.27
CA PHE D 599 21.40 10.39 -12.90
C PHE D 599 20.54 9.16 -13.09
N THR D 600 21.09 8.13 -13.72
CA THR D 600 20.29 6.98 -14.13
C THR D 600 19.96 6.09 -12.95
N LEU D 601 20.70 6.24 -11.85
CA LEU D 601 20.35 5.52 -10.63
C LEU D 601 19.07 6.08 -10.02
N ILE D 602 18.91 7.40 -10.05
CA ILE D 602 17.75 8.03 -9.43
C ILE D 602 16.50 7.82 -10.29
N ILE D 603 16.66 7.92 -11.62
CA ILE D 603 15.51 7.87 -12.51
C ILE D 603 14.90 6.49 -12.57
N ILE D 604 15.73 5.46 -12.76
CA ILE D 604 15.23 4.10 -12.93
C ILE D 604 14.70 3.57 -11.60
N SER D 605 15.27 4.02 -10.48
CA SER D 605 14.69 3.66 -9.19
C SER D 605 13.37 4.39 -8.96
N SER D 606 13.21 5.59 -9.52
CA SER D 606 11.94 6.29 -9.40
C SER D 606 10.92 5.72 -10.38
N TYR D 607 11.37 5.15 -11.48
CA TYR D 607 10.44 4.49 -12.40
C TYR D 607 9.85 3.24 -11.77
N THR D 608 10.69 2.45 -11.10
CA THR D 608 10.23 1.21 -10.49
C THR D 608 9.37 1.51 -9.27
N ALA D 609 9.69 2.58 -8.56
CA ALA D 609 8.92 2.95 -7.38
C ALA D 609 7.52 3.42 -7.75
N ASN D 610 7.39 4.10 -8.88
CA ASN D 610 6.11 4.70 -9.22
C ASN D 610 5.16 3.67 -9.82
N LEU D 611 5.72 2.64 -10.48
CA LEU D 611 4.89 1.49 -10.85
C LEU D 611 4.41 0.75 -9.62
N ALA D 612 5.25 0.66 -8.59
CA ALA D 612 4.86 -0.04 -7.36
C ALA D 612 3.78 0.73 -6.61
N ALA D 613 3.66 2.03 -6.87
CA ALA D 613 2.55 2.78 -6.32
C ALA D 613 1.28 2.61 -7.14
N PHE D 614 1.40 2.52 -8.47
CA PHE D 614 0.23 2.37 -9.32
C PHE D 614 -0.42 1.01 -9.12
N LEU D 615 0.38 -0.05 -9.17
CA LEU D 615 -0.17 -1.39 -9.16
C LEU D 615 -0.69 -1.77 -7.78
N THR D 616 -0.22 -1.08 -6.74
CA THR D 616 -0.77 -1.28 -5.40
C THR D 616 -2.07 -0.51 -5.21
N VAL D 617 -2.01 0.80 -5.35
CA VAL D 617 -3.13 1.67 -5.01
C VAL D 617 -3.95 1.86 -6.27
N GLU D 618 -5.15 1.31 -6.28
CA GLU D 618 -5.99 1.50 -7.46
C GLU D 618 -6.91 2.68 -7.19
N ARG D 619 -6.34 3.87 -7.37
CA ARG D 619 -7.15 5.08 -7.32
C ARG D 619 -8.08 5.12 -8.53
N MET D 620 -9.32 5.54 -8.31
CA MET D 620 -10.36 5.54 -9.33
C MET D 620 -10.01 6.52 -10.46
N VAL D 621 -10.57 6.25 -11.65
CA VAL D 621 -10.63 7.24 -12.72
C VAL D 621 -11.15 8.55 -12.19
N SER D 622 -10.42 9.63 -12.48
CA SER D 622 -10.89 10.96 -12.16
C SER D 622 -12.18 11.24 -12.91
N PRO D 623 -13.25 11.66 -12.21
CA PRO D 623 -14.56 11.81 -12.86
C PRO D 623 -14.52 12.86 -13.96
N ILE D 624 -14.77 12.41 -15.18
CA ILE D 624 -14.22 13.05 -16.38
C ILE D 624 -14.90 14.38 -16.66
N GLU D 625 -16.08 14.63 -16.10
CA GLU D 625 -16.66 15.96 -16.20
C GLU D 625 -17.18 16.45 -14.86
N SER D 626 -17.70 17.68 -14.89
CA SER D 626 -18.45 18.33 -13.84
C SER D 626 -19.58 19.09 -14.53
N ALA D 627 -20.14 20.09 -13.86
CA ALA D 627 -21.17 20.93 -14.49
C ALA D 627 -20.63 21.65 -15.73
N GLU D 628 -19.50 22.32 -15.59
CA GLU D 628 -18.96 23.09 -16.70
C GLU D 628 -18.28 22.20 -17.72
N ASP D 629 -17.62 21.13 -17.27
CA ASP D 629 -16.76 20.34 -18.15
C ASP D 629 -17.57 19.52 -19.13
N LEU D 630 -18.86 19.29 -18.83
CA LEU D 630 -19.73 18.65 -19.81
C LEU D 630 -20.02 19.59 -20.97
N SER D 631 -19.96 20.90 -20.73
CA SER D 631 -20.21 21.87 -21.80
C SER D 631 -19.00 22.02 -22.70
N LYS D 632 -17.78 21.95 -22.15
CA LYS D 632 -16.58 22.14 -22.96
C LYS D 632 -16.32 20.94 -23.87
N GLN D 633 -16.28 19.73 -23.31
CA GLN D 633 -15.94 18.55 -24.10
C GLN D 633 -17.09 18.18 -25.02
N THR D 634 -17.04 18.68 -26.25
CA THR D 634 -18.16 18.50 -27.18
C THR D 634 -18.20 17.08 -27.74
N GLU D 635 -17.12 16.31 -27.59
CA GLU D 635 -17.17 14.90 -27.97
C GLU D 635 -17.95 14.07 -26.97
N ILE D 636 -18.25 14.64 -25.80
CA ILE D 636 -19.04 13.95 -24.77
C ILE D 636 -20.46 14.49 -24.87
N ALA D 637 -21.32 13.73 -25.54
CA ALA D 637 -22.71 14.15 -25.73
C ALA D 637 -23.48 14.06 -24.42
N TYR D 638 -24.60 14.78 -24.37
CA TYR D 638 -25.43 14.86 -23.18
C TYR D 638 -26.84 15.26 -23.60
N GLY D 639 -27.83 14.61 -23.00
CA GLY D 639 -29.19 14.70 -23.49
C GLY D 639 -30.20 14.96 -22.40
N THR D 640 -31.25 15.68 -22.78
CA THR D 640 -32.35 16.04 -21.89
C THR D 640 -33.65 15.49 -22.47
N LEU D 641 -34.71 15.65 -21.68
CA LEU D 641 -36.03 15.18 -22.11
C LEU D 641 -36.59 16.12 -23.16
N ASP D 642 -37.41 15.56 -24.06
CA ASP D 642 -37.92 16.35 -25.18
C ASP D 642 -38.99 17.34 -24.73
N SER D 643 -39.73 17.01 -23.68
CA SER D 643 -40.70 17.92 -23.08
C SER D 643 -40.72 17.70 -21.58
N GLY D 644 -40.27 18.69 -20.83
CA GLY D 644 -40.22 18.56 -19.39
C GLY D 644 -39.62 19.79 -18.75
N SER D 645 -39.36 19.65 -17.44
CA SER D 645 -38.85 20.76 -16.65
C SER D 645 -37.38 21.03 -16.97
N THR D 646 -36.64 20.01 -17.37
CA THR D 646 -35.24 20.22 -17.71
C THR D 646 -35.10 20.88 -19.07
N LYS D 647 -36.03 20.59 -19.99
CA LYS D 647 -35.99 21.22 -21.31
C LYS D 647 -36.28 22.72 -21.21
N GLU D 648 -37.24 23.10 -20.36
CA GLU D 648 -37.62 24.50 -20.25
C GLU D 648 -36.56 25.32 -19.52
N PHE D 649 -35.67 24.65 -18.79
CA PHE D 649 -34.70 25.39 -17.99
C PHE D 649 -33.54 25.91 -18.84
N PHE D 650 -33.02 25.08 -19.75
CA PHE D 650 -31.84 25.47 -20.50
C PHE D 650 -32.15 26.57 -21.51
N ARG D 651 -33.36 26.58 -22.07
CA ARG D 651 -33.74 27.70 -22.92
C ARG D 651 -34.00 28.96 -22.11
N ARG D 652 -34.55 28.82 -20.91
CA ARG D 652 -34.81 29.96 -20.04
C ARG D 652 -33.62 30.14 -19.08
N SER D 653 -32.48 30.49 -19.66
CA SER D 653 -31.26 30.67 -18.90
C SER D 653 -30.47 31.86 -19.44
N LYS D 654 -29.99 32.68 -18.51
CA LYS D 654 -29.17 33.84 -18.83
C LYS D 654 -27.71 33.62 -18.45
N ILE D 655 -27.34 32.42 -18.08
CA ILE D 655 -25.96 32.09 -17.69
C ILE D 655 -25.26 31.57 -18.93
N ALA D 656 -24.02 32.04 -19.14
CA ALA D 656 -23.30 31.76 -20.37
C ALA D 656 -22.93 30.29 -20.52
N VAL D 657 -22.78 29.58 -19.39
CA VAL D 657 -22.47 28.16 -19.46
C VAL D 657 -23.67 27.37 -19.97
N PHE D 658 -24.85 27.63 -19.39
CA PHE D 658 -26.05 26.90 -19.78
C PHE D 658 -26.54 27.34 -21.15
N ASP D 659 -26.25 28.58 -21.53
CA ASP D 659 -26.62 29.06 -22.85
C ASP D 659 -25.79 28.37 -23.92
N LYS D 660 -24.55 28.00 -23.56
CA LYS D 660 -23.75 27.16 -24.45
C LYS D 660 -24.31 25.76 -24.52
N MET D 661 -24.90 25.28 -23.42
CA MET D 661 -25.44 23.93 -23.39
C MET D 661 -26.73 23.83 -24.20
N TRP D 662 -27.55 24.88 -24.19
CA TRP D 662 -28.76 24.87 -24.99
C TRP D 662 -28.44 25.07 -26.47
N THR D 663 -27.36 25.80 -26.76
CA THR D 663 -26.92 25.96 -28.14
C THR D 663 -26.37 24.65 -28.70
N TYR D 664 -25.61 23.92 -27.89
CA TYR D 664 -24.92 22.72 -28.38
C TYR D 664 -25.88 21.58 -28.64
N MET D 665 -26.87 21.39 -27.77
CA MET D 665 -27.84 20.32 -27.98
C MET D 665 -28.85 20.69 -29.06
N ARG D 666 -28.94 21.98 -29.41
CA ARG D 666 -29.79 22.39 -30.50
C ARG D 666 -29.24 21.91 -31.84
N SER D 667 -27.98 22.21 -32.13
CA SER D 667 -27.30 21.73 -33.33
C SER D 667 -26.46 20.52 -32.96
N ALA D 668 -27.13 19.41 -32.67
CA ALA D 668 -26.48 18.20 -32.20
C ALA D 668 -26.90 17.01 -33.04
N GLU D 669 -25.92 16.16 -33.37
CA GLU D 669 -26.20 14.92 -34.07
C GLU D 669 -25.45 13.76 -33.43
N PRO D 670 -26.14 12.63 -33.17
CA PRO D 670 -27.56 12.35 -33.34
C PRO D 670 -28.47 13.03 -32.31
N SER D 671 -29.77 12.78 -32.41
CA SER D 671 -30.75 13.48 -31.59
C SER D 671 -30.65 13.06 -30.13
N VAL D 672 -30.42 14.06 -29.26
CA VAL D 672 -30.27 13.81 -27.83
C VAL D 672 -31.58 13.95 -27.07
N PHE D 673 -32.66 14.36 -27.72
CA PHE D 673 -33.95 14.41 -27.06
C PHE D 673 -34.52 13.00 -26.94
N VAL D 674 -34.95 12.64 -25.73
CA VAL D 674 -35.38 11.27 -25.44
C VAL D 674 -36.88 11.28 -25.17
N ARG D 675 -37.50 10.12 -25.38
CA ARG D 675 -38.93 10.01 -25.13
C ARG D 675 -39.22 9.76 -23.66
N THR D 676 -38.67 8.69 -23.11
CA THR D 676 -38.85 8.34 -21.70
C THR D 676 -37.48 8.24 -21.05
N THR D 677 -37.50 8.20 -19.71
CA THR D 677 -36.25 8.12 -18.96
C THR D 677 -35.59 6.75 -19.13
N ALA D 678 -36.39 5.69 -19.31
CA ALA D 678 -35.84 4.35 -19.44
C ALA D 678 -35.10 4.20 -20.76
N GLU D 679 -35.51 4.97 -21.77
CA GLU D 679 -34.73 5.02 -23.00
C GLU D 679 -33.48 5.87 -22.81
N GLY D 680 -33.60 6.97 -22.05
CA GLY D 680 -32.48 7.87 -21.87
C GLY D 680 -31.40 7.31 -20.98
N VAL D 681 -31.78 6.59 -19.93
CA VAL D 681 -30.81 5.92 -19.07
C VAL D 681 -30.08 4.82 -19.85
N ALA D 682 -30.80 4.17 -20.77
CA ALA D 682 -30.20 3.11 -21.57
C ALA D 682 -29.18 3.67 -22.57
N ARG D 683 -29.37 4.91 -23.02
CA ARG D 683 -28.45 5.49 -24.00
C ARG D 683 -27.11 5.84 -23.36
N VAL D 684 -27.07 5.96 -22.03
CA VAL D 684 -25.80 6.26 -21.36
C VAL D 684 -24.94 5.02 -21.25
N ARG D 685 -25.55 3.90 -20.84
CA ARG D 685 -24.79 2.69 -20.55
C ARG D 685 -24.29 2.01 -21.82
N LYS D 686 -24.89 2.31 -22.97
CA LYS D 686 -24.48 1.70 -24.23
C LYS D 686 -23.46 2.55 -24.98
N SER D 687 -23.30 3.82 -24.61
CA SER D 687 -22.45 4.74 -25.35
C SER D 687 -21.08 4.93 -24.71
N LYS D 688 -20.82 4.24 -23.60
CA LYS D 688 -19.48 4.10 -23.00
C LYS D 688 -18.92 5.45 -22.54
N GLY D 689 -19.78 6.26 -21.91
CA GLY D 689 -19.37 7.56 -21.41
C GLY D 689 -19.41 8.68 -22.42
N LYS D 690 -19.63 8.37 -23.70
CA LYS D 690 -19.73 9.43 -24.68
C LYS D 690 -21.04 10.18 -24.57
N TYR D 691 -22.08 9.52 -24.05
CA TYR D 691 -23.38 10.14 -23.83
C TYR D 691 -23.68 10.23 -22.34
N ALA D 692 -24.12 11.40 -21.90
CA ALA D 692 -24.53 11.63 -20.53
C ALA D 692 -26.00 12.01 -20.53
N TYR D 693 -26.57 12.12 -19.33
CA TYR D 693 -27.99 12.35 -19.19
C TYR D 693 -28.24 13.39 -18.10
N LEU D 694 -29.16 14.30 -18.37
CA LEU D 694 -29.49 15.40 -17.47
C LEU D 694 -30.89 15.17 -16.93
N LEU D 695 -30.99 14.99 -15.62
CA LEU D 695 -32.22 14.50 -14.99
C LEU D 695 -32.28 15.05 -13.57
N GLU D 696 -33.35 14.71 -12.86
CA GLU D 696 -33.53 15.18 -11.50
C GLU D 696 -32.56 14.46 -10.57
N SER D 697 -32.22 15.12 -9.47
CA SER D 697 -31.26 14.53 -8.52
C SER D 697 -31.84 13.31 -7.82
N THR D 698 -33.16 13.26 -7.69
CA THR D 698 -33.79 12.15 -7.01
C THR D 698 -33.75 10.88 -7.85
N MET D 699 -33.98 11.03 -9.15
CA MET D 699 -33.93 9.87 -10.03
C MET D 699 -32.49 9.40 -10.22
N ASN D 700 -31.55 10.33 -10.20
CA ASN D 700 -30.15 10.01 -10.47
C ASN D 700 -29.54 9.22 -9.31
N GLU D 701 -29.95 9.52 -8.08
CA GLU D 701 -29.47 8.77 -6.94
C GLU D 701 -30.13 7.39 -6.89
N TYR D 702 -31.30 7.25 -7.49
CA TYR D 702 -32.02 5.98 -7.43
C TYR D 702 -31.53 5.01 -8.48
N ILE D 703 -31.30 5.50 -9.71
CA ILE D 703 -30.77 4.68 -10.80
C ILE D 703 -29.39 4.14 -10.44
N GLU D 704 -28.60 4.93 -9.70
CA GLU D 704 -27.28 4.51 -9.26
C GLU D 704 -27.37 3.36 -8.26
N GLN D 705 -28.44 3.31 -7.46
CA GLN D 705 -28.57 2.23 -6.50
C GLN D 705 -29.28 1.00 -7.06
N ARG D 706 -29.95 1.10 -8.20
CA ARG D 706 -30.57 -0.04 -8.83
C ARG D 706 -29.57 -0.78 -9.70
N LYS D 707 -29.86 -2.03 -9.99
CA LYS D 707 -29.13 -2.76 -11.02
C LYS D 707 -29.44 -2.16 -12.40
N PRO D 708 -28.52 -2.24 -13.37
CA PRO D 708 -27.18 -2.84 -13.45
C PRO D 708 -26.04 -2.00 -12.90
N CYS D 709 -26.34 -1.04 -12.02
CA CYS D 709 -25.42 -0.40 -11.10
C CYS D 709 -24.38 0.51 -11.75
N ASP D 710 -24.41 0.68 -13.07
CA ASP D 710 -23.31 1.32 -13.78
C ASP D 710 -23.51 2.80 -14.08
N THR D 711 -23.82 3.62 -13.08
CA THR D 711 -23.95 5.07 -13.25
C THR D 711 -23.35 5.79 -12.06
N MET D 712 -23.07 7.08 -12.25
CA MET D 712 -22.53 7.94 -11.21
C MET D 712 -23.19 9.31 -11.30
N LYS D 713 -23.46 9.91 -10.15
CA LYS D 713 -23.91 11.30 -10.10
C LYS D 713 -22.71 12.20 -9.84
N VAL D 714 -22.26 12.89 -10.87
CA VAL D 714 -21.15 13.83 -10.76
C VAL D 714 -21.72 15.24 -10.68
N GLY D 715 -21.10 16.08 -9.86
CA GLY D 715 -21.51 17.45 -9.73
C GLY D 715 -22.76 17.59 -8.88
N GLY D 716 -23.09 18.85 -8.58
CA GLY D 716 -24.24 19.17 -7.78
C GLY D 716 -25.47 19.45 -8.62
N ASN D 717 -26.45 20.07 -7.99
CA ASN D 717 -27.66 20.47 -8.69
C ASN D 717 -27.40 21.73 -9.51
N LEU D 718 -27.91 21.75 -10.73
CA LEU D 718 -27.76 22.94 -11.57
C LEU D 718 -28.78 24.00 -11.20
N ASP D 719 -30.03 23.60 -11.03
CA ASP D 719 -31.05 24.46 -10.47
C ASP D 719 -31.52 23.88 -9.15
N SER D 720 -32.48 24.53 -8.52
CA SER D 720 -33.09 24.00 -7.31
C SER D 720 -34.58 23.91 -7.49
N LYS D 721 -35.15 22.76 -7.13
CA LYS D 721 -36.59 22.56 -7.14
C LYS D 721 -36.97 21.78 -5.89
N GLY D 722 -38.26 21.75 -5.61
CA GLY D 722 -38.73 21.05 -4.43
C GLY D 722 -40.06 20.36 -4.57
N TYR D 723 -40.11 19.11 -4.18
CA TYR D 723 -41.38 18.41 -4.02
C TYR D 723 -42.07 18.89 -2.75
N GLY D 724 -43.38 19.06 -2.83
CA GLY D 724 -44.11 19.60 -1.71
C GLY D 724 -45.49 18.99 -1.53
N ILE D 725 -45.89 18.78 -0.28
CA ILE D 725 -47.21 18.25 0.01
C ILE D 725 -48.26 19.29 -0.35
N ALA D 726 -49.16 18.93 -1.27
CA ALA D 726 -50.09 19.87 -1.86
C ALA D 726 -51.48 19.69 -1.26
N THR D 727 -52.09 20.80 -0.85
CA THR D 727 -53.47 20.89 -0.41
C THR D 727 -54.20 21.85 -1.34
N PRO D 728 -55.52 21.73 -1.47
CA PRO D 728 -56.25 22.64 -2.36
C PRO D 728 -56.29 24.06 -1.81
N LYS D 729 -56.69 24.99 -2.68
CA LYS D 729 -56.90 26.37 -2.28
C LYS D 729 -58.05 26.46 -1.29
N GLY D 730 -57.82 27.16 -0.19
CA GLY D 730 -58.80 27.17 0.88
C GLY D 730 -58.86 25.85 1.64
N SER D 731 -57.70 25.31 1.99
CA SER D 731 -57.68 24.07 2.73
C SER D 731 -57.96 24.30 4.20
N SER D 732 -58.75 23.39 4.78
CA SER D 732 -59.00 23.38 6.22
C SER D 732 -57.94 22.57 6.95
N LEU D 733 -56.91 22.10 6.27
CA LEU D 733 -55.87 21.31 6.90
C LEU D 733 -54.47 21.65 6.42
N GLY D 734 -54.31 22.74 5.66
CA GLY D 734 -52.98 23.12 5.21
C GLY D 734 -52.07 23.55 6.33
N THR D 735 -52.62 24.23 7.33
CA THR D 735 -51.82 24.67 8.47
C THR D 735 -51.40 23.53 9.40
N PRO D 736 -52.19 22.48 9.66
CA PRO D 736 -51.60 21.31 10.31
C PRO D 736 -50.61 20.56 9.46
N VAL D 737 -50.63 20.74 8.13
CA VAL D 737 -49.70 20.01 7.28
C VAL D 737 -48.32 20.64 7.31
N ASN D 738 -48.22 21.95 7.07
CA ASN D 738 -46.90 22.56 6.93
C ASN D 738 -46.16 22.65 8.26
N LEU D 739 -46.92 22.73 9.36
CA LEU D 739 -46.31 22.58 10.67
C LEU D 739 -45.77 21.17 10.87
N ALA D 740 -46.43 20.18 10.28
CA ALA D 740 -45.98 18.80 10.43
C ALA D 740 -44.72 18.55 9.61
N VAL D 741 -44.61 19.17 8.43
CA VAL D 741 -43.43 19.01 7.59
C VAL D 741 -42.20 19.61 8.29
N LEU D 742 -42.38 20.79 8.88
CA LEU D 742 -41.29 21.41 9.63
C LEU D 742 -40.98 20.64 10.91
N LYS D 743 -41.96 19.90 11.43
CA LYS D 743 -41.71 19.08 12.60
C LYS D 743 -40.86 17.87 12.26
N LEU D 744 -41.09 17.28 11.09
CA LEU D 744 -40.34 16.08 10.71
C LEU D 744 -38.88 16.40 10.43
N SER D 745 -38.61 17.59 9.92
CA SER D 745 -37.23 17.94 9.59
C SER D 745 -36.43 18.29 10.85
N GLU D 746 -37.07 18.97 11.82
CA GLU D 746 -36.38 19.30 13.06
C GLU D 746 -36.13 18.06 13.91
N GLN D 747 -37.07 17.11 13.87
CA GLN D 747 -36.86 15.84 14.54
C GLN D 747 -36.00 14.93 13.66
N GLY D 748 -35.73 15.36 12.43
CA GLY D 748 -34.84 14.65 11.54
C GLY D 748 -35.50 13.57 10.72
N VAL D 749 -36.83 13.48 10.72
CA VAL D 749 -37.54 12.33 10.17
C VAL D 749 -37.45 12.31 8.65
N LEU D 750 -37.59 13.48 8.02
CA LEU D 750 -37.43 13.58 6.57
C LEU D 750 -36.03 13.20 6.13
N ASP D 751 -35.03 13.55 6.95
CA ASP D 751 -33.69 13.06 6.69
C ASP D 751 -33.57 11.60 7.11
N LYS D 752 -34.31 11.20 8.15
CA LYS D 752 -34.28 9.80 8.58
C LYS D 752 -34.94 8.91 7.54
N LEU D 753 -36.09 9.33 7.00
CA LEU D 753 -36.80 8.50 6.03
C LEU D 753 -36.10 8.44 4.68
N LYS D 754 -35.16 9.37 4.45
CA LYS D 754 -34.44 9.38 3.18
C LYS D 754 -33.16 8.54 3.25
N ASN D 755 -32.28 8.80 4.23
CA ASN D 755 -31.01 8.07 4.27
C ASN D 755 -31.19 6.63 4.74
N LYS D 756 -32.36 6.31 5.30
CA LYS D 756 -32.73 4.91 5.45
C LYS D 756 -33.14 4.32 4.11
N TRP D 757 -34.08 4.98 3.42
CA TRP D 757 -34.80 4.32 2.34
C TRP D 757 -33.92 4.13 1.10
N TRP D 758 -33.25 5.20 0.65
CA TRP D 758 -32.41 5.12 -0.54
C TRP D 758 -31.20 4.22 -0.29
N TYR D 759 -30.77 4.08 0.96
CA TYR D 759 -29.51 3.38 1.21
C TYR D 759 -29.76 1.92 1.60
N ASP D 760 -30.64 1.69 2.58
CA ASP D 760 -30.85 0.33 3.06
C ASP D 760 -31.62 -0.51 2.06
N LYS D 761 -32.59 0.09 1.35
CA LYS D 761 -33.24 -0.59 0.24
C LYS D 761 -32.48 -0.42 -1.07
N GLY D 762 -31.24 0.06 -1.01
CA GLY D 762 -30.38 0.14 -2.17
C GLY D 762 -29.60 -1.15 -2.31
N GLU D 763 -29.81 -1.83 -3.44
CA GLU D 763 -29.28 -3.18 -3.60
C GLU D 763 -27.79 -3.17 -3.92
N CYS D 764 -27.32 -2.18 -4.68
CA CYS D 764 -25.92 -2.10 -5.03
C CYS D 764 -25.46 -0.66 -4.95
N GLY D 765 -24.15 -0.46 -4.78
CA GLY D 765 -23.62 0.88 -4.69
C GLY D 765 -22.11 0.91 -4.69
N ALA D 766 -21.58 2.09 -5.02
CA ALA D 766 -20.13 2.30 -4.95
C ALA D 766 -19.66 2.33 -3.49
N LYS D 767 -20.52 2.77 -2.58
CA LYS D 767 -20.21 2.72 -1.15
C LYS D 767 -20.19 1.27 -0.66
N ASP D 768 -21.00 0.42 -1.27
CA ASP D 768 -21.06 -0.98 -0.85
C ASP D 768 -19.82 -1.76 -1.28
N SER D 769 -19.30 -1.48 -2.48
CA SER D 769 -18.28 -2.31 -3.09
C SER D 769 -16.90 -1.67 -3.08
N GLY D 770 -16.74 -0.50 -2.48
CA GLY D 770 -15.50 0.25 -2.64
C GLY D 770 -14.36 -0.26 -1.78
N SER D 771 -14.68 -1.00 -0.71
CA SER D 771 -13.66 -1.29 0.30
C SER D 771 -12.76 -2.44 -0.11
N LYS D 772 -13.23 -3.33 -0.98
CA LYS D 772 -12.45 -4.52 -1.30
C LYS D 772 -11.30 -4.18 -2.26
N GLU D 773 -10.21 -4.92 -2.14
CA GLU D 773 -9.01 -4.69 -2.92
C GLU D 773 -8.20 -5.96 -2.98
N LYS D 774 -8.03 -6.51 -4.19
CA LYS D 774 -7.25 -7.72 -4.40
C LYS D 774 -6.22 -7.48 -5.49
N THR D 775 -5.32 -8.46 -5.64
CA THR D 775 -4.15 -8.29 -6.48
C THR D 775 -4.47 -8.54 -7.94
N SER D 776 -3.57 -8.08 -8.82
CA SER D 776 -3.73 -8.24 -10.26
C SER D 776 -2.38 -8.57 -10.88
N ALA D 777 -2.28 -9.74 -11.51
CA ALA D 777 -1.11 -10.05 -12.30
C ALA D 777 -1.12 -9.23 -13.58
N LEU D 778 0.07 -8.87 -14.06
CA LEU D 778 0.17 -8.10 -15.29
C LEU D 778 -0.18 -8.97 -16.48
N SER D 779 -1.12 -8.50 -17.29
CA SER D 779 -1.40 -9.17 -18.55
C SER D 779 -0.45 -8.68 -19.62
N LEU D 780 -0.58 -9.27 -20.82
CA LEU D 780 0.32 -8.91 -21.90
C LEU D 780 0.02 -7.51 -22.43
N SER D 781 -1.23 -7.07 -22.35
CA SER D 781 -1.62 -5.78 -22.90
C SER D 781 -1.07 -4.63 -22.07
N ASN D 782 -0.62 -4.90 -20.84
CA ASN D 782 0.01 -3.88 -20.03
C ASN D 782 1.39 -3.52 -20.57
N VAL D 783 2.08 -4.49 -21.16
CA VAL D 783 3.44 -4.29 -21.63
C VAL D 783 3.53 -4.64 -23.11
N ALA D 784 2.41 -4.56 -23.83
CA ALA D 784 2.38 -4.99 -25.21
C ALA D 784 3.13 -4.04 -26.13
N GLY D 785 3.26 -2.77 -25.74
CA GLY D 785 3.96 -1.82 -26.59
C GLY D 785 5.46 -2.04 -26.61
N VAL D 786 5.99 -2.62 -25.53
CA VAL D 786 7.43 -2.87 -25.47
C VAL D 786 7.80 -3.99 -26.43
N PHE D 787 6.87 -4.93 -26.64
CA PHE D 787 7.08 -5.94 -27.66
C PHE D 787 6.93 -5.37 -29.06
N TYR D 788 6.12 -4.32 -29.21
CA TYR D 788 5.94 -3.71 -30.52
C TYR D 788 7.19 -2.94 -30.94
N ILE D 789 7.78 -2.20 -30.01
CA ILE D 789 9.01 -1.44 -30.29
C ILE D 789 10.16 -2.39 -30.51
N LEU D 790 10.14 -3.55 -29.84
CA LEU D 790 11.21 -4.54 -29.97
C LEU D 790 11.24 -5.13 -31.38
N VAL D 791 10.08 -5.54 -31.90
CA VAL D 791 10.05 -6.10 -33.26
C VAL D 791 10.25 -4.98 -34.27
N GLY D 792 9.80 -3.77 -33.94
CA GLY D 792 10.12 -2.62 -34.78
C GLY D 792 11.60 -2.30 -34.77
N GLY D 793 12.27 -2.55 -33.65
CA GLY D 793 13.70 -2.37 -33.60
C GLY D 793 14.46 -3.46 -34.32
N LEU D 794 13.85 -4.64 -34.45
CA LEU D 794 14.49 -5.73 -35.17
C LEU D 794 14.47 -5.51 -36.67
N GLY D 795 13.30 -5.14 -37.21
CA GLY D 795 13.21 -4.86 -38.63
C GLY D 795 13.99 -3.64 -39.04
N LEU D 796 14.10 -2.66 -38.15
CA LEU D 796 14.94 -1.49 -38.43
C LEU D 796 16.41 -1.86 -38.44
N ALA D 797 16.80 -2.82 -37.59
CA ALA D 797 18.18 -3.27 -37.55
C ALA D 797 18.55 -4.00 -38.84
N MET D 798 17.66 -4.85 -39.33
CA MET D 798 17.95 -5.63 -40.54
C MET D 798 17.91 -4.75 -41.78
N LEU D 799 17.14 -3.66 -41.73
CA LEU D 799 17.01 -2.79 -42.89
C LEU D 799 18.30 -1.98 -43.11
N VAL D 800 18.85 -1.39 -42.05
CA VAL D 800 20.02 -0.56 -42.23
C VAL D 800 21.26 -1.43 -42.44
N ALA D 801 21.22 -2.66 -41.92
CA ALA D 801 22.26 -3.64 -42.24
C ALA D 801 22.24 -4.01 -43.72
N LEU D 802 21.07 -3.95 -44.34
CA LEU D 802 20.97 -4.27 -45.75
C LEU D 802 21.53 -3.14 -46.61
N ILE D 803 21.20 -1.89 -46.27
CA ILE D 803 21.56 -0.79 -47.15
C ILE D 803 23.00 -0.35 -46.92
N GLU D 804 23.54 -0.60 -45.73
CA GLU D 804 24.96 -0.33 -45.50
C GLU D 804 25.81 -1.33 -46.27
N PHE D 805 25.32 -2.56 -46.41
CA PHE D 805 26.00 -3.57 -47.22
C PHE D 805 25.98 -3.21 -48.69
N CYS D 806 24.82 -2.80 -49.22
CA CYS D 806 24.69 -2.54 -50.64
C CYS D 806 25.43 -1.27 -51.04
N TYR D 807 25.54 -0.30 -50.12
CA TYR D 807 26.27 0.92 -50.42
C TYR D 807 27.77 0.66 -50.51
N LYS D 808 28.27 -0.31 -49.74
CA LYS D 808 29.68 -0.65 -49.81
C LYS D 808 30.00 -1.40 -51.10
N SER D 809 29.07 -2.24 -51.56
CA SER D 809 29.34 -3.06 -52.75
C SER D 809 29.28 -2.22 -54.02
N ARG D 810 28.40 -1.23 -54.06
CA ARG D 810 28.34 -0.35 -55.23
C ARG D 810 29.56 0.56 -55.30
N ALA D 811 30.02 1.04 -54.16
CA ALA D 811 31.19 1.92 -54.10
C ALA D 811 32.47 1.11 -54.29
N LEU D 821 31.52 14.32 -48.83
CA LEU D 821 31.22 14.05 -47.42
C LEU D 821 32.51 14.07 -46.62
N PHE D 822 33.64 14.04 -47.33
CA PHE D 822 34.96 14.07 -46.71
C PHE D 822 35.79 15.17 -47.35
N ASP D 823 35.63 16.40 -46.85
CA ASP D 823 36.36 17.59 -47.26
C ASP D 823 36.12 18.72 -46.27
N ARG D 824 37.16 19.52 -45.97
CA ARG D 824 36.98 20.61 -45.02
C ARG D 824 36.21 21.77 -45.62
N GLY D 825 36.10 21.81 -46.95
CA GLY D 825 35.53 22.98 -47.62
C GLY D 825 34.05 23.14 -47.38
N VAL D 826 33.24 22.23 -47.93
CA VAL D 826 31.78 22.38 -47.84
C VAL D 826 31.30 22.04 -46.44
N GLN D 827 32.10 21.27 -45.68
CA GLN D 827 31.77 20.97 -44.30
C GLN D 827 31.84 22.22 -43.44
N MET D 828 32.81 23.09 -43.71
CA MET D 828 32.85 24.38 -43.03
C MET D 828 31.69 25.26 -43.48
N LEU D 829 31.31 25.16 -44.75
CA LEU D 829 30.19 25.94 -45.27
C LEU D 829 28.87 25.45 -44.72
N LEU D 830 28.70 24.13 -44.62
CA LEU D 830 27.48 23.56 -44.04
C LEU D 830 27.41 23.84 -42.54
N THR D 831 28.57 23.96 -41.89
CA THR D 831 28.60 24.37 -40.49
C THR D 831 28.09 25.78 -40.31
N THR D 832 28.48 26.69 -41.22
CA THR D 832 27.97 28.06 -41.18
C THR D 832 26.47 28.11 -41.43
N VAL D 833 25.98 27.27 -42.35
CA VAL D 833 24.53 27.18 -42.58
C VAL D 833 23.85 26.61 -41.35
N GLY D 834 24.49 25.66 -40.69
CA GLY D 834 23.95 25.17 -39.42
C GLY D 834 24.14 26.16 -38.29
N ALA D 835 25.09 27.09 -38.45
CA ALA D 835 25.38 28.05 -37.38
C ALA D 835 24.25 29.06 -37.21
N PHE D 836 23.90 29.79 -38.28
CA PHE D 836 22.86 30.80 -38.12
C PHE D 836 21.47 30.17 -38.04
N ALA D 837 21.34 28.92 -38.48
CA ALA D 837 20.08 28.20 -38.31
C ALA D 837 19.79 27.97 -36.83
N ALA D 838 20.79 27.54 -36.06
CA ALA D 838 20.64 27.45 -34.62
C ALA D 838 20.47 28.85 -34.02
N PHE D 839 21.16 29.84 -34.59
CA PHE D 839 20.98 31.22 -34.17
C PHE D 839 19.60 31.74 -34.53
N SER D 840 19.01 31.22 -35.61
CA SER D 840 17.67 31.65 -35.99
C SER D 840 16.61 31.01 -35.11
N LEU D 841 16.71 29.70 -34.88
CA LEU D 841 15.65 28.95 -34.19
C LEU D 841 15.55 29.34 -32.73
N MET D 842 16.64 29.85 -32.16
CA MET D 842 16.61 30.28 -30.77
C MET D 842 16.13 31.73 -30.66
N THR D 843 16.59 32.60 -31.56
CA THR D 843 16.20 34.01 -31.49
C THR D 843 14.76 34.22 -31.93
N ILE D 844 14.25 33.35 -32.80
CA ILE D 844 12.82 33.35 -33.10
C ILE D 844 12.03 32.93 -31.86
N ALA D 845 12.59 32.01 -31.08
CA ALA D 845 11.84 31.39 -29.99
C ALA D 845 11.67 32.34 -28.80
N VAL D 846 12.69 33.12 -28.49
CA VAL D 846 12.72 33.91 -27.25
C VAL D 846 11.71 35.04 -27.30
N GLY D 847 11.71 35.82 -28.38
CA GLY D 847 10.77 36.90 -28.56
C GLY D 847 9.33 36.44 -28.71
N THR D 848 9.16 35.19 -29.15
CA THR D 848 7.83 34.63 -29.40
C THR D 848 7.10 34.35 -28.09
N ASP D 849 5.81 34.67 -28.06
CA ASP D 849 4.94 34.42 -26.93
C ASP D 849 4.19 33.09 -27.02
N TYR D 850 4.60 32.19 -27.91
CA TYR D 850 3.92 30.91 -28.11
C TYR D 850 4.67 29.74 -27.49
N TRP D 851 5.23 29.92 -26.31
CA TRP D 851 5.91 28.83 -25.63
C TRP D 851 4.91 27.81 -25.09
N LEU D 852 3.77 28.27 -24.58
CA LEU D 852 2.81 27.41 -23.93
C LEU D 852 1.40 27.77 -24.37
N TYR D 853 0.60 26.77 -24.69
CA TYR D 853 -0.84 26.93 -24.90
C TYR D 853 -1.56 26.48 -23.65
N SER D 854 -2.40 27.34 -23.08
CA SER D 854 -2.93 27.07 -21.75
C SER D 854 -4.24 27.83 -21.57
N ARG D 855 -4.67 27.91 -20.30
CA ARG D 855 -5.85 28.67 -19.88
C ARG D 855 -5.42 29.76 -18.92
N GLY D 856 -5.91 30.98 -19.12
CA GLY D 856 -5.54 32.06 -18.23
C GLY D 856 -6.23 33.36 -18.58
N VAL D 857 -6.12 34.32 -17.66
CA VAL D 857 -6.74 35.63 -17.81
C VAL D 857 -5.64 36.67 -17.98
N CYS D 858 -5.87 37.61 -18.92
CA CYS D 858 -4.85 38.55 -19.34
C CYS D 858 -5.22 40.01 -19.10
N LYS D 859 -6.29 40.30 -18.36
CA LYS D 859 -6.86 41.65 -18.36
C LYS D 859 -6.09 42.65 -17.51
N THR D 860 -4.93 42.26 -16.93
CA THR D 860 -4.06 43.12 -16.10
C THR D 860 -4.82 43.73 -14.92
N LYS D 861 -5.74 42.95 -14.34
CA LYS D 861 -6.70 43.38 -13.31
C LYS D 861 -7.48 44.63 -13.73
N VAL D 875 -10.48 29.98 -22.42
CA VAL D 875 -9.60 30.99 -22.98
C VAL D 875 -8.29 30.35 -23.42
N MET D 876 -8.06 30.29 -24.73
CA MET D 876 -6.88 29.64 -25.30
C MET D 876 -5.65 30.52 -25.10
N THR D 877 -5.22 30.59 -23.84
CA THR D 877 -4.14 31.49 -23.45
C THR D 877 -2.80 30.99 -23.95
N HIS D 878 -2.13 31.81 -24.76
CA HIS D 878 -0.76 31.55 -25.15
C HIS D 878 0.15 32.38 -24.24
N SER D 879 0.97 31.71 -23.46
CA SER D 879 1.93 32.36 -22.58
C SER D 879 3.32 32.13 -23.13
N GLY D 880 4.25 32.98 -22.71
CA GLY D 880 5.58 33.00 -23.30
C GLY D 880 6.65 33.24 -22.26
N LEU D 881 7.89 33.30 -22.76
CA LEU D 881 9.06 33.40 -21.91
C LEU D 881 9.18 34.83 -21.38
N TRP D 882 9.19 35.83 -22.27
CA TRP D 882 9.27 37.22 -21.85
C TRP D 882 7.96 37.97 -21.95
N ARG D 883 6.99 37.44 -22.68
CA ARG D 883 5.69 38.09 -22.82
C ARG D 883 4.63 37.01 -22.83
N THR D 884 3.73 37.08 -21.86
CA THR D 884 2.59 36.19 -21.79
C THR D 884 1.31 36.97 -22.07
N CYS D 885 0.52 36.44 -23.00
CA CYS D 885 -0.61 37.13 -23.58
C CYS D 885 -1.84 36.23 -23.47
N CYS D 886 -2.89 36.58 -24.18
CA CYS D 886 -4.10 35.77 -24.22
C CYS D 886 -4.69 35.70 -25.62
N LEU D 887 -5.41 34.61 -25.88
CA LEU D 887 -6.13 34.38 -27.13
C LEU D 887 -7.42 33.67 -26.78
N GLU D 888 -8.44 33.89 -27.62
CA GLU D 888 -9.82 33.41 -27.41
C GLU D 888 -10.36 33.91 -26.06
N GLY D 889 -10.24 35.21 -25.83
CA GLY D 889 -10.86 35.85 -24.70
C GLY D 889 -12.09 36.65 -25.11
N ASN D 890 -12.42 37.63 -24.28
CA ASN D 890 -13.42 38.62 -24.68
C ASN D 890 -12.92 39.47 -25.85
N PHE D 891 -11.63 39.78 -25.85
CA PHE D 891 -11.00 40.45 -26.98
C PHE D 891 -9.57 39.92 -27.12
N LYS D 892 -9.16 39.61 -28.34
CA LYS D 892 -7.89 38.97 -28.57
C LYS D 892 -6.76 39.99 -28.70
N GLY D 893 -5.54 39.52 -28.46
CA GLY D 893 -4.37 40.34 -28.69
C GLY D 893 -3.95 41.25 -27.57
N LEU D 894 -4.22 40.90 -26.32
CA LEU D 894 -3.79 41.70 -25.19
C LEU D 894 -2.85 40.87 -24.32
N CYS D 895 -1.88 41.52 -23.69
CA CYS D 895 -0.79 40.83 -23.01
C CYS D 895 -0.67 41.31 -21.57
N LYS D 896 -0.53 40.35 -20.65
CA LYS D 896 -0.31 40.62 -19.23
C LYS D 896 0.98 39.93 -18.81
N GLN D 897 2.08 40.68 -18.78
CA GLN D 897 3.39 40.12 -18.49
C GLN D 897 3.59 40.08 -16.98
N ILE D 898 3.86 38.88 -16.45
CA ILE D 898 3.90 38.68 -15.00
C ILE D 898 5.20 38.01 -14.60
N ASP D 899 5.69 38.40 -13.42
CA ASP D 899 6.82 37.77 -12.74
C ASP D 899 6.73 38.13 -11.26
N HIS D 900 7.39 37.30 -10.43
CA HIS D 900 7.42 37.36 -8.96
C HIS D 900 6.06 37.66 -8.35
N PHE D 901 5.12 36.74 -8.56
CA PHE D 901 3.73 36.92 -8.15
C PHE D 901 3.61 37.02 -6.63
N PRO D 902 2.67 37.82 -6.11
CA PRO D 902 2.59 38.03 -4.65
C PRO D 902 2.13 36.79 -3.91
N GLU D 903 2.89 36.43 -2.88
CA GLU D 903 2.70 35.24 -2.07
C GLU D 903 2.63 35.71 -0.62
N ASP D 904 2.69 34.75 0.33
CA ASP D 904 2.50 35.03 1.74
C ASP D 904 3.62 35.88 2.31
N ALA D 905 3.29 37.15 2.60
CA ALA D 905 4.19 38.14 3.20
C ALA D 905 5.46 38.34 2.37
N ASP D 906 5.26 38.59 1.07
CA ASP D 906 6.32 38.76 0.06
C ASP D 906 7.23 37.53 -0.03
N TYR D 907 6.64 36.35 0.18
CA TYR D 907 7.16 34.99 -0.01
C TYR D 907 8.18 34.56 1.06
N GLU D 908 8.66 35.49 1.91
CA GLU D 908 9.94 35.35 2.63
C GLU D 908 10.04 34.16 3.58
N ALA D 909 8.97 33.37 3.76
CA ALA D 909 9.04 32.18 4.61
C ALA D 909 9.90 31.09 3.98
N ASP D 910 10.01 31.09 2.66
CA ASP D 910 10.80 30.12 1.93
C ASP D 910 11.93 30.82 1.17
N THR D 911 13.07 30.14 1.06
CA THR D 911 14.27 30.72 0.48
C THR D 911 14.66 30.05 -0.84
N ALA D 912 14.20 28.82 -1.05
CA ALA D 912 14.72 28.01 -2.15
C ALA D 912 14.14 28.43 -3.49
N GLU D 913 12.81 28.49 -3.60
CA GLU D 913 12.19 28.61 -4.91
C GLU D 913 12.20 30.05 -5.40
N TYR D 914 12.44 31.01 -4.51
CA TYR D 914 12.56 32.40 -4.95
C TYR D 914 13.77 32.60 -5.84
N PHE D 915 14.87 31.91 -5.55
CA PHE D 915 15.97 31.87 -6.50
C PHE D 915 15.59 31.13 -7.76
N LEU D 916 14.66 30.16 -7.66
CA LEU D 916 14.22 29.45 -8.86
C LEU D 916 13.17 30.25 -9.62
N ARG D 917 12.40 31.09 -8.92
CA ARG D 917 11.45 31.94 -9.62
C ARG D 917 12.15 33.14 -10.26
N ALA D 918 13.22 33.63 -9.64
CA ALA D 918 13.94 34.78 -10.19
C ALA D 918 14.73 34.38 -11.43
N VAL D 919 15.16 33.12 -11.52
CA VAL D 919 15.75 32.63 -12.76
C VAL D 919 14.68 32.50 -13.83
N ARG D 920 13.44 32.17 -13.45
CA ARG D 920 12.35 32.25 -14.41
C ARG D 920 12.01 33.71 -14.74
N ALA D 921 11.99 34.58 -13.73
CA ALA D 921 11.66 35.99 -13.92
C ALA D 921 12.73 36.70 -14.73
N SER D 922 13.92 36.84 -14.15
CA SER D 922 15.05 37.38 -14.89
C SER D 922 15.68 36.24 -15.67
N SER D 923 15.10 35.89 -16.81
CA SER D 923 15.44 34.66 -17.52
C SER D 923 16.78 34.83 -18.22
N ILE D 924 17.83 34.50 -17.48
CA ILE D 924 19.19 34.58 -18.03
C ILE D 924 19.49 33.38 -18.91
N PHE D 925 18.88 32.23 -18.61
CA PHE D 925 19.27 30.98 -19.28
C PHE D 925 18.87 30.89 -20.75
N PRO D 926 17.68 31.34 -21.20
CA PRO D 926 17.50 31.43 -22.66
C PRO D 926 18.35 32.52 -23.29
N ILE D 927 18.62 33.61 -22.57
CA ILE D 927 19.46 34.67 -23.11
C ILE D 927 20.92 34.21 -23.20
N LEU D 928 21.41 33.52 -22.17
CA LEU D 928 22.79 33.03 -22.20
C LEU D 928 22.95 31.90 -23.22
N SER D 929 21.85 31.25 -23.58
CA SER D 929 21.86 30.39 -24.76
C SER D 929 22.10 31.21 -26.01
N VAL D 930 21.44 32.37 -26.13
CA VAL D 930 21.59 33.20 -27.32
C VAL D 930 22.96 33.85 -27.36
N ILE D 931 23.43 34.34 -26.21
CA ILE D 931 24.67 35.11 -26.15
C ILE D 931 25.89 34.21 -26.44
N LEU D 932 25.90 32.99 -25.89
CA LEU D 932 26.95 32.04 -26.24
C LEU D 932 26.86 31.63 -27.70
N LEU D 933 25.65 31.57 -28.24
CA LEU D 933 25.48 31.25 -29.65
C LEU D 933 25.83 32.45 -30.51
N PHE D 934 25.71 33.66 -29.95
CA PHE D 934 26.15 34.86 -30.66
C PHE D 934 27.66 35.00 -30.62
N MET D 935 28.28 34.69 -29.47
CA MET D 935 29.73 34.74 -29.38
C MET D 935 30.35 33.58 -30.15
N GLY D 936 29.65 32.44 -30.23
CA GLY D 936 30.13 31.34 -31.05
C GLY D 936 30.03 31.65 -32.53
N GLY D 937 29.05 32.47 -32.91
CA GLY D 937 28.91 32.84 -34.32
C GLY D 937 29.99 33.80 -34.78
N LEU D 938 30.55 34.58 -33.84
CA LEU D 938 31.63 35.50 -34.20
C LEU D 938 32.93 34.75 -34.43
N CYS D 939 33.10 33.60 -33.77
CA CYS D 939 34.35 32.86 -33.88
C CYS D 939 34.44 32.08 -35.18
N ILE D 940 33.30 31.86 -35.85
CA ILE D 940 33.32 31.17 -37.13
C ILE D 940 33.86 32.10 -38.22
N ALA D 941 33.48 33.38 -38.17
CA ALA D 941 34.05 34.36 -39.09
C ALA D 941 35.50 34.65 -38.73
N ALA D 942 35.89 34.42 -37.48
CA ALA D 942 37.29 34.50 -37.10
C ALA D 942 38.07 33.25 -37.51
N SER D 943 37.38 32.25 -38.06
CA SER D 943 38.07 31.05 -38.51
C SER D 943 38.30 31.06 -40.02
N GLU D 944 37.46 31.80 -40.75
CA GLU D 944 37.62 31.89 -42.20
C GLU D 944 38.82 32.75 -42.56
N PHE D 945 38.97 33.89 -41.89
CA PHE D 945 40.25 34.58 -41.85
C PHE D 945 41.04 34.05 -40.66
N TYR D 946 42.27 34.55 -40.49
CA TYR D 946 43.18 34.23 -39.37
C TYR D 946 43.44 32.73 -39.27
N LYS D 947 44.01 32.17 -40.34
CA LYS D 947 44.27 30.75 -40.34
C LYS D 947 45.47 30.41 -39.47
N THR D 948 45.55 29.14 -39.10
CA THR D 948 46.60 28.47 -38.31
C THR D 948 46.58 29.02 -36.89
N ARG D 949 45.48 29.62 -36.44
CA ARG D 949 45.37 29.92 -35.01
C ARG D 949 45.11 28.64 -34.21
N HIS D 950 44.23 27.77 -34.73
CA HIS D 950 43.97 26.41 -34.26
C HIS D 950 43.48 26.35 -32.81
N ASN D 951 42.90 27.44 -32.33
CA ASN D 951 42.23 27.45 -31.04
C ASN D 951 40.90 28.15 -31.20
N ILE D 952 40.76 28.89 -32.30
CA ILE D 952 39.51 29.56 -32.62
C ILE D 952 38.43 28.54 -32.95
N ILE D 953 38.82 27.46 -33.63
CA ILE D 953 37.92 26.32 -33.83
C ILE D 953 37.58 25.67 -32.49
N LEU D 954 38.58 25.56 -31.62
CA LEU D 954 38.36 24.96 -30.30
C LEU D 954 37.54 25.90 -29.42
N SER D 955 37.71 27.22 -29.60
CA SER D 955 36.87 28.16 -28.87
C SER D 955 35.44 28.16 -29.41
N ALA D 956 35.29 27.93 -30.71
CA ALA D 956 33.96 27.97 -31.32
C ALA D 956 33.14 26.76 -30.91
N GLY D 957 33.72 25.56 -30.98
CA GLY D 957 32.96 24.35 -30.80
C GLY D 957 32.43 24.17 -29.39
N ILE D 958 33.16 24.66 -28.41
CA ILE D 958 32.68 24.57 -27.03
C ILE D 958 31.60 25.62 -26.78
N PHE D 959 31.55 26.67 -27.60
CA PHE D 959 30.54 27.71 -27.39
C PHE D 959 29.18 27.28 -27.92
N PHE D 960 29.15 26.49 -28.99
CA PHE D 960 27.89 25.95 -29.46
C PHE D 960 27.33 24.92 -28.51
N VAL D 961 28.21 24.17 -27.84
CA VAL D 961 27.77 23.14 -26.89
C VAL D 961 27.30 23.77 -25.59
N SER D 962 28.06 24.76 -25.09
CA SER D 962 27.69 25.43 -23.84
C SER D 962 26.43 26.25 -24.00
N ALA D 963 26.11 26.67 -25.23
CA ALA D 963 24.80 27.24 -25.51
C ALA D 963 23.71 26.19 -25.40
N GLY D 964 24.03 24.94 -25.75
CA GLY D 964 23.05 23.88 -25.64
C GLY D 964 22.79 23.49 -24.20
N LEU D 965 23.82 23.50 -23.37
CA LEU D 965 23.63 23.21 -21.94
C LEU D 965 22.92 24.36 -21.24
N SER D 966 23.10 25.58 -21.75
CA SER D 966 22.31 26.70 -21.24
C SER D 966 20.88 26.63 -21.75
N ASN D 967 20.64 25.91 -22.85
CA ASN D 967 19.30 25.77 -23.38
C ASN D 967 18.47 24.78 -22.56
N ILE D 968 19.03 23.60 -22.27
CA ILE D 968 18.28 22.59 -21.54
C ILE D 968 18.07 23.00 -20.09
N ILE D 969 19.00 23.75 -19.52
CA ILE D 969 18.77 24.28 -18.19
C ILE D 969 17.74 25.40 -18.24
N GLY D 970 17.53 25.99 -19.43
CA GLY D 970 16.40 26.89 -19.60
C GLY D 970 15.10 26.14 -19.83
N ILE D 971 15.18 24.96 -20.43
CA ILE D 971 14.00 24.12 -20.61
C ILE D 971 13.52 23.59 -19.27
N ILE D 972 14.47 23.17 -18.42
CA ILE D 972 14.13 22.48 -17.18
C ILE D 972 13.50 23.44 -16.17
N VAL D 973 14.05 24.66 -16.05
CA VAL D 973 13.46 25.62 -15.12
C VAL D 973 12.15 26.16 -15.65
N TYR D 974 11.93 26.05 -16.96
CA TYR D 974 10.65 26.48 -17.51
C TYR D 974 9.55 25.48 -17.20
N ILE D 975 9.83 24.19 -17.39
CA ILE D 975 8.82 23.16 -17.15
C ILE D 975 8.58 22.99 -15.65
N SER D 976 9.64 23.15 -14.84
CA SER D 976 9.50 22.99 -13.40
C SER D 976 8.66 24.10 -12.79
N ALA D 977 8.93 25.35 -13.16
CA ALA D 977 8.21 26.47 -12.55
C ALA D 977 6.86 26.71 -13.23
N ASN D 978 6.58 26.00 -14.32
CA ASN D 978 5.27 26.09 -14.95
C ASN D 978 4.20 25.40 -14.11
N ALA D 979 4.61 24.45 -13.27
CA ALA D 979 3.67 23.83 -12.35
C ALA D 979 3.26 24.80 -11.25
N GLY D 980 4.14 25.75 -10.93
CA GLY D 980 3.84 26.76 -9.93
C GLY D 980 2.99 27.88 -10.47
N LYS D 988 -6.14 19.52 -11.28
CA LYS D 988 -7.20 19.65 -12.28
C LYS D 988 -6.89 18.78 -13.48
N LYS D 989 -7.78 18.78 -14.47
CA LYS D 989 -7.44 18.26 -15.80
C LYS D 989 -6.68 19.37 -16.52
N ASN D 990 -5.36 19.40 -16.27
CA ASN D 990 -4.54 20.51 -16.70
C ASN D 990 -4.31 20.46 -18.21
N SER D 991 -4.74 21.52 -18.89
CA SER D 991 -4.77 21.56 -20.34
C SER D 991 -3.57 22.26 -20.94
N TYR D 992 -2.43 22.26 -20.24
CA TYR D 992 -1.26 22.95 -20.76
C TYR D 992 -0.62 22.13 -21.88
N SER D 993 -0.36 22.80 -23.00
CA SER D 993 0.32 22.18 -24.13
C SER D 993 1.38 23.14 -24.64
N TYR D 994 2.43 22.57 -25.22
CA TYR D 994 3.61 23.34 -25.63
C TYR D 994 3.43 23.81 -27.06
N GLY D 995 3.50 25.14 -27.25
CA GLY D 995 3.41 25.70 -28.58
C GLY D 995 4.67 25.49 -29.39
N TRP D 996 4.62 25.97 -30.63
CA TRP D 996 5.70 25.77 -31.59
C TRP D 996 7.00 26.49 -31.22
N SER D 997 6.91 27.50 -30.35
CA SER D 997 8.13 28.20 -29.92
C SER D 997 8.99 27.33 -29.02
N PHE D 998 8.35 26.43 -28.26
CA PHE D 998 9.11 25.56 -27.36
C PHE D 998 9.89 24.51 -28.13
N TYR D 999 9.28 23.94 -29.18
CA TYR D 999 9.93 22.87 -29.91
C TYR D 999 11.01 23.40 -30.83
N PHE D 1000 10.90 24.65 -31.29
CA PHE D 1000 11.96 25.22 -32.11
C PHE D 1000 13.20 25.51 -31.28
N GLY D 1001 13.03 25.83 -30.01
CA GLY D 1001 14.17 25.92 -29.11
C GLY D 1001 14.80 24.56 -28.88
N ALA D 1002 13.99 23.50 -28.90
CA ALA D 1002 14.52 22.15 -28.85
C ALA D 1002 15.22 21.79 -30.16
N LEU D 1003 14.68 22.25 -31.29
CA LEU D 1003 15.39 22.08 -32.55
C LEU D 1003 16.58 23.01 -32.63
N SER D 1004 16.57 24.09 -31.86
CA SER D 1004 17.78 24.90 -31.71
C SER D 1004 18.82 24.18 -30.88
N PHE D 1005 18.37 23.32 -29.95
CA PHE D 1005 19.31 22.56 -29.12
C PHE D 1005 20.07 21.54 -29.94
N ILE D 1006 19.34 20.71 -30.70
CA ILE D 1006 19.93 19.52 -31.32
C ILE D 1006 20.87 19.92 -32.46
N ILE D 1007 20.53 20.96 -33.21
CA ILE D 1007 21.40 21.44 -34.28
C ILE D 1007 22.68 22.04 -33.69
N ALA D 1008 22.55 22.76 -32.57
CA ALA D 1008 23.73 23.30 -31.89
C ALA D 1008 24.59 22.18 -31.29
N GLU D 1009 23.97 21.05 -30.95
CA GLU D 1009 24.75 19.89 -30.54
C GLU D 1009 25.42 19.25 -31.76
N MET D 1010 24.77 19.35 -32.92
CA MET D 1010 25.35 18.77 -34.13
C MET D 1010 26.43 19.66 -34.72
N VAL D 1011 26.22 20.99 -34.68
CA VAL D 1011 27.25 21.93 -35.13
C VAL D 1011 28.46 21.85 -34.21
N GLY D 1012 28.24 21.59 -32.92
CA GLY D 1012 29.35 21.46 -31.99
C GLY D 1012 30.24 20.27 -32.25
N VAL D 1013 29.65 19.11 -32.57
CA VAL D 1013 30.46 17.93 -32.78
C VAL D 1013 31.07 17.92 -34.18
N LEU D 1014 30.47 18.63 -35.12
CA LEU D 1014 31.12 18.84 -36.40
C LEU D 1014 32.29 19.81 -36.27
N ALA D 1015 32.17 20.76 -35.35
CA ALA D 1015 33.27 21.66 -35.06
C ALA D 1015 34.41 20.92 -34.39
N VAL D 1016 34.10 19.93 -33.56
CA VAL D 1016 35.14 19.08 -32.98
C VAL D 1016 35.79 18.24 -34.07
N HIS D 1017 34.97 17.71 -35.00
CA HIS D 1017 35.49 16.91 -36.11
C HIS D 1017 36.38 17.74 -37.03
N MET D 1018 36.10 19.04 -37.16
CA MET D 1018 37.03 19.91 -37.88
C MET D 1018 38.25 20.22 -37.02
N PHE D 1019 38.11 20.23 -35.70
CA PHE D 1019 39.28 20.44 -34.84
C PHE D 1019 40.17 19.21 -34.82
N ILE D 1020 39.61 18.04 -35.16
CA ILE D 1020 40.44 16.87 -35.44
C ILE D 1020 41.32 17.13 -36.64
N ASP D 1021 40.75 17.66 -37.72
CA ASP D 1021 41.45 17.68 -39.00
C ASP D 1021 42.51 18.76 -39.03
N ARG D 1022 42.26 19.91 -38.40
CA ARG D 1022 43.24 21.00 -38.41
C ARG D 1022 44.47 20.64 -37.60
N HIS D 1023 44.34 19.75 -36.61
CA HIS D 1023 45.52 19.17 -35.97
C HIS D 1023 46.20 18.17 -36.88
N LYS D 1024 45.45 17.56 -37.80
CA LYS D 1024 46.04 16.55 -38.68
C LYS D 1024 46.91 17.18 -39.76
N GLN D 1025 46.53 18.36 -40.26
CA GLN D 1025 47.42 19.05 -41.20
C GLN D 1025 48.59 19.70 -40.47
N LEU D 1026 48.42 19.98 -39.17
CA LEU D 1026 49.50 20.60 -38.41
C LEU D 1026 50.63 19.62 -38.14
N THR D 1027 50.30 18.35 -37.90
CA THR D 1027 51.27 17.35 -37.48
C THR D 1027 51.54 16.26 -38.51
N GLY D 1028 50.55 15.86 -39.31
CA GLY D 1028 50.74 14.81 -40.28
C GLY D 1028 51.43 15.27 -41.56
#